data_9J61
#
_entry.id   9J61
#
_cell.length_a   85.590
_cell.length_b   89.440
_cell.length_c   93.350
_cell.angle_alpha   70.850
_cell.angle_beta   67.037
_cell.angle_gamma   61.542
#
_symmetry.space_group_name_H-M   'P 1'
#
loop_
_entity.id
_entity.type
_entity.pdbx_description
1 polymer 'Cyclodipeptide synthase'
2 non-polymer 1,2-ETHANEDIOL
3 non-polymer GLYCEROL
4 non-polymer DI(HYDROXYETHYL)ETHER
5 water water
#
_entity_poly.entity_id   1
_entity_poly.type   'polypeptide(L)'
_entity_poly.pdbx_seq_one_letter_code
;MGHHHHHHGEPREEPAKPVFGRRYKAEIGSVSPTTSRDTFEDHDTCFLGVSLENSNFKPAKVDAMAKWISRRFSQCTVLI
GDSIHRITLESTRSMPPRAALDDALRLGREFVESRQPVFESFRDRTKFTFVTCSEVQSWGLYGDYHERLRQHYDQDAAFR
GSVEAFGRDYHGKRSEGVSAQELDHRIRKSSEYFLEEFAIFACLQRTGSPVMVYPGSFSTLSEIAQGKHPGAPEELRDLI
VVSLHLKGR
;
_entity_poly.pdbx_strand_id   A,B,C,D,E,F,G,H
#
loop_
_chem_comp.id
_chem_comp.type
_chem_comp.name
_chem_comp.formula
EDO non-polymer 1,2-ETHANEDIOL 'C2 H6 O2'
GOL non-polymer GLYCEROL 'C3 H8 O3'
PEG non-polymer DI(HYDROXYETHYL)ETHER 'C4 H10 O3'
#
# COMPACT_ATOMS: atom_id res chain seq x y z
N ARG A 23 -18.48 32.19 -21.66
CA ARG A 23 -17.68 32.10 -20.39
C ARG A 23 -18.00 30.77 -19.69
N TYR A 24 -17.04 30.30 -18.89
CA TYR A 24 -17.19 29.00 -18.28
C TYR A 24 -16.61 28.97 -16.86
N LYS A 25 -17.11 28.00 -16.09
CA LYS A 25 -16.61 27.72 -14.75
C LYS A 25 -16.17 26.25 -14.67
N ALA A 26 -14.93 26.03 -14.25
CA ALA A 26 -14.40 24.68 -14.13
C ALA A 26 -14.61 24.18 -12.71
N GLU A 27 -14.92 22.90 -12.56
CA GLU A 27 -15.04 22.27 -11.25
C GLU A 27 -14.69 20.78 -11.34
N ILE A 28 -14.41 20.19 -10.18
CA ILE A 28 -13.94 18.84 -10.16
C ILE A 28 -15.07 17.96 -10.66
N GLY A 29 -14.86 17.28 -11.79
CA GLY A 29 -15.82 16.29 -12.25
C GLY A 29 -15.62 14.99 -11.49
N SER A 30 -14.35 14.62 -11.36
CA SER A 30 -13.95 13.28 -11.00
C SER A 30 -12.45 13.25 -10.71
N VAL A 31 -12.03 12.28 -9.90
CA VAL A 31 -10.64 12.19 -9.48
C VAL A 31 -10.28 10.71 -9.42
N SER A 32 -9.17 10.36 -10.09
CA SER A 32 -8.59 9.03 -9.99
C SER A 32 -7.17 9.12 -9.44
N PRO A 33 -6.77 8.31 -8.44
CA PRO A 33 -7.69 7.42 -7.71
C PRO A 33 -8.68 8.19 -6.84
N THR A 34 -9.77 7.49 -6.48
CA THR A 34 -10.86 8.02 -5.65
C THR A 34 -10.36 8.58 -4.32
N THR A 35 -9.46 7.83 -3.68
CA THR A 35 -8.82 8.18 -2.44
C THR A 35 -7.96 9.45 -2.54
N SER A 36 -7.67 9.92 -3.75
CA SER A 36 -6.78 11.12 -3.94
C SER A 36 -7.65 12.37 -4.11
N ARG A 37 -8.96 12.22 -4.04
CA ARG A 37 -9.87 13.31 -4.33
C ARG A 37 -9.72 14.44 -3.32
N ASP A 38 -9.19 14.14 -2.12
CA ASP A 38 -9.00 15.18 -1.10
C ASP A 38 -7.55 15.34 -0.65
N THR A 39 -6.59 14.69 -1.32
CA THR A 39 -5.18 14.85 -0.99
C THR A 39 -4.39 15.44 -2.18
N PHE A 40 -5.04 15.62 -3.33
CA PHE A 40 -4.31 15.97 -4.55
C PHE A 40 -3.82 17.42 -4.42
N GLU A 41 -4.59 18.29 -3.74
CA GLU A 41 -4.25 19.72 -3.61
C GLU A 41 -3.06 19.98 -2.67
N ASP A 42 -2.52 18.93 -2.02
CA ASP A 42 -1.28 19.02 -1.27
C ASP A 42 -0.07 19.19 -2.20
N HIS A 43 -0.19 18.80 -3.49
CA HIS A 43 0.88 19.03 -4.47
C HIS A 43 0.84 20.49 -4.92
N ASP A 44 1.98 21.01 -5.37
CA ASP A 44 2.04 22.38 -5.87
C ASP A 44 2.33 22.41 -7.36
N THR A 45 2.41 21.25 -8.02
CA THR A 45 2.73 21.24 -9.45
C THR A 45 1.83 20.25 -10.16
N CYS A 46 1.29 20.65 -11.32
CA CYS A 46 0.48 19.75 -12.12
C CYS A 46 0.84 19.82 -13.62
N PHE A 47 0.21 18.95 -14.42
CA PHE A 47 0.25 19.12 -15.87
C PHE A 47 -1.17 19.15 -16.40
N LEU A 48 -1.41 19.99 -17.41
CA LEU A 48 -2.66 20.04 -18.14
C LEU A 48 -2.45 19.45 -19.53
N GLY A 49 -3.17 18.36 -19.81
CA GLY A 49 -3.04 17.68 -21.08
C GLY A 49 -3.93 18.42 -22.08
N VAL A 50 -3.32 18.85 -23.18
CA VAL A 50 -4.05 19.50 -24.24
C VAL A 50 -4.08 18.58 -25.46
N SER A 51 -5.31 18.24 -25.88
CA SER A 51 -5.60 17.66 -27.18
C SER A 51 -5.81 18.76 -28.21
N LEU A 52 -5.43 18.49 -29.45
CA LEU A 52 -5.57 19.47 -30.53
C LEU A 52 -6.90 19.26 -31.26
N GLU A 53 -7.37 20.37 -31.88
CA GLU A 53 -8.61 20.40 -32.63
C GLU A 53 -9.72 19.80 -31.78
N ASN A 54 -9.80 20.26 -30.53
CA ASN A 54 -10.66 19.67 -29.53
C ASN A 54 -11.42 20.80 -28.84
N SER A 55 -12.75 20.67 -28.85
CA SER A 55 -13.65 21.75 -28.49
C SER A 55 -13.58 22.01 -26.99
N ASN A 56 -12.93 21.12 -26.22
CA ASN A 56 -12.79 21.35 -24.78
C ASN A 56 -11.64 22.31 -24.48
N PHE A 57 -10.95 22.76 -25.53
CA PHE A 57 -9.78 23.62 -25.39
C PHE A 57 -10.00 24.94 -26.12
N LYS A 58 -11.27 25.30 -26.35
CA LYS A 58 -11.61 26.62 -26.86
C LYS A 58 -11.06 27.70 -25.92
N PRO A 59 -10.75 28.92 -26.39
CA PRO A 59 -10.08 29.91 -25.54
C PRO A 59 -10.73 30.17 -24.18
N ALA A 60 -12.07 30.17 -24.14
CA ALA A 60 -12.87 30.44 -22.94
C ALA A 60 -12.74 29.32 -21.93
N LYS A 61 -12.71 28.07 -22.43
CA LYS A 61 -12.60 26.89 -21.60
C LYS A 61 -11.20 26.83 -20.99
N VAL A 62 -10.21 27.21 -21.79
CA VAL A 62 -8.84 27.28 -21.35
C VAL A 62 -8.72 28.30 -20.23
N ASP A 63 -9.53 29.37 -20.29
CA ASP A 63 -9.50 30.43 -19.30
C ASP A 63 -10.03 29.88 -17.95
N ALA A 64 -11.14 29.15 -17.98
CA ALA A 64 -11.70 28.57 -16.77
C ALA A 64 -10.79 27.47 -16.18
N MET A 65 -10.00 26.80 -17.01
CA MET A 65 -9.18 25.71 -16.53
C MET A 65 -7.90 26.30 -15.94
N ALA A 66 -7.36 27.34 -16.59
CA ALA A 66 -6.18 28.00 -16.05
C ALA A 66 -6.52 28.65 -14.72
N LYS A 67 -7.75 29.16 -14.61
CA LYS A 67 -8.23 29.84 -13.43
C LYS A 67 -8.27 28.83 -12.28
N TRP A 68 -8.91 27.69 -12.51
CA TRP A 68 -9.03 26.66 -11.50
C TRP A 68 -7.65 26.17 -11.10
N ILE A 69 -6.76 26.09 -12.08
CA ILE A 69 -5.40 25.70 -11.77
C ILE A 69 -4.70 26.79 -10.95
N SER A 70 -4.92 28.06 -11.32
CA SER A 70 -4.25 29.20 -10.69
C SER A 70 -4.52 29.30 -9.19
N ARG A 71 -5.65 28.73 -8.72
CA ARG A 71 -6.02 28.76 -7.31
C ARG A 71 -5.35 27.64 -6.51
N ARG A 72 -4.76 26.63 -7.17
CA ARG A 72 -4.33 25.42 -6.48
C ARG A 72 -2.83 25.15 -6.67
N PHE A 73 -2.24 25.65 -7.76
CA PHE A 73 -0.96 25.14 -8.20
C PHE A 73 -0.11 26.32 -8.65
N SER A 74 1.15 26.41 -8.18
CA SER A 74 2.03 27.52 -8.57
C SER A 74 2.85 27.22 -9.84
N GLN A 75 2.89 25.94 -10.25
CA GLN A 75 3.58 25.50 -11.47
C GLN A 75 2.73 24.49 -12.24
N CYS A 76 2.71 24.67 -13.58
CA CYS A 76 1.86 23.86 -14.43
C CYS A 76 2.52 23.65 -15.79
N THR A 77 2.85 22.38 -16.09
CA THR A 77 3.26 22.06 -17.43
C THR A 77 2.02 21.90 -18.33
N VAL A 78 2.00 22.69 -19.40
CA VAL A 78 0.94 22.56 -20.40
C VAL A 78 1.48 21.64 -21.50
N LEU A 79 1.01 20.38 -21.48
CA LEU A 79 1.44 19.38 -22.43
C LEU A 79 0.59 19.46 -23.70
N ILE A 80 1.23 19.80 -24.82
CA ILE A 80 0.58 20.03 -26.11
C ILE A 80 0.67 18.71 -26.87
N GLY A 81 -0.47 18.11 -27.20
CA GLY A 81 -0.49 16.81 -27.89
C GLY A 81 -0.28 16.93 -29.41
N ASP A 82 0.90 17.36 -29.84
CA ASP A 82 1.12 17.65 -31.25
C ASP A 82 1.44 16.36 -32.02
N SER A 83 2.57 15.72 -31.74
CA SER A 83 3.06 14.60 -32.54
C SER A 83 2.08 13.44 -32.54
N ILE A 84 1.32 13.26 -31.44
CA ILE A 84 0.33 12.19 -31.34
C ILE A 84 -0.88 12.48 -32.23
N HIS A 85 -1.07 13.76 -32.56
CA HIS A 85 -2.20 14.19 -33.34
C HIS A 85 -2.02 13.72 -34.77
N ARG A 86 -0.77 13.41 -35.17
CA ARG A 86 -0.50 12.85 -36.49
C ARG A 86 -1.31 11.58 -36.74
N ILE A 87 -1.60 10.83 -35.68
CA ILE A 87 -2.26 9.55 -35.83
C ILE A 87 -3.73 9.80 -36.15
N THR A 88 -4.31 10.81 -35.50
CA THR A 88 -5.70 11.22 -35.69
C THR A 88 -5.91 11.69 -37.13
N LEU A 89 -4.93 12.43 -37.67
CA LEU A 89 -5.04 13.07 -38.98
C LEU A 89 -4.87 12.05 -40.10
N GLU A 90 -4.01 11.07 -39.88
CA GLU A 90 -3.82 9.97 -40.81
C GLU A 90 -5.11 9.16 -40.99
N SER A 91 -5.79 8.86 -39.88
CA SER A 91 -6.98 8.03 -39.84
C SER A 91 -8.18 8.81 -40.38
N THR A 92 -8.54 9.88 -39.68
CA THR A 92 -9.82 10.53 -39.87
C THR A 92 -9.80 11.47 -41.08
N ARG A 93 -8.62 11.92 -41.52
CA ARG A 93 -8.56 12.76 -42.71
C ARG A 93 -7.70 12.15 -43.82
N SER A 94 -7.29 10.89 -43.70
CA SER A 94 -6.62 10.18 -44.78
C SER A 94 -5.27 10.79 -45.15
N MET A 95 -4.72 11.73 -44.36
CA MET A 95 -3.55 12.51 -44.80
C MET A 95 -2.33 11.62 -44.89
N PRO A 96 -1.39 11.84 -45.85
CA PRO A 96 -0.15 11.06 -45.91
C PRO A 96 0.87 11.43 -44.82
N PRO A 97 1.77 10.49 -44.51
CA PRO A 97 2.69 10.60 -43.37
C PRO A 97 3.28 11.98 -43.13
N ARG A 98 3.91 12.58 -44.12
CA ARG A 98 4.57 13.89 -43.89
C ARG A 98 3.54 14.99 -43.61
N ALA A 99 2.37 14.93 -44.27
CA ALA A 99 1.45 16.05 -44.12
C ALA A 99 0.89 15.99 -42.70
N ALA A 100 0.55 14.78 -42.31
CA ALA A 100 -0.05 14.57 -41.01
C ALA A 100 0.88 15.07 -39.89
N LEU A 101 2.20 14.83 -39.96
CA LEU A 101 3.08 15.29 -38.90
C LEU A 101 3.40 16.79 -38.96
N ASP A 102 3.63 17.32 -40.16
CA ASP A 102 3.86 18.74 -40.31
C ASP A 102 2.62 19.53 -39.89
N ASP A 103 1.44 19.03 -40.23
CA ASP A 103 0.20 19.65 -39.78
C ASP A 103 0.02 19.56 -38.26
N ALA A 104 0.40 18.44 -37.66
CA ALA A 104 0.14 18.24 -36.24
C ALA A 104 1.04 19.16 -35.42
N LEU A 105 2.30 19.27 -35.80
CA LEU A 105 3.25 20.22 -35.20
C LEU A 105 2.83 21.69 -35.40
N ARG A 106 2.34 22.01 -36.59
CA ARG A 106 1.88 23.40 -36.87
C ARG A 106 0.70 23.73 -35.96
N LEU A 107 -0.29 22.84 -35.87
CA LEU A 107 -1.47 23.06 -35.04
C LEU A 107 -1.10 23.25 -33.57
N GLY A 108 -0.05 22.51 -33.13
CA GLY A 108 0.55 22.70 -31.84
C GLY A 108 1.13 24.10 -31.66
N ARG A 109 1.85 24.59 -32.67
CA ARG A 109 2.49 25.89 -32.58
C ARG A 109 1.42 26.96 -32.49
N GLU A 110 0.33 26.75 -33.25
CA GLU A 110 -0.75 27.71 -33.34
C GLU A 110 -1.48 27.82 -32.00
N PHE A 111 -1.69 26.67 -31.35
CA PHE A 111 -2.31 26.63 -30.04
C PHE A 111 -1.46 27.38 -29.00
N VAL A 112 -0.16 27.07 -28.91
CA VAL A 112 0.75 27.80 -28.03
C VAL A 112 0.61 29.32 -28.31
N GLU A 113 0.67 29.73 -29.58
CA GLU A 113 0.70 31.15 -29.91
C GLU A 113 -0.65 31.80 -29.59
N SER A 114 -1.76 31.07 -29.78
CA SER A 114 -3.11 31.59 -29.55
C SER A 114 -3.41 31.72 -28.05
N ARG A 115 -3.05 30.69 -27.29
CA ARG A 115 -3.60 30.53 -25.94
C ARG A 115 -2.64 31.11 -24.91
N GLN A 116 -1.41 31.44 -25.33
CA GLN A 116 -0.35 31.74 -24.39
C GLN A 116 -0.66 33.04 -23.63
N PRO A 117 -1.29 34.06 -24.27
CA PRO A 117 -1.82 35.21 -23.53
C PRO A 117 -2.82 34.83 -22.43
N VAL A 118 -3.76 33.94 -22.75
CA VAL A 118 -4.77 33.48 -21.80
C VAL A 118 -4.09 32.98 -20.50
N PHE A 119 -2.98 32.22 -20.63
CA PHE A 119 -2.23 31.61 -19.53
C PHE A 119 -1.38 32.66 -18.79
N GLU A 120 -0.74 33.56 -19.55
CA GLU A 120 0.03 34.67 -18.99
C GLU A 120 -0.82 35.62 -18.13
N SER A 121 -2.12 35.72 -18.38
CA SER A 121 -3.05 36.45 -17.52
C SER A 121 -2.98 36.03 -16.04
N PHE A 122 -2.31 34.90 -15.76
CA PHE A 122 -2.29 34.33 -14.43
C PHE A 122 -0.85 34.20 -13.93
N ARG A 123 0.11 34.81 -14.61
CA ARG A 123 1.50 34.67 -14.19
C ARG A 123 1.72 35.19 -12.76
N ASP A 124 0.78 35.99 -12.23
CA ASP A 124 0.77 36.39 -10.84
C ASP A 124 0.88 35.18 -9.91
N ARG A 125 0.11 34.11 -10.21
CA ARG A 125 -0.11 32.97 -9.33
C ARG A 125 0.52 31.66 -9.84
N THR A 126 0.52 31.43 -11.16
CA THR A 126 1.01 30.18 -11.72
C THR A 126 1.92 30.43 -12.92
N LYS A 127 3.10 29.81 -12.88
CA LYS A 127 3.97 29.69 -14.05
C LYS A 127 3.53 28.48 -14.88
N PHE A 128 3.00 28.76 -16.08
CA PHE A 128 2.69 27.78 -17.10
C PHE A 128 3.86 27.64 -18.08
N THR A 129 4.49 26.48 -18.10
CA THR A 129 5.53 26.10 -19.05
C THR A 129 4.92 25.19 -20.12
N PHE A 130 5.09 25.51 -21.41
CA PHE A 130 4.63 24.63 -22.50
C PHE A 130 5.69 23.59 -22.80
N VAL A 131 5.25 22.31 -22.85
CA VAL A 131 6.03 21.20 -23.36
C VAL A 131 5.23 20.40 -24.38
N THR A 132 5.87 19.98 -25.47
CA THR A 132 5.17 19.26 -26.51
C THR A 132 5.39 17.77 -26.32
N CYS A 133 4.45 17.00 -26.85
CA CYS A 133 4.54 15.56 -26.91
C CYS A 133 5.74 15.13 -27.76
N SER A 134 6.08 15.90 -28.79
CA SER A 134 7.24 15.58 -29.61
C SER A 134 8.54 15.74 -28.81
N GLU A 135 8.70 16.81 -28.03
CA GLU A 135 9.82 16.90 -27.10
C GLU A 135 9.90 15.68 -26.19
N VAL A 136 8.80 15.30 -25.52
CA VAL A 136 8.89 14.23 -24.53
C VAL A 136 9.21 12.89 -25.22
N GLN A 137 8.78 12.77 -26.49
CA GLN A 137 9.07 11.58 -27.29
C GLN A 137 10.53 11.46 -27.66
N SER A 138 11.32 12.54 -27.53
CA SER A 138 12.75 12.49 -27.76
C SER A 138 13.49 11.98 -26.52
N TRP A 139 12.77 11.91 -25.40
CA TRP A 139 13.31 11.42 -24.14
C TRP A 139 13.52 9.92 -24.22
N GLY A 140 14.62 9.41 -23.63
CA GLY A 140 14.76 7.97 -23.45
C GLY A 140 13.69 7.33 -22.58
N LEU A 141 13.18 8.07 -21.58
CA LEU A 141 12.13 7.56 -20.71
C LEU A 141 10.88 7.17 -21.52
N TYR A 142 10.53 7.97 -22.53
CA TYR A 142 9.35 7.73 -23.35
C TYR A 142 9.48 6.35 -24.01
N GLY A 143 10.67 6.07 -24.57
CA GLY A 143 10.96 4.77 -25.12
C GLY A 143 10.78 3.68 -24.07
N ASP A 144 11.32 3.88 -22.85
CA ASP A 144 11.17 2.84 -21.84
C ASP A 144 9.69 2.57 -21.60
N TYR A 145 8.92 3.65 -21.35
CA TYR A 145 7.54 3.52 -20.92
C TYR A 145 6.63 2.99 -22.04
N HIS A 146 6.82 3.53 -23.26
CA HIS A 146 6.02 3.13 -24.40
C HIS A 146 6.20 1.65 -24.73
N GLU A 147 7.43 1.14 -24.61
CA GLU A 147 7.71 -0.25 -24.91
C GLU A 147 7.02 -1.16 -23.88
N ARG A 148 7.05 -0.79 -22.60
CA ARG A 148 6.44 -1.62 -21.57
C ARG A 148 4.92 -1.62 -21.77
N LEU A 149 4.36 -0.48 -22.17
CA LEU A 149 2.91 -0.37 -22.36
C LEU A 149 2.43 -1.18 -23.57
N ARG A 150 3.15 -1.11 -24.70
CA ARG A 150 2.82 -1.86 -25.91
C ARG A 150 2.90 -3.37 -25.67
N GLN A 151 3.88 -3.79 -24.88
CA GLN A 151 4.08 -5.19 -24.56
C GLN A 151 2.90 -5.69 -23.74
N HIS A 152 2.52 -4.91 -22.72
CA HIS A 152 1.41 -5.30 -21.88
C HIS A 152 0.09 -5.30 -22.69
N TYR A 153 -0.04 -4.38 -23.66
CA TYR A 153 -1.16 -4.42 -24.58
C TYR A 153 -1.16 -5.74 -25.37
N ASP A 154 0.01 -6.26 -25.76
CA ASP A 154 0.07 -7.41 -26.63
C ASP A 154 -0.13 -8.72 -25.85
N GLN A 155 0.15 -8.69 -24.55
CA GLN A 155 0.33 -9.88 -23.75
C GLN A 155 -0.76 -9.96 -22.68
N ASP A 156 -1.72 -9.04 -22.69
CA ASP A 156 -2.72 -8.98 -21.63
C ASP A 156 -4.04 -8.51 -22.19
N ALA A 157 -4.96 -9.48 -22.37
CA ALA A 157 -6.27 -9.29 -22.99
C ALA A 157 -7.11 -8.25 -22.25
N ALA A 158 -7.13 -8.31 -20.91
CA ALA A 158 -7.94 -7.38 -20.12
C ALA A 158 -7.46 -5.93 -20.32
N PHE A 159 -6.14 -5.70 -20.31
CA PHE A 159 -5.58 -4.36 -20.50
C PHE A 159 -5.80 -3.90 -21.94
N ARG A 160 -5.59 -4.82 -22.90
CA ARG A 160 -5.83 -4.53 -24.30
C ARG A 160 -7.28 -4.08 -24.49
N GLY A 161 -8.23 -4.87 -23.99
CA GLY A 161 -9.64 -4.53 -24.08
C GLY A 161 -9.98 -3.17 -23.45
N SER A 162 -9.35 -2.81 -22.32
CA SER A 162 -9.58 -1.52 -21.68
C SER A 162 -9.13 -0.41 -22.62
N VAL A 163 -7.94 -0.56 -23.20
CA VAL A 163 -7.35 0.47 -24.05
C VAL A 163 -8.15 0.65 -25.34
N GLU A 164 -8.62 -0.47 -25.92
CA GLU A 164 -9.26 -0.37 -27.23
C GLU A 164 -10.76 -0.07 -27.07
N ALA A 165 -11.21 0.24 -25.84
CA ALA A 165 -12.63 0.41 -25.58
C ALA A 165 -13.11 1.69 -26.21
N PHE A 166 -12.23 2.71 -26.25
CA PHE A 166 -12.61 3.97 -26.88
C PHE A 166 -12.65 3.78 -28.38
N GLY A 167 -11.54 3.29 -28.95
CA GLY A 167 -11.44 3.02 -30.38
C GLY A 167 -12.52 2.08 -30.94
N ARG A 168 -13.28 1.37 -30.10
CA ARG A 168 -14.41 0.58 -30.57
C ARG A 168 -15.69 1.43 -30.61
N ASP A 169 -15.54 2.76 -30.82
CA ASP A 169 -16.59 3.65 -31.30
C ASP A 169 -16.82 3.35 -32.79
N TYR A 170 -15.70 3.21 -33.52
CA TYR A 170 -15.69 2.89 -34.94
C TYR A 170 -16.81 1.89 -35.25
N GLY A 177 -20.61 0.76 -43.27
CA GLY A 177 -20.40 -0.55 -43.94
C GLY A 177 -18.94 -0.81 -44.30
N VAL A 178 -18.16 -1.27 -43.31
CA VAL A 178 -16.71 -1.42 -43.42
C VAL A 178 -16.31 -2.84 -42.98
N SER A 179 -15.41 -3.47 -43.75
CA SER A 179 -14.97 -4.85 -43.52
C SER A 179 -14.35 -5.04 -42.13
N ALA A 180 -14.34 -6.30 -41.67
CA ALA A 180 -13.92 -6.65 -40.33
C ALA A 180 -12.42 -6.37 -40.16
N GLN A 181 -11.66 -6.71 -41.19
CA GLN A 181 -10.21 -6.54 -41.18
C GLN A 181 -9.88 -5.04 -41.20
N GLU A 182 -10.64 -4.25 -41.99
CA GLU A 182 -10.46 -2.81 -42.00
C GLU A 182 -10.81 -2.20 -40.64
N LEU A 183 -11.99 -2.51 -40.06
CA LEU A 183 -12.40 -1.88 -38.81
C LEU A 183 -11.39 -2.12 -37.68
N ASP A 184 -10.92 -3.38 -37.59
CA ASP A 184 -9.88 -3.79 -36.65
C ASP A 184 -8.68 -2.85 -36.78
N HIS A 185 -8.31 -2.54 -38.03
CA HIS A 185 -7.15 -1.72 -38.32
C HIS A 185 -7.29 -0.36 -37.65
N ARG A 186 -8.50 0.21 -37.77
CA ARG A 186 -8.79 1.55 -37.29
C ARG A 186 -8.93 1.57 -35.77
N ILE A 187 -9.43 0.47 -35.21
CA ILE A 187 -9.41 0.32 -33.77
C ILE A 187 -7.96 0.26 -33.27
N ARG A 188 -7.10 -0.48 -33.99
CA ARG A 188 -5.73 -0.61 -33.57
C ARG A 188 -5.09 0.77 -33.55
N LYS A 189 -5.17 1.51 -34.67
CA LYS A 189 -4.47 2.79 -34.84
C LYS A 189 -4.90 3.79 -33.77
N SER A 190 -6.20 3.84 -33.53
CA SER A 190 -6.77 4.72 -32.53
C SER A 190 -6.23 4.35 -31.14
N SER A 191 -5.92 3.06 -30.91
CA SER A 191 -5.41 2.63 -29.63
C SER A 191 -3.91 2.89 -29.51
N GLU A 192 -3.20 2.96 -30.65
CA GLU A 192 -1.82 3.40 -30.67
C GLU A 192 -1.70 4.85 -30.16
N TYR A 193 -2.73 5.67 -30.41
CA TYR A 193 -2.81 7.03 -29.90
C TYR A 193 -2.68 7.06 -28.37
N PHE A 194 -3.45 6.19 -27.71
CA PHE A 194 -3.50 6.10 -26.26
C PHE A 194 -2.21 5.54 -25.66
N LEU A 195 -1.56 4.59 -26.31
CA LEU A 195 -0.32 4.06 -25.77
C LEU A 195 0.76 5.15 -25.84
N GLU A 196 0.76 5.96 -26.91
CA GLU A 196 1.74 7.05 -27.02
C GLU A 196 1.47 8.04 -25.88
N GLU A 197 0.20 8.36 -25.69
CA GLU A 197 -0.20 9.42 -24.78
C GLU A 197 0.02 9.01 -23.33
N PHE A 198 -0.28 7.74 -22.98
CA PHE A 198 -0.14 7.25 -21.61
C PHE A 198 1.32 7.19 -21.19
N ALA A 199 2.20 6.84 -22.13
CA ALA A 199 3.62 6.83 -21.87
C ALA A 199 4.12 8.26 -21.62
N ILE A 200 3.56 9.24 -22.35
CA ILE A 200 3.95 10.63 -22.15
C ILE A 200 3.44 11.11 -20.79
N PHE A 201 2.24 10.66 -20.41
CA PHE A 201 1.68 11.06 -19.14
C PHE A 201 2.56 10.55 -18.02
N ALA A 202 2.98 9.30 -18.12
CA ALA A 202 3.84 8.70 -17.10
C ALA A 202 5.18 9.43 -17.06
N CYS A 203 5.71 9.89 -18.23
CA CYS A 203 6.95 10.66 -18.21
C CYS A 203 6.82 11.91 -17.34
N LEU A 204 5.72 12.67 -17.49
CA LEU A 204 5.44 13.87 -16.70
C LEU A 204 5.22 13.56 -15.22
N GLN A 205 4.40 12.54 -14.92
CA GLN A 205 4.15 12.03 -13.58
C GLN A 205 5.46 11.83 -12.82
N ARG A 206 6.46 11.24 -13.47
CA ARG A 206 7.74 10.87 -12.81
C ARG A 206 8.81 11.98 -12.88
N THR A 207 8.49 13.13 -13.45
CA THR A 207 9.53 14.13 -13.65
C THR A 207 9.10 15.47 -13.05
N GLY A 208 8.29 15.45 -11.98
CA GLY A 208 7.92 16.67 -11.25
C GLY A 208 6.44 17.08 -11.29
N SER A 209 5.57 16.34 -12.01
CA SER A 209 4.19 16.74 -12.28
C SER A 209 3.25 15.58 -11.99
N PRO A 210 3.06 15.23 -10.72
CA PRO A 210 2.33 14.01 -10.38
C PRO A 210 0.82 14.09 -10.58
N VAL A 211 0.27 15.29 -10.63
CA VAL A 211 -1.15 15.53 -10.88
C VAL A 211 -1.34 16.02 -12.32
N MET A 212 -2.28 15.34 -12.98
CA MET A 212 -2.70 15.69 -14.33
C MET A 212 -4.08 16.33 -14.23
N VAL A 213 -4.26 17.45 -14.95
CA VAL A 213 -5.55 18.07 -15.11
C VAL A 213 -5.97 17.90 -16.57
N TYR A 214 -7.23 17.51 -16.75
CA TYR A 214 -7.80 17.28 -18.05
C TYR A 214 -9.32 17.43 -18.00
N PRO A 215 -9.95 18.07 -19.04
CA PRO A 215 -11.41 18.16 -19.09
C PRO A 215 -12.04 16.91 -19.71
N GLY A 216 -12.02 15.81 -18.95
CA GLY A 216 -12.44 14.50 -19.40
C GLY A 216 -11.79 13.43 -18.52
N SER A 217 -12.25 12.18 -18.62
CA SER A 217 -11.62 11.05 -17.96
C SER A 217 -11.02 10.04 -18.94
N PHE A 218 -10.17 9.15 -18.39
CA PHE A 218 -9.50 8.08 -19.11
C PHE A 218 -9.74 6.77 -18.34
N SER A 219 -10.72 6.02 -18.83
CA SER A 219 -11.14 4.80 -18.15
C SER A 219 -9.95 3.90 -17.80
N THR A 220 -9.00 3.75 -18.74
CA THR A 220 -7.86 2.85 -18.55
C THR A 220 -6.98 3.32 -17.40
N LEU A 221 -6.67 4.63 -17.35
CA LEU A 221 -5.91 5.21 -16.24
C LEU A 221 -6.63 4.95 -14.91
N SER A 222 -7.97 5.17 -14.93
CA SER A 222 -8.84 4.99 -13.78
C SER A 222 -8.75 3.58 -13.23
N GLU A 223 -8.82 2.59 -14.12
CA GLU A 223 -8.84 1.20 -13.68
C GLU A 223 -7.46 0.87 -13.13
N ILE A 224 -6.40 1.44 -13.73
CA ILE A 224 -5.04 1.15 -13.29
C ILE A 224 -4.86 1.66 -11.87
N ALA A 225 -5.28 2.91 -11.62
CA ALA A 225 -5.21 3.49 -10.29
C ALA A 225 -6.03 2.68 -9.27
N GLN A 226 -7.17 2.13 -9.69
CA GLN A 226 -7.98 1.35 -8.77
C GLN A 226 -7.43 -0.07 -8.61
N GLY A 227 -6.29 -0.35 -9.25
CA GLY A 227 -5.59 -1.60 -9.08
C GLY A 227 -6.10 -2.73 -9.97
N LYS A 228 -6.74 -2.44 -11.11
CA LYS A 228 -7.41 -3.47 -11.91
C LYS A 228 -6.50 -4.03 -13.02
N HIS A 229 -5.32 -3.45 -13.23
CA HIS A 229 -4.37 -3.99 -14.20
C HIS A 229 -2.99 -4.11 -13.57
N PRO A 230 -2.77 -4.98 -12.57
CA PRO A 230 -1.54 -4.95 -11.78
C PRO A 230 -0.24 -5.10 -12.58
N GLY A 231 -0.34 -5.63 -13.81
CA GLY A 231 0.82 -5.77 -14.66
C GLY A 231 1.06 -4.53 -15.54
N ALA A 232 0.19 -3.52 -15.43
CA ALA A 232 0.40 -2.26 -16.12
C ALA A 232 1.48 -1.49 -15.36
N PRO A 233 2.29 -0.65 -16.04
CA PRO A 233 3.31 0.14 -15.34
C PRO A 233 2.83 0.75 -14.03
N GLU A 234 3.62 0.52 -12.98
CA GLU A 234 3.45 1.17 -11.69
C GLU A 234 3.33 2.69 -11.85
N GLU A 235 4.05 3.28 -12.82
CA GLU A 235 4.15 4.72 -12.92
C GLU A 235 2.75 5.32 -13.18
N LEU A 236 1.87 4.57 -13.86
CA LEU A 236 0.52 5.07 -14.14
C LEU A 236 -0.41 4.79 -12.96
N ARG A 237 -0.02 3.81 -12.16
CA ARG A 237 -0.72 3.47 -10.94
C ARG A 237 -0.62 4.62 -9.95
N ASP A 238 0.47 5.40 -9.99
CA ASP A 238 0.69 6.49 -9.05
C ASP A 238 0.19 7.80 -9.64
N LEU A 239 -0.20 7.81 -10.91
CA LEU A 239 -0.69 9.03 -11.55
C LEU A 239 -1.97 9.44 -10.86
N ILE A 240 -2.16 10.76 -10.68
CA ILE A 240 -3.41 11.32 -10.24
C ILE A 240 -4.03 12.12 -11.38
N VAL A 241 -5.27 11.77 -11.77
CA VAL A 241 -5.97 12.49 -12.81
C VAL A 241 -7.19 13.19 -12.22
N VAL A 242 -7.14 14.53 -12.25
CA VAL A 242 -8.29 15.35 -11.98
C VAL A 242 -9.00 15.70 -13.28
N SER A 243 -10.19 15.13 -13.40
CA SER A 243 -11.14 15.37 -14.48
C SER A 243 -12.03 16.55 -14.10
N LEU A 244 -11.88 17.64 -14.86
CA LEU A 244 -12.65 18.86 -14.67
C LEU A 244 -13.90 18.82 -15.54
N HIS A 245 -14.91 19.55 -15.07
CA HIS A 245 -16.16 19.73 -15.79
C HIS A 245 -16.29 21.22 -16.07
N LEU A 246 -16.62 21.57 -17.32
CA LEU A 246 -16.72 22.97 -17.72
C LEU A 246 -18.20 23.32 -17.93
N LYS A 247 -18.69 24.33 -17.20
CA LYS A 247 -20.07 24.81 -17.30
C LYS A 247 -20.11 26.30 -17.65
N GLY A 248 -21.20 26.76 -18.28
CA GLY A 248 -21.47 28.19 -18.47
C GLY A 248 -22.16 28.78 -17.25
N ARG B 23 -45.31 -9.46 -15.87
CA ARG B 23 -44.06 -10.26 -16.04
C ARG B 23 -42.90 -9.36 -16.48
N TYR B 24 -41.76 -9.58 -15.83
CA TYR B 24 -40.67 -8.64 -15.91
C TYR B 24 -39.35 -9.38 -16.19
N LYS B 25 -38.36 -8.62 -16.63
CA LYS B 25 -37.00 -9.11 -16.79
C LYS B 25 -36.10 -8.08 -16.11
N ALA B 26 -35.14 -8.56 -15.32
CA ALA B 26 -34.22 -7.66 -14.67
C ALA B 26 -32.92 -7.60 -15.46
N GLU B 27 -32.36 -6.40 -15.57
CA GLU B 27 -31.03 -6.26 -16.11
C GLU B 27 -30.32 -5.14 -15.35
N ILE B 28 -29.01 -5.03 -15.59
CA ILE B 28 -28.18 -4.15 -14.80
C ILE B 28 -28.39 -2.71 -15.25
N GLY B 29 -28.97 -1.89 -14.36
CA GLY B 29 -29.11 -0.47 -14.62
C GLY B 29 -27.82 0.29 -14.35
N SER B 30 -27.10 -0.12 -13.30
CA SER B 30 -25.95 0.66 -12.86
C SER B 30 -25.23 -0.14 -11.78
N VAL B 31 -23.92 0.13 -11.64
CA VAL B 31 -23.05 -0.60 -10.74
C VAL B 31 -22.17 0.42 -10.05
N SER B 32 -22.33 0.52 -8.72
CA SER B 32 -21.45 1.34 -7.90
C SER B 32 -20.46 0.46 -7.17
N PRO B 33 -19.13 0.75 -7.21
CA PRO B 33 -18.56 1.74 -8.14
C PRO B 33 -18.50 1.25 -9.59
N THR B 34 -18.32 2.19 -10.53
CA THR B 34 -18.41 1.91 -11.96
C THR B 34 -17.42 0.81 -12.36
N THR B 35 -16.23 0.86 -11.74
CA THR B 35 -15.11 -0.02 -12.03
C THR B 35 -15.41 -1.47 -11.66
N SER B 36 -16.45 -1.78 -10.87
CA SER B 36 -16.70 -3.19 -10.63
C SER B 36 -17.91 -3.67 -11.40
N ARG B 37 -18.25 -2.98 -12.49
CA ARG B 37 -19.21 -3.58 -13.42
C ARG B 37 -18.76 -4.99 -13.82
N ASP B 38 -17.47 -5.19 -14.08
CA ASP B 38 -16.99 -6.46 -14.66
C ASP B 38 -16.13 -7.25 -13.67
N THR B 39 -16.34 -7.05 -12.38
CA THR B 39 -15.67 -7.88 -11.38
C THR B 39 -16.61 -8.30 -10.25
N PHE B 40 -17.88 -7.81 -10.23
CA PHE B 40 -18.82 -8.14 -9.15
C PHE B 40 -19.24 -9.60 -9.27
N GLU B 41 -19.24 -10.16 -10.48
CA GLU B 41 -19.60 -11.56 -10.70
C GLU B 41 -18.47 -12.53 -10.33
N ASP B 42 -17.33 -12.03 -9.84
CA ASP B 42 -16.31 -12.88 -9.23
C ASP B 42 -16.73 -13.43 -7.87
N HIS B 43 -17.63 -12.71 -7.18
CA HIS B 43 -18.25 -13.12 -5.92
C HIS B 43 -19.37 -14.13 -6.17
N ASP B 44 -19.60 -15.02 -5.20
CA ASP B 44 -20.67 -16.00 -5.26
C ASP B 44 -21.76 -15.72 -4.21
N THR B 45 -21.64 -14.62 -3.43
CA THR B 45 -22.67 -14.32 -2.44
C THR B 45 -23.13 -12.88 -2.56
N CYS B 46 -24.45 -12.67 -2.52
CA CYS B 46 -24.98 -11.32 -2.50
C CYS B 46 -26.03 -11.13 -1.41
N PHE B 47 -26.48 -9.89 -1.21
CA PHE B 47 -27.73 -9.71 -0.48
C PHE B 47 -28.66 -8.83 -1.32
N LEU B 48 -29.96 -9.13 -1.20
CA LEU B 48 -31.06 -8.40 -1.81
C LEU B 48 -31.70 -7.50 -0.76
N GLY B 49 -31.52 -6.18 -0.89
CA GLY B 49 -32.24 -5.26 -0.05
C GLY B 49 -33.73 -5.24 -0.41
N VAL B 50 -34.60 -5.51 0.58
CA VAL B 50 -36.05 -5.49 0.42
C VAL B 50 -36.67 -4.35 1.24
N SER B 51 -37.38 -3.44 0.57
CA SER B 51 -38.19 -2.41 1.22
C SER B 51 -39.66 -2.83 1.28
N LEU B 52 -40.34 -2.52 2.38
CA LEU B 52 -41.75 -2.89 2.55
C LEU B 52 -42.70 -1.86 1.94
N GLU B 53 -43.91 -2.34 1.67
CA GLU B 53 -44.92 -1.60 0.93
C GLU B 53 -44.30 -0.83 -0.23
N ASN B 54 -43.42 -1.48 -0.99
CA ASN B 54 -42.76 -0.87 -2.15
C ASN B 54 -43.08 -1.66 -3.43
N SER B 55 -43.42 -0.94 -4.51
CA SER B 55 -43.96 -1.52 -5.72
C SER B 55 -42.89 -2.21 -6.54
N ASN B 56 -41.63 -1.77 -6.41
CA ASN B 56 -40.51 -2.49 -6.99
C ASN B 56 -40.40 -3.91 -6.43
N PHE B 57 -41.18 -4.28 -5.41
CA PHE B 57 -41.10 -5.62 -4.84
C PHE B 57 -42.39 -6.41 -5.04
N LYS B 58 -43.19 -6.13 -6.07
CA LYS B 58 -44.37 -6.95 -6.31
C LYS B 58 -43.93 -8.34 -6.74
N PRO B 59 -44.74 -9.40 -6.50
CA PRO B 59 -44.30 -10.78 -6.74
C PRO B 59 -43.61 -11.08 -8.07
N ALA B 60 -44.02 -10.41 -9.15
CA ALA B 60 -43.44 -10.68 -10.47
C ALA B 60 -42.10 -9.98 -10.60
N LYS B 61 -41.96 -8.80 -10.01
CA LYS B 61 -40.67 -8.10 -10.00
C LYS B 61 -39.64 -8.83 -9.12
N VAL B 62 -40.11 -9.42 -8.02
CA VAL B 62 -39.30 -10.24 -7.14
C VAL B 62 -38.82 -11.51 -7.85
N ASP B 63 -39.69 -12.08 -8.70
CA ASP B 63 -39.40 -13.28 -9.46
C ASP B 63 -38.32 -12.97 -10.50
N ALA B 64 -38.46 -11.81 -11.15
CA ALA B 64 -37.48 -11.36 -12.13
C ALA B 64 -36.12 -11.13 -11.48
N MET B 65 -36.10 -10.67 -10.23
CA MET B 65 -34.85 -10.29 -9.59
C MET B 65 -34.20 -11.57 -9.06
N ALA B 66 -35.05 -12.46 -8.57
CA ALA B 66 -34.62 -13.79 -8.18
C ALA B 66 -33.94 -14.48 -9.36
N LYS B 67 -34.56 -14.40 -10.53
CA LYS B 67 -34.01 -15.05 -11.70
C LYS B 67 -32.59 -14.52 -11.98
N TRP B 68 -32.40 -13.20 -11.96
CA TRP B 68 -31.13 -12.59 -12.33
C TRP B 68 -30.03 -12.93 -11.32
N ILE B 69 -30.38 -12.98 -10.04
CA ILE B 69 -29.50 -13.48 -9.00
C ILE B 69 -29.19 -14.99 -9.18
N SER B 70 -30.21 -15.77 -9.58
CA SER B 70 -30.15 -17.20 -9.83
C SER B 70 -29.01 -17.57 -10.78
N ARG B 71 -28.72 -16.67 -11.72
CA ARG B 71 -27.75 -17.00 -12.76
C ARG B 71 -26.34 -16.66 -12.29
N ARG B 72 -26.21 -15.97 -11.14
CA ARG B 72 -24.93 -15.36 -10.83
C ARG B 72 -24.38 -15.78 -9.47
N PHE B 73 -25.28 -15.98 -8.51
CA PHE B 73 -24.86 -16.23 -7.15
C PHE B 73 -25.53 -17.49 -6.65
N SER B 74 -24.78 -18.32 -5.93
CA SER B 74 -25.36 -19.48 -5.29
C SER B 74 -25.91 -19.19 -3.87
N GLN B 75 -25.53 -18.05 -3.26
CA GLN B 75 -26.06 -17.66 -1.95
C GLN B 75 -26.52 -16.20 -1.98
N CYS B 76 -27.68 -15.97 -1.36
CA CYS B 76 -28.24 -14.64 -1.33
C CYS B 76 -28.96 -14.47 -0.01
N THR B 77 -28.51 -13.49 0.79
CA THR B 77 -29.29 -13.04 1.93
C THR B 77 -30.37 -12.05 1.46
N VAL B 78 -31.62 -12.33 1.74
CA VAL B 78 -32.70 -11.38 1.45
C VAL B 78 -32.99 -10.59 2.72
N LEU B 79 -32.51 -9.33 2.73
CA LEU B 79 -32.63 -8.46 3.88
C LEU B 79 -34.02 -7.80 3.87
N ILE B 80 -34.83 -8.11 4.89
CA ILE B 80 -36.18 -7.58 5.06
C ILE B 80 -36.11 -6.36 5.95
N GLY B 81 -36.50 -5.20 5.40
CA GLY B 81 -36.45 -3.93 6.08
C GLY B 81 -37.67 -3.72 6.97
N ASP B 82 -37.82 -4.55 8.00
CA ASP B 82 -39.00 -4.53 8.83
C ASP B 82 -38.89 -3.39 9.82
N SER B 83 -37.95 -3.52 10.76
CA SER B 83 -37.81 -2.60 11.87
C SER B 83 -37.67 -1.15 11.41
N ILE B 84 -36.93 -0.94 10.30
CA ILE B 84 -36.70 0.40 9.78
C ILE B 84 -38.00 0.99 9.19
N HIS B 85 -38.91 0.13 8.79
CA HIS B 85 -40.12 0.61 8.14
C HIS B 85 -40.95 1.41 9.16
N ARG B 86 -40.67 1.21 10.45
CA ARG B 86 -41.36 1.92 11.51
C ARG B 86 -41.19 3.43 11.34
N ILE B 87 -40.04 3.87 10.89
CA ILE B 87 -39.81 5.29 10.75
C ILE B 87 -40.69 5.80 9.61
N THR B 88 -40.97 4.96 8.62
CA THR B 88 -41.83 5.36 7.52
C THR B 88 -43.27 5.52 8.03
N LEU B 89 -43.72 4.60 8.88
CA LEU B 89 -45.09 4.55 9.32
C LEU B 89 -45.39 5.71 10.26
N GLU B 90 -44.46 5.98 11.14
CA GLU B 90 -44.41 7.15 11.98
C GLU B 90 -44.51 8.42 11.13
N SER B 91 -43.72 8.53 10.05
CA SER B 91 -43.67 9.73 9.21
C SER B 91 -44.94 9.94 8.37
N THR B 92 -45.34 8.92 7.61
CA THR B 92 -46.34 9.07 6.58
C THR B 92 -47.73 8.67 7.07
N ARG B 93 -47.84 8.03 8.23
CA ARG B 93 -49.17 7.72 8.74
C ARG B 93 -49.39 8.25 10.14
N SER B 94 -48.42 8.98 10.72
CA SER B 94 -48.48 9.48 12.08
C SER B 94 -48.87 8.36 13.06
N MET B 95 -48.48 7.11 12.76
CA MET B 95 -48.74 6.01 13.69
C MET B 95 -47.88 6.21 14.93
N PRO B 96 -48.41 5.95 16.16
CA PRO B 96 -47.59 6.04 17.37
C PRO B 96 -46.54 4.93 17.44
N PRO B 97 -45.51 5.11 18.27
CA PRO B 97 -44.35 4.22 18.25
C PRO B 97 -44.69 2.73 18.34
N ARG B 98 -45.51 2.34 19.31
CA ARG B 98 -45.89 0.94 19.48
C ARG B 98 -46.47 0.32 18.22
N ALA B 99 -47.42 1.01 17.59
CA ALA B 99 -48.13 0.48 16.43
C ALA B 99 -47.22 0.45 15.21
N ALA B 100 -46.44 1.53 15.01
CA ALA B 100 -45.55 1.65 13.87
C ALA B 100 -44.60 0.45 13.84
N LEU B 101 -44.02 0.07 15.00
CA LEU B 101 -43.08 -1.04 15.02
C LEU B 101 -43.78 -2.40 14.86
N ASP B 102 -44.87 -2.64 15.59
CA ASP B 102 -45.62 -3.87 15.45
C ASP B 102 -46.09 -4.07 14.01
N ASP B 103 -46.56 -3.00 13.36
CA ASP B 103 -47.03 -3.12 11.98
C ASP B 103 -45.84 -3.23 11.02
N ALA B 104 -44.72 -2.58 11.31
CA ALA B 104 -43.55 -2.70 10.48
C ALA B 104 -43.15 -4.18 10.40
N LEU B 105 -42.96 -4.77 11.58
CA LEU B 105 -42.59 -6.17 11.76
C LEU B 105 -43.57 -7.14 11.09
N ARG B 106 -44.87 -6.85 11.22
CA ARG B 106 -45.93 -7.73 10.73
C ARG B 106 -45.86 -7.80 9.21
N LEU B 107 -45.66 -6.63 8.58
CA LEU B 107 -45.52 -6.48 7.14
C LEU B 107 -44.26 -7.17 6.61
N GLY B 108 -43.19 -7.23 7.43
CA GLY B 108 -42.04 -8.06 7.17
C GLY B 108 -42.41 -9.55 7.19
N ARG B 109 -43.21 -9.95 8.18
CA ARG B 109 -43.59 -11.34 8.32
C ARG B 109 -44.43 -11.76 7.12
N GLU B 110 -45.29 -10.84 6.66
CA GLU B 110 -46.21 -11.13 5.56
C GLU B 110 -45.43 -11.18 4.24
N PHE B 111 -44.36 -10.39 4.12
CA PHE B 111 -43.50 -10.44 2.95
C PHE B 111 -42.79 -11.80 2.83
N VAL B 112 -42.21 -12.30 3.93
CA VAL B 112 -41.57 -13.60 3.93
C VAL B 112 -42.60 -14.70 3.57
N GLU B 113 -43.77 -14.71 4.22
CA GLU B 113 -44.76 -15.75 3.93
C GLU B 113 -45.19 -15.70 2.47
N SER B 114 -45.37 -14.50 1.90
CA SER B 114 -45.95 -14.31 0.57
C SER B 114 -44.95 -14.55 -0.56
N ARG B 115 -43.68 -14.21 -0.33
CA ARG B 115 -42.71 -14.19 -1.41
C ARG B 115 -41.85 -15.44 -1.34
N GLN B 116 -41.87 -16.17 -0.22
CA GLN B 116 -40.90 -17.23 0.01
C GLN B 116 -40.99 -18.29 -1.08
N PRO B 117 -42.21 -18.75 -1.48
CA PRO B 117 -42.33 -19.69 -2.61
C PRO B 117 -41.65 -19.25 -3.92
N VAL B 118 -41.81 -17.97 -4.28
CA VAL B 118 -41.14 -17.38 -5.44
C VAL B 118 -39.62 -17.64 -5.41
N PHE B 119 -38.98 -17.45 -4.25
CA PHE B 119 -37.55 -17.62 -4.08
C PHE B 119 -37.18 -19.10 -4.12
N GLU B 120 -37.91 -19.92 -3.36
CA GLU B 120 -37.64 -21.35 -3.34
C GLU B 120 -37.77 -21.98 -4.73
N SER B 121 -38.50 -21.35 -5.67
CA SER B 121 -38.53 -21.81 -7.05
C SER B 121 -37.13 -22.04 -7.61
N PHE B 122 -36.16 -21.27 -7.09
CA PHE B 122 -34.81 -21.22 -7.64
C PHE B 122 -33.85 -21.99 -6.72
N ARG B 123 -34.37 -22.75 -5.76
CA ARG B 123 -33.50 -23.33 -4.73
C ARG B 123 -32.48 -24.29 -5.31
N ASP B 124 -32.61 -24.63 -6.60
CA ASP B 124 -31.67 -25.52 -7.27
C ASP B 124 -30.38 -24.77 -7.62
N ARG B 125 -30.48 -23.44 -7.81
CA ARG B 125 -29.34 -22.62 -8.18
C ARG B 125 -28.89 -21.69 -7.02
N THR B 126 -29.81 -21.27 -6.14
CA THR B 126 -29.49 -20.28 -5.13
C THR B 126 -30.26 -20.57 -3.84
N LYS B 127 -29.52 -20.77 -2.74
CA LYS B 127 -30.09 -20.67 -1.39
C LYS B 127 -30.30 -19.19 -1.01
N PHE B 128 -31.56 -18.78 -0.96
CA PHE B 128 -31.96 -17.49 -0.38
C PHE B 128 -32.28 -17.66 1.09
N THR B 129 -31.62 -16.91 1.96
CA THR B 129 -31.87 -16.92 3.40
C THR B 129 -32.44 -15.55 3.79
N PHE B 130 -33.52 -15.57 4.60
CA PHE B 130 -34.19 -14.37 5.07
C PHE B 130 -33.58 -13.94 6.39
N VAL B 131 -33.09 -12.69 6.39
CA VAL B 131 -32.55 -12.01 7.55
C VAL B 131 -33.25 -10.66 7.71
N THR B 132 -33.82 -10.41 8.89
CA THR B 132 -34.59 -9.21 9.08
C THR B 132 -33.64 -8.10 9.54
N CYS B 133 -34.01 -6.85 9.24
CA CYS B 133 -33.30 -5.75 9.85
C CYS B 133 -33.34 -5.78 11.36
N SER B 134 -34.44 -6.26 11.98
CA SER B 134 -34.45 -6.26 13.44
C SER B 134 -33.39 -7.23 13.97
N GLU B 135 -33.21 -8.39 13.35
CA GLU B 135 -32.12 -9.28 13.70
C GLU B 135 -30.78 -8.53 13.66
N VAL B 136 -30.43 -7.94 12.53
CA VAL B 136 -29.13 -7.28 12.35
C VAL B 136 -28.92 -6.18 13.40
N GLN B 137 -29.97 -5.48 13.76
CA GLN B 137 -29.93 -4.42 14.75
C GLN B 137 -29.66 -4.94 16.15
N SER B 138 -29.87 -6.24 16.40
CA SER B 138 -29.47 -6.81 17.67
C SER B 138 -27.96 -7.10 17.71
N TRP B 139 -27.24 -7.04 16.57
CA TRP B 139 -25.80 -7.23 16.53
C TRP B 139 -25.06 -6.04 17.14
N GLY B 140 -23.98 -6.32 17.88
CA GLY B 140 -23.15 -5.25 18.39
C GLY B 140 -22.64 -4.41 17.22
N LEU B 141 -22.25 -5.10 16.16
CA LEU B 141 -21.75 -4.49 14.95
C LEU B 141 -22.66 -3.35 14.46
N TYR B 142 -23.98 -3.60 14.44
CA TYR B 142 -24.94 -2.62 13.98
C TYR B 142 -24.74 -1.34 14.78
N GLY B 143 -24.62 -1.55 16.09
CA GLY B 143 -24.30 -0.52 17.06
C GLY B 143 -23.06 0.30 16.71
N ASP B 144 -21.91 -0.38 16.44
CA ASP B 144 -20.67 0.28 16.05
C ASP B 144 -20.88 1.15 14.80
N TYR B 145 -21.52 0.59 13.76
CA TYR B 145 -21.63 1.25 12.47
C TYR B 145 -22.66 2.39 12.53
N HIS B 146 -23.77 2.13 13.21
CA HIS B 146 -24.83 3.12 13.33
C HIS B 146 -24.36 4.38 14.04
N GLU B 147 -23.53 4.22 15.08
CA GLU B 147 -22.99 5.34 15.85
C GLU B 147 -22.04 6.18 14.97
N ARG B 148 -21.19 5.52 14.19
CA ARG B 148 -20.23 6.24 13.31
C ARG B 148 -20.98 7.02 12.23
N LEU B 149 -22.01 6.40 11.64
CA LEU B 149 -22.80 7.06 10.63
C LEU B 149 -23.57 8.25 11.19
N ARG B 150 -24.22 8.07 12.35
CA ARG B 150 -25.02 9.12 12.96
C ARG B 150 -24.13 10.31 13.34
N GLN B 151 -22.97 10.07 13.71
CA GLN B 151 -22.03 11.11 14.16
C GLN B 151 -21.39 11.80 12.95
N HIS B 152 -21.15 11.01 11.83
CA HIS B 152 -20.65 11.70 10.64
C HIS B 152 -21.74 12.59 10.06
N TYR B 153 -23.00 12.16 10.19
CA TYR B 153 -24.18 12.95 9.82
C TYR B 153 -24.28 14.22 10.68
N ASP B 154 -23.97 14.11 11.98
CA ASP B 154 -24.07 15.25 12.88
C ASP B 154 -22.97 16.29 12.62
N GLN B 155 -21.82 15.76 12.06
CA GLN B 155 -20.61 16.63 11.98
C GLN B 155 -20.24 17.12 10.59
N ASP B 156 -20.75 16.55 9.52
CA ASP B 156 -20.28 16.86 8.19
C ASP B 156 -21.46 17.27 7.34
N ALA B 157 -21.54 18.58 7.02
CA ALA B 157 -22.68 19.12 6.32
C ALA B 157 -22.93 18.38 5.01
N ALA B 158 -21.88 18.10 4.25
CA ALA B 158 -22.02 17.51 2.91
C ALA B 158 -22.60 16.10 2.97
N PHE B 159 -22.12 15.29 3.91
CA PHE B 159 -22.65 13.95 4.11
C PHE B 159 -24.13 14.02 4.50
N ARG B 160 -24.43 14.92 5.45
CA ARG B 160 -25.79 15.12 5.90
C ARG B 160 -26.66 15.54 4.73
N GLY B 161 -26.18 16.53 3.97
CA GLY B 161 -26.82 16.96 2.74
C GLY B 161 -27.16 15.79 1.81
N SER B 162 -26.18 14.91 1.57
CA SER B 162 -26.40 13.76 0.70
C SER B 162 -27.47 12.81 1.29
N VAL B 163 -27.41 12.57 2.61
CA VAL B 163 -28.35 11.66 3.25
C VAL B 163 -29.75 12.27 3.30
N GLU B 164 -29.84 13.60 3.44
CA GLU B 164 -31.13 14.25 3.56
C GLU B 164 -31.79 14.49 2.19
N ALA B 165 -31.07 14.27 1.07
CA ALA B 165 -31.60 14.53 -0.26
C ALA B 165 -32.98 13.90 -0.43
N PHE B 166 -33.06 12.59 -0.26
CA PHE B 166 -34.31 11.90 -0.54
C PHE B 166 -35.47 12.56 0.21
N GLY B 167 -35.23 12.87 1.49
CA GLY B 167 -36.24 13.49 2.35
C GLY B 167 -36.61 14.91 1.91
N ARG B 168 -35.62 15.68 1.42
CA ARG B 168 -35.80 17.01 0.86
C ARG B 168 -36.82 16.98 -0.27
N ASP B 169 -36.66 15.99 -1.16
CA ASP B 169 -37.62 15.76 -2.24
C ASP B 169 -38.98 15.41 -1.63
N TYR B 170 -39.06 14.27 -0.94
CA TYR B 170 -40.34 13.79 -0.43
C TYR B 170 -41.10 14.95 0.20
N HIS B 171 -40.48 15.65 1.15
CA HIS B 171 -41.21 16.69 1.93
C HIS B 171 -41.27 18.03 1.20
N GLY B 172 -40.37 18.29 0.25
CA GLY B 172 -40.50 19.51 -0.56
C GLY B 172 -41.78 19.51 -1.39
N LYS B 173 -42.23 18.32 -1.80
CA LYS B 173 -43.42 18.14 -2.61
C LYS B 173 -44.69 18.22 -1.76
N ARG B 174 -44.51 18.22 -0.44
CA ARG B 174 -45.66 18.30 0.51
C ARG B 174 -45.28 19.25 1.64
N SER B 175 -45.12 20.54 1.34
CA SER B 175 -44.69 21.51 2.34
C SER B 175 -45.75 22.58 2.61
N GLU B 176 -46.97 22.41 2.04
CA GLU B 176 -48.02 23.41 2.15
C GLU B 176 -48.39 23.62 3.61
N GLY B 177 -48.00 24.78 4.16
CA GLY B 177 -48.30 25.16 5.53
C GLY B 177 -47.25 24.63 6.51
N VAL B 178 -46.14 24.11 5.97
CA VAL B 178 -45.15 23.44 6.78
C VAL B 178 -44.02 24.42 7.07
N SER B 179 -43.85 24.73 8.37
CA SER B 179 -42.77 25.57 8.87
C SER B 179 -41.38 25.00 8.51
N ALA B 180 -40.42 25.92 8.29
CA ALA B 180 -39.06 25.52 7.94
C ALA B 180 -38.51 24.61 9.05
N GLN B 181 -38.83 24.93 10.30
CA GLN B 181 -38.36 24.09 11.41
C GLN B 181 -39.05 22.74 11.33
N GLU B 182 -40.32 22.73 10.92
CA GLU B 182 -41.11 21.51 10.82
C GLU B 182 -40.71 20.68 9.60
N LEU B 183 -40.36 21.33 8.49
CA LEU B 183 -39.93 20.62 7.30
C LEU B 183 -38.61 19.88 7.56
N ASP B 184 -37.70 20.56 8.27
CA ASP B 184 -36.41 20.01 8.62
C ASP B 184 -36.57 18.83 9.57
N HIS B 185 -37.61 18.88 10.42
CA HIS B 185 -37.78 17.81 11.42
C HIS B 185 -38.23 16.56 10.66
N ARG B 186 -39.21 16.72 9.79
CA ARG B 186 -39.63 15.57 8.97
C ARG B 186 -38.41 15.07 8.18
N ILE B 187 -37.64 16.00 7.62
CA ILE B 187 -36.50 15.60 6.82
C ILE B 187 -35.54 14.77 7.67
N ARG B 188 -35.20 15.24 8.87
CA ARG B 188 -34.29 14.51 9.74
C ARG B 188 -34.89 13.14 10.07
N LYS B 189 -36.19 13.06 10.34
CA LYS B 189 -36.87 11.83 10.72
C LYS B 189 -36.80 10.81 9.58
N SER B 190 -37.05 11.29 8.37
CA SER B 190 -37.00 10.42 7.21
C SER B 190 -35.57 9.97 6.98
N SER B 191 -34.59 10.86 7.26
CA SER B 191 -33.21 10.52 7.02
C SER B 191 -32.72 9.41 7.96
N GLU B 192 -33.23 9.35 9.21
CA GLU B 192 -32.91 8.28 10.16
C GLU B 192 -33.06 6.91 9.49
N TYR B 193 -34.03 6.78 8.56
CA TYR B 193 -34.26 5.54 7.86
C TYR B 193 -32.97 5.09 7.15
N PHE B 194 -32.26 6.04 6.51
CA PHE B 194 -31.09 5.76 5.70
C PHE B 194 -29.87 5.46 6.57
N LEU B 195 -29.71 6.20 7.68
CA LEU B 195 -28.66 5.92 8.63
C LEU B 195 -28.82 4.51 9.18
N GLU B 196 -30.05 4.10 9.56
CA GLU B 196 -30.26 2.75 10.06
C GLU B 196 -29.92 1.74 8.95
N GLU B 197 -30.45 2.01 7.75
CA GLU B 197 -30.37 1.09 6.63
C GLU B 197 -28.92 0.92 6.14
N PHE B 198 -28.14 2.00 6.18
CA PHE B 198 -26.75 1.95 5.73
C PHE B 198 -25.88 1.19 6.71
N ALA B 199 -26.17 1.29 8.01
CA ALA B 199 -25.44 0.54 9.01
C ALA B 199 -25.60 -0.96 8.75
N ILE B 200 -26.82 -1.35 8.41
CA ILE B 200 -27.17 -2.74 8.20
C ILE B 200 -26.52 -3.28 6.94
N PHE B 201 -26.48 -2.43 5.90
CA PHE B 201 -25.86 -2.77 4.65
C PHE B 201 -24.39 -3.05 4.92
N ALA B 202 -23.83 -2.26 5.84
CA ALA B 202 -22.42 -2.41 6.16
C ALA B 202 -22.20 -3.68 6.96
N CYS B 203 -23.12 -3.97 7.89
CA CYS B 203 -23.09 -5.25 8.60
C CYS B 203 -23.02 -6.44 7.63
N LEU B 204 -23.80 -6.46 6.55
CA LEU B 204 -23.83 -7.60 5.62
C LEU B 204 -22.60 -7.66 4.71
N GLN B 205 -22.16 -6.47 4.24
CA GLN B 205 -20.97 -6.26 3.44
C GLN B 205 -19.75 -6.91 4.13
N ARG B 206 -19.64 -6.75 5.47
CA ARG B 206 -18.51 -7.20 6.26
C ARG B 206 -18.69 -8.60 6.83
N THR B 207 -19.86 -9.25 6.63
CA THR B 207 -20.11 -10.56 7.20
C THR B 207 -20.47 -11.61 6.14
N GLY B 208 -19.93 -11.49 4.93
CA GLY B 208 -20.03 -12.55 3.93
C GLY B 208 -20.88 -12.23 2.71
N SER B 209 -21.40 -10.99 2.57
CA SER B 209 -22.21 -10.61 1.42
C SER B 209 -21.78 -9.26 0.87
N PRO B 210 -20.60 -9.19 0.21
CA PRO B 210 -20.08 -7.92 -0.29
C PRO B 210 -20.81 -7.22 -1.44
N VAL B 211 -21.63 -7.93 -2.19
CA VAL B 211 -22.40 -7.33 -3.25
C VAL B 211 -23.85 -7.19 -2.79
N MET B 212 -24.39 -5.99 -2.98
CA MET B 212 -25.79 -5.72 -2.70
C MET B 212 -26.54 -5.61 -4.03
N VAL B 213 -27.68 -6.25 -4.11
CA VAL B 213 -28.55 -6.04 -5.26
C VAL B 213 -29.78 -5.27 -4.78
N TYR B 214 -30.19 -4.29 -5.60
CA TYR B 214 -31.36 -3.48 -5.31
C TYR B 214 -31.99 -3.00 -6.62
N PRO B 215 -33.33 -2.97 -6.74
CA PRO B 215 -33.97 -2.27 -7.86
C PRO B 215 -33.96 -0.74 -7.74
N GLY B 216 -32.78 -0.12 -7.88
CA GLY B 216 -32.64 1.30 -7.64
C GLY B 216 -31.21 1.60 -7.20
N SER B 217 -30.94 2.87 -6.89
CA SER B 217 -29.61 3.29 -6.46
C SER B 217 -29.70 4.17 -5.21
N PHE B 218 -28.55 4.34 -4.56
CA PHE B 218 -28.44 5.13 -3.34
C PHE B 218 -27.33 6.15 -3.52
N SER B 219 -27.70 7.40 -3.83
CA SER B 219 -26.74 8.43 -4.18
C SER B 219 -25.62 8.52 -3.16
N THR B 220 -25.94 8.40 -1.86
CA THR B 220 -24.95 8.57 -0.81
C THR B 220 -23.93 7.45 -0.91
N LEU B 221 -24.37 6.23 -1.27
CA LEU B 221 -23.51 5.07 -1.34
C LEU B 221 -22.62 5.26 -2.58
N SER B 222 -23.25 5.64 -3.69
CA SER B 222 -22.55 5.94 -4.92
C SER B 222 -21.48 7.00 -4.67
N GLU B 223 -21.85 8.05 -3.94
CA GLU B 223 -20.93 9.15 -3.67
C GLU B 223 -19.78 8.64 -2.80
N ILE B 224 -20.07 7.86 -1.76
CA ILE B 224 -18.96 7.33 -0.96
C ILE B 224 -18.05 6.46 -1.83
N ALA B 225 -18.61 5.63 -2.72
CA ALA B 225 -17.79 4.84 -3.64
C ALA B 225 -16.89 5.69 -4.56
N GLN B 226 -17.37 6.92 -4.87
CA GLN B 226 -16.58 7.81 -5.76
C GLN B 226 -15.63 8.67 -4.94
N GLY B 227 -15.53 8.42 -3.65
CA GLY B 227 -14.61 9.17 -2.80
C GLY B 227 -15.05 10.59 -2.43
N LYS B 228 -16.34 10.91 -2.57
CA LYS B 228 -16.83 12.23 -2.18
C LYS B 228 -17.17 12.32 -0.69
N HIS B 229 -16.93 11.28 0.10
CA HIS B 229 -17.20 11.38 1.52
C HIS B 229 -16.15 10.60 2.33
N PRO B 230 -14.89 11.08 2.36
CA PRO B 230 -13.79 10.32 2.92
C PRO B 230 -13.84 10.12 4.44
N GLY B 231 -14.64 10.96 5.15
CA GLY B 231 -14.89 10.76 6.57
C GLY B 231 -16.00 9.75 6.86
N ALA B 232 -16.74 9.30 5.84
CA ALA B 232 -17.74 8.26 6.02
C ALA B 232 -17.05 6.90 6.23
N PRO B 233 -17.72 5.89 6.85
CA PRO B 233 -17.08 4.59 7.09
C PRO B 233 -16.58 3.87 5.84
N GLU B 234 -15.36 3.33 5.89
CA GLU B 234 -14.74 2.60 4.78
C GLU B 234 -15.59 1.39 4.39
N GLU B 235 -16.28 0.83 5.38
CA GLU B 235 -17.08 -0.35 5.10
C GLU B 235 -17.97 -0.01 3.90
N LEU B 236 -18.50 1.21 3.84
CA LEU B 236 -19.41 1.56 2.76
C LEU B 236 -18.63 1.90 1.50
N ARG B 237 -17.41 2.41 1.68
CA ARG B 237 -16.48 2.61 0.58
C ARG B 237 -16.32 1.33 -0.24
N ASP B 238 -16.27 0.13 0.40
CA ASP B 238 -16.01 -1.13 -0.30
C ASP B 238 -17.29 -1.84 -0.76
N LEU B 239 -18.47 -1.34 -0.40
CA LEU B 239 -19.72 -1.97 -0.80
C LEU B 239 -19.86 -1.85 -2.31
N ILE B 240 -20.39 -2.90 -2.93
CA ILE B 240 -20.73 -2.88 -4.33
C ILE B 240 -22.24 -2.92 -4.44
N VAL B 241 -22.86 -1.90 -5.05
CA VAL B 241 -24.31 -1.92 -5.25
C VAL B 241 -24.59 -2.12 -6.74
N VAL B 242 -25.22 -3.26 -7.06
CA VAL B 242 -25.78 -3.48 -8.36
C VAL B 242 -27.23 -3.01 -8.35
N SER B 243 -27.48 -1.89 -9.05
CA SER B 243 -28.82 -1.35 -9.28
C SER B 243 -29.40 -2.01 -10.52
N LEU B 244 -30.43 -2.82 -10.34
CA LEU B 244 -31.11 -3.42 -11.49
C LEU B 244 -32.19 -2.48 -12.06
N HIS B 245 -32.46 -2.59 -13.36
CA HIS B 245 -33.67 -2.02 -13.94
C HIS B 245 -34.62 -3.15 -14.36
N LEU B 246 -35.85 -3.05 -13.87
CA LEU B 246 -36.89 -4.00 -14.21
C LEU B 246 -37.67 -3.48 -15.43
N LYS B 247 -37.81 -4.33 -16.46
CA LYS B 247 -38.61 -4.05 -17.65
C LYS B 247 -39.68 -5.13 -17.78
N GLY B 248 -40.77 -4.83 -18.50
CA GLY B 248 -41.86 -5.78 -18.73
C GLY B 248 -41.71 -6.48 -20.07
N ARG C 23 24.66 -38.74 8.49
CA ARG C 23 23.37 -38.05 8.79
C ARG C 23 23.49 -36.55 8.53
N TYR C 24 22.48 -35.97 7.85
CA TYR C 24 22.51 -34.54 7.57
C TYR C 24 21.17 -33.87 7.88
N LYS C 25 21.24 -32.55 7.95
CA LYS C 25 20.08 -31.69 8.03
C LYS C 25 20.19 -30.71 6.87
N ALA C 26 19.05 -30.44 6.19
CA ALA C 26 19.02 -29.43 5.14
C ALA C 26 18.46 -28.15 5.75
N GLU C 27 18.92 -27.03 5.22
CA GLU C 27 18.36 -25.73 5.55
C GLU C 27 18.54 -24.81 4.35
N ILE C 28 17.84 -23.67 4.37
CA ILE C 28 17.90 -22.71 3.29
C ILE C 28 19.26 -21.99 3.34
N GLY C 29 19.97 -21.99 2.20
CA GLY C 29 21.18 -21.21 2.05
C GLY C 29 20.90 -19.88 1.35
N SER C 30 19.95 -19.91 0.43
CA SER C 30 19.74 -18.78 -0.46
C SER C 30 18.48 -19.02 -1.28
N VAL C 31 17.80 -17.92 -1.61
CA VAL C 31 16.66 -17.99 -2.49
C VAL C 31 16.79 -16.91 -3.55
N SER C 32 16.65 -17.39 -4.79
CA SER C 32 16.67 -16.56 -5.97
C SER C 32 15.29 -16.58 -6.62
N PRO C 33 14.61 -15.42 -6.85
CA PRO C 33 15.08 -14.09 -6.39
C PRO C 33 14.97 -13.87 -4.88
N THR C 34 15.67 -12.85 -4.38
CA THR C 34 15.71 -12.58 -2.94
C THR C 34 14.30 -12.32 -2.42
N THR C 35 13.54 -11.62 -3.25
CA THR C 35 12.19 -11.18 -2.98
C THR C 35 11.19 -12.35 -2.87
N SER C 36 11.56 -13.60 -3.19
CA SER C 36 10.64 -14.70 -2.88
C SER C 36 11.14 -15.57 -1.73
N ARG C 37 12.17 -15.11 -1.01
CA ARG C 37 12.67 -15.82 0.17
C ARG C 37 11.54 -16.14 1.15
N ASP C 38 10.54 -15.25 1.29
CA ASP C 38 9.45 -15.53 2.22
C ASP C 38 8.12 -15.70 1.48
N THR C 39 8.11 -15.88 0.14
CA THR C 39 6.84 -16.22 -0.52
C THR C 39 6.89 -17.54 -1.31
N PHE C 40 8.01 -18.27 -1.33
CA PHE C 40 8.09 -19.46 -2.17
C PHE C 40 7.27 -20.60 -1.55
N GLU C 41 7.14 -20.58 -0.21
CA GLU C 41 6.40 -21.60 0.51
C GLU C 41 4.90 -21.48 0.24
N ASP C 42 4.49 -20.49 -0.56
CA ASP C 42 3.08 -20.42 -0.95
C ASP C 42 2.72 -21.53 -1.94
N HIS C 43 3.73 -22.05 -2.67
CA HIS C 43 3.51 -23.10 -3.66
C HIS C 43 3.46 -24.46 -2.99
N ASP C 44 2.72 -25.38 -3.61
CA ASP C 44 2.59 -26.74 -3.12
C ASP C 44 3.40 -27.71 -3.98
N THR C 45 4.06 -27.23 -5.04
CA THR C 45 4.80 -28.10 -5.93
C THR C 45 6.19 -27.55 -6.14
N CYS C 46 7.17 -28.44 -6.17
CA CYS C 46 8.54 -28.09 -6.53
C CYS C 46 9.15 -29.15 -7.45
N PHE C 47 10.33 -28.84 -8.00
CA PHE C 47 11.15 -29.93 -8.53
C PHE C 47 12.51 -29.88 -7.85
N LEU C 48 13.10 -31.07 -7.64
CA LEU C 48 14.48 -31.22 -7.19
C LEU C 48 15.36 -31.73 -8.33
N GLY C 49 16.27 -30.89 -8.80
CA GLY C 49 17.17 -31.31 -9.84
C GLY C 49 18.30 -32.15 -9.26
N VAL C 50 18.53 -33.31 -9.88
CA VAL C 50 19.53 -34.28 -9.47
C VAL C 50 20.65 -34.36 -10.52
N SER C 51 21.88 -34.05 -10.11
CA SER C 51 23.04 -34.30 -10.96
C SER C 51 23.61 -35.66 -10.61
N LEU C 52 24.17 -36.33 -11.60
CA LEU C 52 24.65 -37.68 -11.37
C LEU C 52 26.12 -37.66 -10.92
N GLU C 53 26.52 -38.74 -10.23
CA GLU C 53 27.87 -38.91 -9.68
C GLU C 53 28.25 -37.62 -8.96
N ASN C 54 27.47 -37.30 -7.92
CA ASN C 54 27.61 -36.02 -7.26
C ASN C 54 27.49 -36.31 -5.77
N SER C 55 28.46 -35.81 -4.98
CA SER C 55 28.58 -36.14 -3.56
C SER C 55 27.46 -35.46 -2.79
N ASN C 56 27.01 -34.32 -3.31
CA ASN C 56 25.83 -33.65 -2.77
C ASN C 56 24.54 -34.45 -3.00
N PHE C 57 24.60 -35.67 -3.57
CA PHE C 57 23.43 -36.51 -3.70
C PHE C 57 23.67 -37.88 -3.07
N LYS C 58 24.61 -37.99 -2.12
CA LYS C 58 24.74 -39.22 -1.35
C LYS C 58 23.42 -39.54 -0.64
N PRO C 59 23.06 -40.83 -0.43
CA PRO C 59 21.76 -41.16 0.16
C PRO C 59 21.39 -40.40 1.43
N ALA C 60 22.37 -40.01 2.26
CA ALA C 60 22.05 -39.32 3.51
C ALA C 60 21.68 -37.87 3.21
N LYS C 61 22.32 -37.28 2.19
CA LYS C 61 21.97 -35.92 1.81
C LYS C 61 20.61 -35.91 1.11
N VAL C 62 20.24 -37.01 0.47
CA VAL C 62 18.97 -37.13 -0.24
C VAL C 62 17.82 -37.28 0.75
N ASP C 63 18.10 -37.92 1.90
CA ASP C 63 17.10 -38.13 2.95
C ASP C 63 16.87 -36.79 3.64
N ALA C 64 17.95 -36.04 3.84
CA ALA C 64 17.85 -34.72 4.45
C ALA C 64 17.12 -33.75 3.53
N MET C 65 17.42 -33.79 2.24
CA MET C 65 16.76 -32.91 1.29
C MET C 65 15.32 -33.38 1.07
N ALA C 66 15.06 -34.69 1.14
CA ALA C 66 13.69 -35.16 1.00
C ALA C 66 12.83 -34.70 2.18
N LYS C 67 13.46 -34.54 3.35
CA LYS C 67 12.79 -34.17 4.59
C LYS C 67 12.41 -32.68 4.56
N TRP C 68 13.35 -31.84 4.15
CA TRP C 68 13.08 -30.42 4.00
C TRP C 68 11.95 -30.16 3.01
N ILE C 69 11.86 -30.98 1.96
CA ILE C 69 10.77 -30.91 0.99
C ILE C 69 9.46 -31.40 1.64
N SER C 70 9.55 -32.51 2.38
CA SER C 70 8.45 -33.21 3.01
C SER C 70 7.54 -32.32 3.85
N ARG C 71 8.12 -31.25 4.40
CA ARG C 71 7.49 -30.33 5.32
C ARG C 71 6.90 -29.13 4.56
N ARG C 72 7.31 -28.93 3.30
CA ARG C 72 6.91 -27.73 2.57
C ARG C 72 6.02 -28.08 1.37
N PHE C 73 6.31 -29.15 0.61
CA PHE C 73 5.57 -29.36 -0.62
C PHE C 73 4.92 -30.74 -0.61
N SER C 74 3.69 -30.83 -1.15
CA SER C 74 2.99 -32.12 -1.21
C SER C 74 3.32 -32.89 -2.49
N GLN C 75 3.93 -32.18 -3.46
CA GLN C 75 4.34 -32.82 -4.69
C GLN C 75 5.71 -32.32 -5.10
N CYS C 76 6.52 -33.27 -5.58
CA CYS C 76 7.87 -32.98 -5.98
C CYS C 76 8.25 -33.82 -7.18
N THR C 77 8.67 -33.12 -8.26
CA THR C 77 9.27 -33.78 -9.41
C THR C 77 10.77 -33.89 -9.18
N VAL C 78 11.26 -35.14 -9.12
CA VAL C 78 12.69 -35.38 -9.05
C VAL C 78 13.28 -35.45 -10.45
N LEU C 79 14.00 -34.41 -10.86
CA LEU C 79 14.54 -34.32 -12.20
C LEU C 79 15.94 -34.92 -12.22
N ILE C 80 16.07 -36.08 -12.88
CA ILE C 80 17.31 -36.82 -12.96
C ILE C 80 18.02 -36.27 -14.17
N GLY C 81 19.28 -35.84 -13.98
CA GLY C 81 20.07 -35.25 -15.06
C GLY C 81 20.82 -36.30 -15.88
N ASP C 82 20.11 -37.24 -16.56
CA ASP C 82 20.76 -38.35 -17.25
C ASP C 82 21.38 -37.91 -18.58
N SER C 83 20.56 -37.55 -19.58
CA SER C 83 21.05 -37.31 -20.93
C SER C 83 22.09 -36.19 -20.98
N ILE C 84 21.96 -35.20 -20.09
CA ILE C 84 22.90 -34.09 -20.03
C ILE C 84 24.25 -34.55 -19.45
N HIS C 85 24.28 -35.71 -18.79
CA HIS C 85 25.49 -36.22 -18.18
C HIS C 85 26.45 -36.79 -19.24
N ARG C 86 25.90 -37.19 -20.38
CA ARG C 86 26.68 -37.58 -21.55
C ARG C 86 27.71 -36.50 -21.91
N ILE C 87 27.43 -35.22 -21.60
CA ILE C 87 28.35 -34.16 -21.95
C ILE C 87 29.56 -34.18 -21.02
N THR C 88 29.29 -34.38 -19.72
CA THR C 88 30.29 -34.54 -18.70
C THR C 88 31.20 -35.71 -19.07
N LEU C 89 30.60 -36.83 -19.47
CA LEU C 89 31.34 -38.05 -19.74
C LEU C 89 32.30 -37.89 -20.95
N GLU C 90 31.82 -37.28 -22.04
CA GLU C 90 32.65 -37.01 -23.20
C GLU C 90 33.85 -36.12 -22.86
N SER C 91 33.65 -34.99 -22.16
CA SER C 91 34.74 -34.12 -21.72
C SER C 91 35.75 -34.82 -20.79
N THR C 92 35.30 -35.23 -19.60
CA THR C 92 36.17 -35.61 -18.49
C THR C 92 36.57 -37.09 -18.48
N ARG C 93 36.10 -37.91 -19.43
CA ARG C 93 36.60 -39.28 -19.50
C ARG C 93 36.81 -39.70 -20.95
N SER C 94 36.79 -38.72 -21.86
CA SER C 94 37.10 -38.96 -23.26
C SER C 94 36.14 -39.98 -23.90
N MET C 95 35.09 -40.42 -23.19
CA MET C 95 34.25 -41.52 -23.67
C MET C 95 33.67 -41.24 -25.04
N PRO C 96 33.56 -42.25 -25.93
CA PRO C 96 32.82 -42.11 -27.20
C PRO C 96 31.30 -41.85 -27.13
N PRO C 97 30.70 -41.22 -28.15
CA PRO C 97 29.31 -40.78 -28.08
C PRO C 97 28.32 -41.81 -27.56
N ARG C 98 28.38 -43.01 -28.09
CA ARG C 98 27.46 -44.05 -27.66
C ARG C 98 27.61 -44.41 -26.19
N ALA C 99 28.87 -44.60 -25.75
CA ALA C 99 29.15 -45.09 -24.41
C ALA C 99 28.77 -43.99 -23.41
N ALA C 100 29.07 -42.74 -23.75
CA ALA C 100 28.74 -41.61 -22.92
C ALA C 100 27.25 -41.55 -22.64
N LEU C 101 26.40 -41.75 -23.66
CA LEU C 101 24.95 -41.67 -23.46
C LEU C 101 24.40 -42.91 -22.76
N ASP C 102 24.79 -44.11 -23.22
CA ASP C 102 24.33 -45.34 -22.59
C ASP C 102 24.62 -45.28 -21.10
N ASP C 103 25.84 -44.89 -20.76
CA ASP C 103 26.25 -44.80 -19.38
C ASP C 103 25.49 -43.73 -18.62
N ALA C 104 25.26 -42.58 -19.24
CA ALA C 104 24.59 -41.49 -18.57
C ALA C 104 23.18 -41.94 -18.20
N LEU C 105 22.52 -42.66 -19.09
CA LEU C 105 21.19 -43.22 -18.83
C LEU C 105 21.21 -44.31 -17.74
N ARG C 106 22.12 -45.28 -17.80
CA ARG C 106 22.23 -46.31 -16.77
C ARG C 106 22.52 -45.71 -15.38
N LEU C 107 23.30 -44.62 -15.29
CA LEU C 107 23.60 -43.97 -14.02
C LEU C 107 22.38 -43.26 -13.45
N GLY C 108 21.56 -42.71 -14.35
CA GLY C 108 20.22 -42.23 -14.06
C GLY C 108 19.33 -43.34 -13.51
N ARG C 109 19.22 -44.44 -14.23
CA ARG C 109 18.37 -45.53 -13.79
C ARG C 109 18.82 -46.03 -12.43
N GLU C 110 20.12 -46.22 -12.26
CA GLU C 110 20.67 -46.74 -11.02
C GLU C 110 20.37 -45.80 -9.85
N PHE C 111 20.40 -44.48 -10.10
CA PHE C 111 20.02 -43.52 -9.07
C PHE C 111 18.55 -43.71 -8.66
N VAL C 112 17.66 -43.79 -9.64
CA VAL C 112 16.25 -43.95 -9.35
C VAL C 112 16.10 -45.18 -8.46
N GLU C 113 16.58 -46.35 -8.94
CA GLU C 113 16.55 -47.61 -8.22
C GLU C 113 17.14 -47.49 -6.81
N SER C 114 18.24 -46.74 -6.62
CA SER C 114 18.90 -46.68 -5.31
C SER C 114 18.12 -45.82 -4.34
N ARG C 115 17.76 -44.62 -4.81
CA ARG C 115 17.35 -43.54 -3.93
C ARG C 115 15.85 -43.56 -3.70
N GLN C 116 15.11 -44.41 -4.43
CA GLN C 116 13.67 -44.31 -4.46
C GLN C 116 13.05 -44.63 -3.11
N PRO C 117 13.46 -45.72 -2.41
CA PRO C 117 12.87 -46.06 -1.11
C PRO C 117 13.01 -44.89 -0.13
N VAL C 118 14.15 -44.20 -0.22
CA VAL C 118 14.46 -43.03 0.60
C VAL C 118 13.44 -41.90 0.38
N PHE C 119 12.88 -41.83 -0.84
CA PHE C 119 11.87 -40.82 -1.16
C PHE C 119 10.49 -41.33 -0.74
N GLU C 120 10.29 -42.65 -0.82
CA GLU C 120 9.01 -43.24 -0.47
C GLU C 120 8.83 -43.29 1.05
N SER C 121 9.92 -43.23 1.82
CA SER C 121 9.87 -43.02 3.26
C SER C 121 9.03 -41.81 3.66
N PHE C 122 8.83 -40.88 2.72
CA PHE C 122 8.09 -39.66 2.99
C PHE C 122 6.75 -39.64 2.27
N ARG C 123 6.25 -40.78 1.81
CA ARG C 123 5.12 -40.78 0.88
C ARG C 123 3.83 -40.30 1.56
N ASP C 124 3.81 -40.33 2.89
CA ASP C 124 2.69 -39.77 3.63
C ASP C 124 2.55 -38.30 3.27
N ARG C 125 3.69 -37.58 3.24
CA ARG C 125 3.68 -36.13 3.17
C ARG C 125 3.95 -35.62 1.74
N THR C 126 4.64 -36.40 0.89
CA THR C 126 5.02 -35.91 -0.44
C THR C 126 5.06 -37.04 -1.47
N LYS C 127 4.36 -36.83 -2.59
CA LYS C 127 4.50 -37.69 -3.76
C LYS C 127 5.71 -37.20 -4.56
N PHE C 128 6.75 -38.03 -4.63
CA PHE C 128 7.89 -37.77 -5.49
C PHE C 128 7.67 -38.51 -6.79
N THR C 129 7.65 -37.77 -7.90
CA THR C 129 7.59 -38.32 -9.25
C THR C 129 8.94 -38.13 -9.92
N PHE C 130 9.43 -39.20 -10.55
CA PHE C 130 10.71 -39.17 -11.24
C PHE C 130 10.48 -38.84 -12.69
N VAL C 131 11.15 -37.77 -13.15
CA VAL C 131 11.22 -37.46 -14.57
C VAL C 131 12.69 -37.33 -14.96
N THR C 132 13.06 -37.86 -16.12
CA THR C 132 14.43 -37.73 -16.61
C THR C 132 14.52 -36.54 -17.55
N CYS C 133 15.73 -36.01 -17.65
CA CYS C 133 16.03 -34.97 -18.61
C CYS C 133 15.83 -35.50 -20.02
N SER C 134 15.96 -36.81 -20.17
CA SER C 134 15.87 -37.42 -21.48
C SER C 134 14.42 -37.36 -21.96
N GLU C 135 13.48 -37.75 -21.09
CA GLU C 135 12.06 -37.51 -21.35
C GLU C 135 11.83 -36.03 -21.67
N VAL C 136 12.30 -35.10 -20.81
CA VAL C 136 12.01 -33.68 -21.05
C VAL C 136 12.51 -33.23 -22.42
N GLN C 137 13.65 -33.76 -22.85
CA GLN C 137 14.24 -33.41 -24.14
C GLN C 137 13.42 -33.91 -25.32
N SER C 138 12.57 -34.92 -25.11
CA SER C 138 11.68 -35.33 -26.19
C SER C 138 10.51 -34.34 -26.32
N TRP C 139 10.35 -33.41 -25.37
CA TRP C 139 9.27 -32.44 -25.45
C TRP C 139 9.59 -31.43 -26.54
N GLY C 140 8.57 -31.05 -27.33
CA GLY C 140 8.70 -29.89 -28.20
C GLY C 140 9.11 -28.60 -27.45
N LEU C 141 8.60 -28.40 -26.22
CA LEU C 141 8.92 -27.22 -25.42
C LEU C 141 10.44 -27.09 -25.25
N TYR C 142 11.15 -28.21 -25.06
CA TYR C 142 12.58 -28.19 -24.83
C TYR C 142 13.28 -27.61 -26.06
N GLY C 143 12.90 -28.15 -27.22
CA GLY C 143 13.17 -27.53 -28.51
C GLY C 143 13.00 -26.01 -28.53
N ASP C 144 11.80 -25.51 -28.16
CA ASP C 144 11.55 -24.08 -28.22
C ASP C 144 12.53 -23.31 -27.33
N TYR C 145 12.70 -23.82 -26.10
CA TYR C 145 13.46 -23.09 -25.10
C TYR C 145 14.96 -23.18 -25.37
N HIS C 146 15.45 -24.36 -25.75
CA HIS C 146 16.89 -24.58 -25.90
C HIS C 146 17.39 -23.67 -27.03
N GLU C 147 16.52 -23.52 -28.05
CA GLU C 147 16.85 -22.76 -29.25
C GLU C 147 16.91 -21.28 -28.89
N ARG C 148 15.97 -20.80 -28.05
CA ARG C 148 15.94 -19.39 -27.68
C ARG C 148 17.14 -19.09 -26.79
N LEU C 149 17.50 -20.04 -25.94
CA LEU C 149 18.65 -19.86 -25.06
C LEU C 149 19.96 -19.85 -25.86
N ARG C 150 20.12 -20.76 -26.81
CA ARG C 150 21.35 -20.88 -27.60
C ARG C 150 21.56 -19.62 -28.45
N GLN C 151 20.51 -18.97 -28.85
CA GLN C 151 20.61 -17.78 -29.70
C GLN C 151 21.01 -16.58 -28.85
N HIS C 152 20.52 -16.55 -27.60
CA HIS C 152 20.87 -15.44 -26.73
C HIS C 152 22.30 -15.64 -26.23
N TYR C 153 22.71 -16.90 -26.08
CA TYR C 153 24.10 -17.21 -25.77
C TYR C 153 25.02 -16.67 -26.88
N ASP C 154 24.63 -16.88 -28.14
CA ASP C 154 25.46 -16.55 -29.27
C ASP C 154 25.37 -15.06 -29.59
N GLN C 155 24.32 -14.37 -29.12
CA GLN C 155 24.08 -12.98 -29.49
C GLN C 155 24.47 -12.00 -28.39
N ASP C 156 24.30 -12.37 -27.10
CA ASP C 156 24.58 -11.49 -25.98
C ASP C 156 25.92 -11.89 -25.35
N ALA C 157 26.89 -10.97 -25.37
CA ALA C 157 28.20 -11.22 -24.78
C ALA C 157 28.05 -11.38 -23.27
N ALA C 158 27.22 -10.52 -22.66
CA ALA C 158 26.99 -10.52 -21.22
C ALA C 158 26.45 -11.89 -20.77
N PHE C 159 25.22 -12.23 -21.21
CA PHE C 159 24.62 -13.51 -20.90
C PHE C 159 25.65 -14.63 -21.12
N ARG C 160 26.42 -14.56 -22.23
CA ARG C 160 27.41 -15.59 -22.58
C ARG C 160 28.51 -15.68 -21.51
N GLY C 161 29.06 -14.53 -21.12
CA GLY C 161 30.09 -14.49 -20.09
C GLY C 161 29.59 -15.07 -18.77
N SER C 162 28.35 -14.73 -18.42
CA SER C 162 27.77 -15.27 -17.20
C SER C 162 27.74 -16.80 -17.29
N VAL C 163 27.18 -17.33 -18.39
CA VAL C 163 27.08 -18.76 -18.64
C VAL C 163 28.47 -19.45 -18.66
N GLU C 164 29.45 -18.81 -19.29
CA GLU C 164 30.77 -19.48 -19.45
C GLU C 164 31.59 -19.31 -18.17
N ALA C 165 31.03 -18.61 -17.18
CA ALA C 165 31.76 -18.35 -15.93
C ALA C 165 32.15 -19.66 -15.27
N PHE C 166 31.18 -20.53 -14.96
CA PHE C 166 31.49 -21.77 -14.21
C PHE C 166 32.54 -22.57 -14.97
N GLY C 167 32.36 -22.69 -16.29
CA GLY C 167 33.35 -23.38 -17.12
C GLY C 167 34.71 -22.74 -16.93
N ARG C 168 34.74 -21.42 -16.82
CA ARG C 168 36.04 -20.76 -16.52
C ARG C 168 36.19 -20.67 -15.00
N LEU C 183 41.91 -24.42 -22.54
CA LEU C 183 40.74 -25.33 -22.53
C LEU C 183 39.58 -24.62 -23.22
N ASP C 184 39.83 -23.96 -24.35
CA ASP C 184 38.77 -23.17 -24.97
C ASP C 184 37.65 -24.05 -25.55
N HIS C 185 37.86 -25.37 -25.71
CA HIS C 185 36.80 -26.27 -26.19
C HIS C 185 36.09 -26.96 -25.02
N ARG C 186 36.78 -27.08 -23.88
CA ARG C 186 36.23 -27.65 -22.66
C ARG C 186 35.32 -26.60 -21.99
N ILE C 187 35.50 -25.31 -22.35
CA ILE C 187 34.67 -24.23 -21.88
C ILE C 187 33.40 -24.12 -22.74
N ARG C 188 33.50 -24.46 -24.03
CA ARG C 188 32.33 -24.48 -24.88
C ARG C 188 31.41 -25.62 -24.44
N LYS C 189 31.99 -26.82 -24.24
CA LYS C 189 31.22 -28.02 -23.94
C LYS C 189 30.56 -27.88 -22.58
N SER C 190 31.31 -27.39 -21.58
CA SER C 190 30.73 -27.10 -20.27
C SER C 190 29.52 -26.18 -20.43
N SER C 191 29.59 -25.22 -21.36
CA SER C 191 28.53 -24.24 -21.52
C SER C 191 27.27 -24.86 -22.14
N GLU C 192 27.44 -25.91 -22.94
CA GLU C 192 26.30 -26.53 -23.61
C GLU C 192 25.53 -27.39 -22.62
N TYR C 193 26.23 -27.92 -21.58
CA TYR C 193 25.57 -28.62 -20.48
C TYR C 193 24.58 -27.67 -19.80
N PHE C 194 24.97 -26.39 -19.62
CA PHE C 194 24.12 -25.45 -18.92
C PHE C 194 22.96 -24.97 -19.78
N LEU C 195 23.19 -24.81 -21.09
CA LEU C 195 22.12 -24.42 -21.99
C LEU C 195 21.09 -25.55 -22.05
N GLU C 196 21.54 -26.82 -21.96
CA GLU C 196 20.63 -27.96 -22.00
C GLU C 196 19.80 -27.96 -20.71
N GLU C 197 20.50 -27.78 -19.59
CA GLU C 197 19.92 -27.88 -18.27
C GLU C 197 18.91 -26.76 -18.01
N PHE C 198 19.23 -25.52 -18.41
CA PHE C 198 18.41 -24.35 -18.12
C PHE C 198 17.14 -24.44 -18.97
N ALA C 199 17.28 -24.96 -20.20
CA ALA C 199 16.10 -25.21 -21.01
C ALA C 199 15.16 -26.19 -20.32
N ILE C 200 15.71 -27.24 -19.69
CA ILE C 200 14.92 -28.23 -19.00
C ILE C 200 14.30 -27.61 -17.74
N PHE C 201 15.01 -26.70 -17.09
CA PHE C 201 14.51 -26.10 -15.86
C PHE C 201 13.28 -25.26 -16.18
N ALA C 202 13.33 -24.63 -17.34
CA ALA C 202 12.27 -23.79 -17.83
C ALA C 202 11.04 -24.61 -18.23
N CYS C 203 11.26 -25.80 -18.82
CA CYS C 203 10.16 -26.70 -19.13
C CYS C 203 9.37 -27.03 -17.86
N LEU C 204 10.09 -27.30 -16.79
CA LEU C 204 9.51 -27.67 -15.51
C LEU C 204 8.77 -26.51 -14.84
N GLN C 205 9.42 -25.33 -14.83
CA GLN C 205 8.90 -24.08 -14.31
C GLN C 205 7.52 -23.76 -14.90
N ARG C 206 7.41 -24.03 -16.20
CA ARG C 206 6.23 -23.65 -16.97
C ARG C 206 5.22 -24.77 -16.95
N THR C 207 5.53 -25.95 -16.38
CA THR C 207 4.61 -27.07 -16.48
C THR C 207 4.13 -27.57 -15.10
N GLY C 208 4.00 -26.68 -14.10
CA GLY C 208 3.43 -27.01 -12.80
C GLY C 208 4.40 -27.12 -11.63
N SER C 209 5.71 -26.85 -11.84
CA SER C 209 6.78 -26.90 -10.83
C SER C 209 7.57 -25.60 -10.81
N PRO C 210 6.98 -24.49 -10.33
CA PRO C 210 7.63 -23.20 -10.42
C PRO C 210 8.76 -23.00 -9.41
N VAL C 211 8.89 -23.88 -8.43
CA VAL C 211 9.99 -23.78 -7.49
C VAL C 211 10.98 -24.89 -7.75
N MET C 212 12.24 -24.53 -7.90
CA MET C 212 13.30 -25.51 -8.05
C MET C 212 14.05 -25.66 -6.72
N VAL C 213 14.27 -26.89 -6.28
CA VAL C 213 15.15 -27.11 -5.16
C VAL C 213 16.48 -27.70 -5.66
N TYR C 214 17.59 -27.21 -5.11
CA TYR C 214 18.90 -27.71 -5.47
C TYR C 214 19.86 -27.47 -4.30
N PRO C 215 20.78 -28.41 -3.99
CA PRO C 215 21.88 -28.15 -3.04
C PRO C 215 23.09 -27.46 -3.70
N GLY C 216 22.97 -26.15 -3.90
CA GLY C 216 23.90 -25.37 -4.69
C GLY C 216 23.15 -24.21 -5.34
N SER C 217 23.88 -23.24 -5.89
CA SER C 217 23.31 -22.12 -6.64
C SER C 217 23.80 -22.13 -8.09
N PHE C 218 23.21 -21.27 -8.91
CA PHE C 218 23.58 -21.06 -10.30
C PHE C 218 23.62 -19.56 -10.58
N SER C 219 24.84 -19.01 -10.69
CA SER C 219 25.05 -17.59 -10.96
C SER C 219 24.10 -17.06 -12.02
N THR C 220 24.12 -17.70 -13.22
CA THR C 220 23.33 -17.21 -14.36
C THR C 220 21.84 -17.13 -14.01
N LEU C 221 21.29 -18.19 -13.40
CA LEU C 221 19.87 -18.25 -13.08
C LEU C 221 19.52 -17.14 -12.09
N SER C 222 20.35 -17.03 -11.04
CA SER C 222 20.22 -16.00 -10.02
C SER C 222 20.12 -14.63 -10.67
N GLU C 223 21.10 -14.33 -11.53
CA GLU C 223 21.19 -13.06 -12.25
C GLU C 223 19.94 -12.83 -13.08
N ILE C 224 19.44 -13.90 -13.72
CA ILE C 224 18.26 -13.75 -14.56
C ILE C 224 17.09 -13.37 -13.66
N ALA C 225 17.00 -13.95 -12.46
CA ALA C 225 15.84 -13.66 -11.62
C ALA C 225 15.92 -12.25 -11.04
N GLN C 226 17.13 -11.72 -10.88
CA GLN C 226 17.29 -10.35 -10.41
C GLN C 226 16.75 -9.39 -11.48
N GLY C 227 17.01 -9.70 -12.75
CA GLY C 227 16.68 -8.83 -13.86
C GLY C 227 17.93 -8.32 -14.58
N LYS C 228 19.06 -9.00 -14.36
CA LYS C 228 20.34 -8.59 -14.93
C LYS C 228 20.48 -8.92 -16.41
N HIS C 229 19.66 -9.86 -16.92
CA HIS C 229 19.71 -10.26 -18.32
C HIS C 229 18.31 -10.20 -18.90
N PRO C 230 17.77 -9.00 -19.18
CA PRO C 230 16.36 -8.85 -19.54
C PRO C 230 15.99 -9.51 -20.87
N GLY C 231 16.99 -9.84 -21.68
CA GLY C 231 16.78 -10.52 -22.95
C GLY C 231 17.07 -12.03 -22.89
N ALA C 232 17.17 -12.59 -21.68
CA ALA C 232 17.05 -14.03 -21.48
C ALA C 232 15.56 -14.39 -21.49
N PRO C 233 15.18 -15.66 -21.76
CA PRO C 233 13.77 -16.04 -21.81
C PRO C 233 13.06 -15.71 -20.50
N GLU C 234 11.85 -15.15 -20.59
CA GLU C 234 11.05 -14.83 -19.41
C GLU C 234 10.96 -16.03 -18.48
N GLU C 235 10.92 -17.24 -19.05
CA GLU C 235 10.53 -18.43 -18.29
C GLU C 235 11.52 -18.61 -17.15
N LEU C 236 12.83 -18.35 -17.37
CA LEU C 236 13.80 -18.53 -16.31
C LEU C 236 13.84 -17.32 -15.38
N ARG C 237 13.23 -16.21 -15.83
CA ARG C 237 13.13 -15.00 -15.04
C ARG C 237 12.16 -15.25 -13.89
N ASP C 238 11.15 -16.08 -14.17
CA ASP C 238 10.09 -16.41 -13.24
C ASP C 238 10.52 -17.54 -12.30
N LEU C 239 11.61 -18.25 -12.60
CA LEU C 239 11.94 -19.44 -11.82
C LEU C 239 12.29 -19.02 -10.39
N ILE C 240 11.90 -19.84 -9.40
CA ILE C 240 12.35 -19.62 -8.05
C ILE C 240 13.35 -20.72 -7.71
N VAL C 241 14.57 -20.36 -7.30
CA VAL C 241 15.53 -21.39 -6.91
C VAL C 241 15.86 -21.28 -5.43
N VAL C 242 15.49 -22.33 -4.70
CA VAL C 242 15.89 -22.48 -3.34
C VAL C 242 17.12 -23.38 -3.27
N SER C 243 18.27 -22.74 -2.99
CA SER C 243 19.53 -23.41 -2.74
C SER C 243 19.56 -23.82 -1.28
N LEU C 244 19.68 -25.12 -1.01
CA LEU C 244 19.79 -25.62 0.35
C LEU C 244 21.27 -25.66 0.79
N HIS C 245 21.47 -25.75 2.11
CA HIS C 245 22.79 -25.99 2.70
C HIS C 245 22.70 -27.24 3.57
N LEU C 246 23.56 -28.21 3.31
CA LEU C 246 23.48 -29.49 4.02
C LEU C 246 24.59 -29.57 5.09
N LYS C 247 24.20 -30.05 6.29
CA LYS C 247 25.02 -30.04 7.50
C LYS C 247 24.87 -31.35 8.27
N GLY C 248 25.82 -31.65 9.17
CA GLY C 248 25.81 -32.89 9.94
C GLY C 248 26.46 -32.73 11.31
N ARG D 23 -19.99 -53.53 -28.79
CA ARG D 23 -21.15 -52.76 -29.33
C ARG D 23 -20.70 -51.63 -30.30
N TYR D 24 -19.41 -51.21 -30.30
CA TYR D 24 -18.92 -50.18 -31.22
C TYR D 24 -17.51 -50.47 -31.76
N LYS D 25 -17.19 -49.89 -32.91
CA LYS D 25 -15.85 -49.90 -33.44
C LYS D 25 -15.44 -48.48 -33.78
N ALA D 26 -14.13 -48.23 -33.78
CA ALA D 26 -13.57 -46.93 -34.11
C ALA D 26 -12.73 -47.10 -35.35
N GLU D 27 -12.88 -46.19 -36.29
CA GLU D 27 -12.02 -46.12 -37.44
C GLU D 27 -11.57 -44.67 -37.51
N ILE D 28 -10.57 -44.39 -38.34
CA ILE D 28 -10.21 -43.03 -38.72
C ILE D 28 -11.31 -42.44 -39.59
N GLY D 29 -11.84 -41.30 -39.14
CA GLY D 29 -12.73 -40.46 -39.93
C GLY D 29 -11.92 -39.50 -40.79
N SER D 30 -10.89 -38.89 -40.20
CA SER D 30 -10.01 -38.01 -40.94
C SER D 30 -8.77 -37.69 -40.09
N VAL D 31 -7.74 -37.16 -40.76
CA VAL D 31 -6.55 -36.72 -40.09
C VAL D 31 -6.19 -35.31 -40.59
N SER D 32 -5.80 -34.46 -39.63
CA SER D 32 -5.37 -33.10 -39.86
C SER D 32 -3.92 -32.96 -39.36
N PRO D 33 -2.94 -32.50 -40.15
CA PRO D 33 -3.08 -32.34 -41.60
C PRO D 33 -3.17 -33.69 -42.28
N THR D 34 -3.76 -33.68 -43.49
CA THR D 34 -3.95 -34.88 -44.31
C THR D 34 -2.60 -35.51 -44.63
N THR D 35 -1.53 -34.69 -44.65
CA THR D 35 -0.18 -35.15 -44.91
C THR D 35 0.34 -36.10 -43.82
N SER D 36 -0.30 -36.18 -42.64
CA SER D 36 0.19 -37.16 -41.67
C SER D 36 -0.78 -38.33 -41.50
N ARG D 37 -1.69 -38.51 -42.45
CA ARG D 37 -2.57 -39.67 -42.43
C ARG D 37 -1.76 -40.96 -42.38
N ASP D 38 -0.57 -40.98 -42.99
CA ASP D 38 0.24 -42.19 -43.05
C ASP D 38 1.53 -42.04 -42.24
N THR D 39 1.58 -41.09 -41.29
CA THR D 39 2.78 -40.92 -40.47
C THR D 39 2.48 -40.70 -38.98
N PHE D 40 1.21 -40.45 -38.57
CA PHE D 40 0.91 -40.10 -37.19
C PHE D 40 1.38 -41.20 -36.24
N GLU D 41 1.54 -42.44 -36.74
CA GLU D 41 1.97 -43.55 -35.89
C GLU D 41 3.50 -43.53 -35.69
N ASP D 42 4.23 -42.71 -36.43
CA ASP D 42 5.65 -42.51 -36.14
C ASP D 42 5.82 -42.09 -34.68
N HIS D 43 4.80 -41.48 -34.06
CA HIS D 43 4.86 -41.04 -32.68
C HIS D 43 4.51 -42.17 -31.72
N ASP D 44 5.10 -42.18 -30.55
CA ASP D 44 4.89 -43.21 -29.55
C ASP D 44 3.81 -42.79 -28.54
N THR D 45 3.42 -41.50 -28.52
CA THR D 45 2.50 -41.01 -27.49
C THR D 45 1.38 -40.15 -28.07
N CYS D 46 0.14 -40.38 -27.62
CA CYS D 46 -0.95 -39.51 -28.04
C CYS D 46 -1.61 -38.91 -26.80
N PHE D 47 -2.58 -38.02 -27.02
CA PHE D 47 -3.56 -37.76 -25.98
C PHE D 47 -4.95 -37.92 -26.56
N LEU D 48 -5.84 -38.47 -25.74
CA LEU D 48 -7.26 -38.53 -26.03
C LEU D 48 -7.99 -37.39 -25.29
N GLY D 49 -8.66 -36.54 -26.06
CA GLY D 49 -9.48 -35.48 -25.51
C GLY D 49 -10.81 -36.05 -25.09
N VAL D 50 -11.19 -35.77 -23.85
CA VAL D 50 -12.47 -36.22 -23.34
C VAL D 50 -13.37 -35.02 -23.03
N SER D 51 -14.59 -35.08 -23.58
CA SER D 51 -15.64 -34.14 -23.24
C SER D 51 -16.62 -34.76 -22.24
N LEU D 52 -17.09 -33.95 -21.29
CA LEU D 52 -18.01 -34.46 -20.28
C LEU D 52 -19.45 -34.25 -20.75
N GLU D 53 -20.34 -35.13 -20.28
CA GLU D 53 -21.76 -35.12 -20.63
C GLU D 53 -21.89 -35.08 -22.14
N ASN D 54 -21.03 -35.84 -22.81
CA ASN D 54 -21.04 -36.02 -24.25
C ASN D 54 -21.21 -37.52 -24.53
N SER D 55 -22.16 -37.86 -25.40
CA SER D 55 -22.55 -39.25 -25.60
C SER D 55 -21.55 -39.93 -26.54
N ASN D 56 -20.64 -39.16 -27.09
CA ASN D 56 -19.51 -39.80 -27.72
C ASN D 56 -18.61 -40.53 -26.71
N PHE D 57 -18.82 -40.37 -25.40
CA PHE D 57 -17.89 -40.95 -24.42
C PHE D 57 -18.59 -41.94 -23.49
N LYS D 58 -19.64 -42.58 -24.03
CA LYS D 58 -20.32 -43.64 -23.29
C LYS D 58 -19.34 -44.78 -23.10
N PRO D 59 -19.52 -45.60 -22.05
CA PRO D 59 -18.55 -46.65 -21.74
C PRO D 59 -18.10 -47.47 -22.94
N ALA D 60 -19.05 -47.89 -23.78
CA ALA D 60 -18.74 -48.75 -24.93
C ALA D 60 -17.97 -47.99 -26.00
N LYS D 61 -18.22 -46.68 -26.12
CA LYS D 61 -17.50 -45.88 -27.10
C LYS D 61 -16.05 -45.65 -26.70
N VAL D 62 -15.85 -45.40 -25.41
CA VAL D 62 -14.53 -45.31 -24.83
C VAL D 62 -13.75 -46.61 -25.03
N ASP D 63 -14.42 -47.75 -24.83
CA ASP D 63 -13.78 -49.05 -25.00
C ASP D 63 -13.33 -49.19 -26.45
N ALA D 64 -14.15 -48.75 -27.41
CA ALA D 64 -13.78 -48.85 -28.81
C ALA D 64 -12.61 -47.91 -29.12
N MET D 65 -12.59 -46.75 -28.47
CA MET D 65 -11.57 -45.75 -28.76
C MET D 65 -10.22 -46.18 -28.18
N ALA D 66 -10.26 -46.72 -26.94
CA ALA D 66 -9.08 -47.18 -26.23
C ALA D 66 -8.46 -48.38 -26.94
N LYS D 67 -9.31 -49.26 -27.48
CA LYS D 67 -8.85 -50.40 -28.27
C LYS D 67 -8.14 -49.88 -29.49
N TRP D 68 -8.70 -48.88 -30.17
CA TRP D 68 -8.03 -48.33 -31.34
C TRP D 68 -6.67 -47.75 -30.94
N ILE D 69 -6.60 -47.03 -29.83
CA ILE D 69 -5.34 -46.41 -29.38
C ILE D 69 -4.33 -47.48 -29.00
N SER D 70 -4.81 -48.56 -28.36
CA SER D 70 -3.97 -49.66 -27.86
C SER D 70 -3.12 -50.32 -28.96
N ARG D 71 -3.58 -50.30 -30.21
CA ARG D 71 -2.81 -50.88 -31.31
C ARG D 71 -1.75 -49.92 -31.85
N ARG D 72 -1.83 -48.61 -31.58
CA ARG D 72 -0.97 -47.67 -32.31
C ARG D 72 -0.03 -46.88 -31.41
N PHE D 73 -0.28 -46.86 -30.09
CA PHE D 73 0.52 -46.06 -29.16
C PHE D 73 0.72 -46.85 -27.89
N SER D 74 1.91 -46.77 -27.29
CA SER D 74 2.12 -47.49 -26.04
C SER D 74 1.78 -46.57 -24.85
N GLN D 75 1.65 -45.26 -25.12
CA GLN D 75 1.32 -44.27 -24.11
C GLN D 75 0.22 -43.32 -24.58
N CYS D 76 -0.68 -42.97 -23.67
CA CYS D 76 -1.77 -42.07 -23.97
C CYS D 76 -2.12 -41.28 -22.71
N THR D 77 -2.12 -39.95 -22.85
CA THR D 77 -2.69 -39.05 -21.88
C THR D 77 -4.17 -38.88 -22.23
N VAL D 78 -5.01 -39.20 -21.27
CA VAL D 78 -6.44 -38.97 -21.34
C VAL D 78 -6.73 -37.64 -20.67
N LEU D 79 -7.08 -36.65 -21.50
CA LEU D 79 -7.31 -35.29 -21.06
C LEU D 79 -8.79 -35.12 -20.69
N ILE D 80 -9.07 -34.89 -19.41
CA ILE D 80 -10.43 -34.70 -18.93
C ILE D 80 -10.77 -33.20 -19.01
N GLY D 81 -11.74 -32.87 -19.88
CA GLY D 81 -12.21 -31.52 -20.10
C GLY D 81 -13.10 -31.07 -18.95
N ASP D 82 -12.51 -30.97 -17.75
CA ASP D 82 -13.30 -30.68 -16.56
C ASP D 82 -13.54 -29.17 -16.44
N SER D 83 -12.49 -28.42 -16.18
CA SER D 83 -12.59 -26.98 -15.93
C SER D 83 -13.33 -26.24 -17.03
N ILE D 84 -13.10 -26.60 -18.30
CA ILE D 84 -13.72 -25.97 -19.45
C ILE D 84 -15.22 -26.22 -19.49
N HIS D 85 -15.65 -27.38 -18.97
CA HIS D 85 -17.07 -27.71 -18.92
C HIS D 85 -17.88 -26.73 -18.05
N ARG D 86 -17.24 -25.89 -17.23
CA ARG D 86 -17.97 -24.90 -16.42
C ARG D 86 -18.68 -23.89 -17.32
N ILE D 87 -18.18 -23.72 -18.54
CA ILE D 87 -18.69 -22.70 -19.44
C ILE D 87 -19.97 -23.25 -20.06
N THR D 88 -19.95 -24.54 -20.37
CA THR D 88 -21.13 -25.24 -20.83
C THR D 88 -22.24 -25.20 -19.80
N LEU D 89 -21.92 -25.52 -18.54
CA LEU D 89 -22.89 -25.54 -17.45
C LEU D 89 -23.45 -24.13 -17.23
N GLU D 90 -22.56 -23.14 -17.25
CA GLU D 90 -22.96 -21.76 -17.11
C GLU D 90 -24.04 -21.39 -18.13
N SER D 91 -23.93 -21.92 -19.36
CA SER D 91 -24.72 -21.42 -20.48
C SER D 91 -25.99 -22.22 -20.68
N THR D 92 -25.89 -23.55 -20.53
CA THR D 92 -27.00 -24.43 -20.87
C THR D 92 -27.94 -24.60 -19.68
N ARG D 93 -27.45 -24.29 -18.47
CA ARG D 93 -28.22 -24.53 -17.26
C ARG D 93 -28.33 -23.29 -16.37
N SER D 94 -28.00 -22.10 -16.88
CA SER D 94 -28.16 -20.87 -16.13
C SER D 94 -27.71 -21.02 -14.67
N MET D 95 -26.56 -21.68 -14.48
CA MET D 95 -25.99 -21.95 -13.17
C MET D 95 -25.05 -20.83 -12.77
N PRO D 96 -24.96 -20.45 -11.47
CA PRO D 96 -23.94 -19.52 -11.02
C PRO D 96 -22.54 -20.06 -11.27
N PRO D 97 -21.60 -19.19 -11.71
CA PRO D 97 -20.26 -19.64 -12.11
C PRO D 97 -19.60 -20.57 -11.12
N ARG D 98 -19.71 -20.25 -9.82
CA ARG D 98 -18.93 -20.97 -8.83
C ARG D 98 -19.56 -22.36 -8.67
N ALA D 99 -20.86 -22.51 -8.90
CA ALA D 99 -21.47 -23.84 -8.78
C ALA D 99 -21.19 -24.65 -10.05
N ALA D 100 -21.11 -23.94 -11.18
CA ALA D 100 -20.82 -24.57 -12.46
C ALA D 100 -19.44 -25.21 -12.41
N LEU D 101 -18.47 -24.50 -11.80
CA LEU D 101 -17.13 -25.00 -11.64
C LEU D 101 -17.12 -26.26 -10.79
N ASP D 102 -17.73 -26.17 -9.59
CA ASP D 102 -17.79 -27.27 -8.66
C ASP D 102 -18.32 -28.52 -9.35
N ASP D 103 -19.47 -28.42 -10.02
CA ASP D 103 -20.11 -29.55 -10.66
C ASP D 103 -19.26 -30.10 -11.83
N ALA D 104 -18.62 -29.21 -12.60
CA ALA D 104 -17.74 -29.66 -13.67
C ALA D 104 -16.59 -30.51 -13.13
N LEU D 105 -15.91 -30.08 -12.04
CA LEU D 105 -14.79 -30.84 -11.53
C LEU D 105 -15.26 -32.20 -11.02
N ARG D 106 -16.47 -32.26 -10.45
CA ARG D 106 -17.01 -33.50 -9.91
C ARG D 106 -17.31 -34.48 -11.06
N LEU D 107 -17.84 -33.95 -12.17
CA LEU D 107 -18.19 -34.74 -13.34
C LEU D 107 -16.93 -35.36 -13.93
N GLY D 108 -15.85 -34.57 -13.93
CA GLY D 108 -14.53 -35.06 -14.29
C GLY D 108 -14.10 -36.23 -13.42
N ARG D 109 -14.18 -36.06 -12.11
CA ARG D 109 -13.75 -37.13 -11.16
C ARG D 109 -14.57 -38.40 -11.41
N GLU D 110 -15.87 -38.24 -11.63
CA GLU D 110 -16.79 -39.35 -11.86
C GLU D 110 -16.43 -40.08 -13.13
N PHE D 111 -16.09 -39.31 -14.19
CA PHE D 111 -15.68 -39.89 -15.45
C PHE D 111 -14.49 -40.79 -15.18
N VAL D 112 -13.50 -40.27 -14.45
CA VAL D 112 -12.29 -41.02 -14.18
C VAL D 112 -12.66 -42.31 -13.43
N GLU D 113 -13.37 -42.21 -12.30
CA GLU D 113 -13.66 -43.40 -11.50
C GLU D 113 -14.36 -44.44 -12.38
N SER D 114 -15.34 -43.96 -13.15
CA SER D 114 -16.20 -44.82 -13.94
C SER D 114 -15.42 -45.51 -15.04
N ARG D 115 -14.67 -44.73 -15.85
CA ARG D 115 -14.14 -45.28 -17.10
C ARG D 115 -12.75 -45.87 -16.92
N GLN D 116 -12.13 -45.70 -15.76
CA GLN D 116 -10.73 -46.10 -15.62
C GLN D 116 -10.54 -47.61 -15.86
N PRO D 117 -11.40 -48.52 -15.35
CA PRO D 117 -11.25 -49.95 -15.68
C PRO D 117 -11.21 -50.21 -17.19
N VAL D 118 -12.13 -49.61 -17.95
CA VAL D 118 -12.10 -49.76 -19.40
C VAL D 118 -10.69 -49.56 -19.98
N PHE D 119 -10.04 -48.48 -19.55
CA PHE D 119 -8.70 -48.17 -20.01
C PHE D 119 -7.72 -49.23 -19.50
N GLU D 120 -7.92 -49.65 -18.25
CA GLU D 120 -6.97 -50.55 -17.60
C GLU D 120 -7.00 -51.92 -18.27
N SER D 121 -8.09 -52.24 -18.97
CA SER D 121 -8.23 -53.45 -19.77
C SER D 121 -7.12 -53.63 -20.79
N PHE D 122 -6.52 -52.53 -21.28
CA PHE D 122 -5.50 -52.62 -22.31
C PHE D 122 -4.10 -52.37 -21.75
N ARG D 123 -3.95 -52.46 -20.43
CA ARG D 123 -2.70 -52.04 -19.81
C ARG D 123 -1.53 -52.90 -20.32
N ASP D 124 -1.87 -54.08 -20.87
CA ASP D 124 -0.91 -54.93 -21.57
C ASP D 124 -0.15 -54.13 -22.62
N ARG D 125 -0.83 -53.23 -23.34
CA ARG D 125 -0.24 -52.60 -24.51
C ARG D 125 -0.01 -51.10 -24.32
N THR D 126 -0.77 -50.45 -23.44
CA THR D 126 -0.85 -48.99 -23.44
C THR D 126 -0.95 -48.53 -21.99
N LYS D 127 -0.03 -47.64 -21.58
CA LYS D 127 -0.19 -46.92 -20.33
C LYS D 127 -1.03 -45.66 -20.58
N PHE D 128 -2.22 -45.64 -19.97
CA PHE D 128 -3.10 -44.50 -20.01
C PHE D 128 -2.91 -43.71 -18.73
N THR D 129 -2.54 -42.43 -18.86
CA THR D 129 -2.40 -41.50 -17.72
C THR D 129 -3.45 -40.40 -17.82
N PHE D 130 -4.21 -40.15 -16.73
CA PHE D 130 -5.25 -39.12 -16.69
C PHE D 130 -4.67 -37.77 -16.31
N VAL D 131 -4.99 -36.72 -17.09
CA VAL D 131 -4.68 -35.36 -16.68
C VAL D 131 -5.95 -34.54 -16.90
N THR D 132 -6.22 -33.66 -15.95
CA THR D 132 -7.35 -32.76 -16.09
C THR D 132 -6.92 -31.44 -16.73
N CYS D 133 -7.87 -30.86 -17.47
CA CYS D 133 -7.86 -29.47 -17.88
C CYS D 133 -7.64 -28.52 -16.70
N SER D 134 -8.23 -28.79 -15.52
CA SER D 134 -7.96 -27.90 -14.41
C SER D 134 -6.46 -27.97 -14.04
N GLU D 135 -5.83 -29.15 -14.11
CA GLU D 135 -4.41 -29.28 -13.82
C GLU D 135 -3.59 -28.45 -14.80
N VAL D 136 -3.87 -28.53 -16.11
CA VAL D 136 -3.04 -27.89 -17.12
C VAL D 136 -3.24 -26.38 -17.04
N GLN D 137 -4.43 -25.89 -16.69
CA GLN D 137 -4.70 -24.47 -16.54
C GLN D 137 -3.92 -23.88 -15.37
N SER D 138 -3.38 -24.71 -14.47
CA SER D 138 -2.47 -24.27 -13.41
C SER D 138 -1.03 -24.11 -13.90
N TRP D 139 -0.70 -24.54 -15.13
CA TRP D 139 0.65 -24.37 -15.64
C TRP D 139 0.84 -22.94 -16.13
N GLY D 140 2.06 -22.42 -16.04
CA GLY D 140 2.39 -21.14 -16.64
C GLY D 140 2.29 -21.18 -18.17
N LEU D 141 2.53 -22.36 -18.77
CA LEU D 141 2.51 -22.53 -20.22
C LEU D 141 1.10 -22.24 -20.73
N TYR D 142 0.10 -22.62 -19.92
CA TYR D 142 -1.28 -22.34 -20.31
C TYR D 142 -1.54 -20.84 -20.43
N GLY D 143 -1.12 -20.08 -19.42
CA GLY D 143 -1.26 -18.64 -19.43
C GLY D 143 -0.53 -18.05 -20.64
N ASP D 144 0.70 -18.56 -20.91
CA ASP D 144 1.45 -18.17 -22.10
C ASP D 144 0.63 -18.40 -23.37
N TYR D 145 0.12 -19.62 -23.59
CA TYR D 145 -0.57 -19.98 -24.82
C TYR D 145 -1.94 -19.27 -24.89
N HIS D 146 -2.69 -19.19 -23.78
CA HIS D 146 -4.02 -18.59 -23.79
C HIS D 146 -3.97 -17.09 -24.14
N GLU D 147 -2.98 -16.36 -23.60
CA GLU D 147 -2.82 -14.95 -23.96
C GLU D 147 -2.48 -14.77 -25.44
N ARG D 148 -1.65 -15.65 -26.05
CA ARG D 148 -1.33 -15.48 -27.46
C ARG D 148 -2.57 -15.73 -28.31
N LEU D 149 -3.35 -16.77 -27.96
CA LEU D 149 -4.56 -17.06 -28.72
C LEU D 149 -5.54 -15.88 -28.64
N ARG D 150 -5.74 -15.31 -27.45
CA ARG D 150 -6.67 -14.19 -27.31
C ARG D 150 -6.20 -12.97 -28.12
N GLN D 151 -4.88 -12.82 -28.19
CA GLN D 151 -4.26 -11.71 -28.92
C GLN D 151 -4.54 -11.91 -30.40
N HIS D 152 -4.31 -13.13 -30.89
CA HIS D 152 -4.61 -13.42 -32.28
C HIS D 152 -6.09 -13.26 -32.55
N TYR D 153 -6.94 -13.77 -31.65
CA TYR D 153 -8.38 -13.59 -31.77
C TYR D 153 -8.76 -12.11 -31.91
N ASP D 154 -8.15 -11.23 -31.13
CA ASP D 154 -8.55 -9.82 -31.12
C ASP D 154 -8.07 -9.13 -32.40
N GLN D 155 -7.01 -9.60 -33.01
CA GLN D 155 -6.42 -8.84 -34.13
C GLN D 155 -6.71 -9.43 -35.50
N ASP D 156 -7.09 -10.71 -35.56
CA ASP D 156 -7.30 -11.40 -36.84
C ASP D 156 -8.77 -11.79 -37.00
N ALA D 157 -9.48 -11.02 -37.83
CA ALA D 157 -10.92 -11.18 -38.01
C ALA D 157 -11.31 -12.56 -38.52
N ALA D 158 -10.52 -13.12 -39.45
CA ALA D 158 -10.76 -14.40 -40.11
C ALA D 158 -10.60 -15.58 -39.15
N PHE D 159 -9.61 -15.51 -38.24
CA PHE D 159 -9.41 -16.51 -37.20
C PHE D 159 -10.53 -16.41 -36.17
N ARG D 160 -10.83 -15.19 -35.73
CA ARG D 160 -11.87 -14.97 -34.74
C ARG D 160 -13.23 -15.40 -35.29
N GLY D 161 -13.50 -15.19 -36.58
CA GLY D 161 -14.74 -15.63 -37.18
C GLY D 161 -14.89 -17.16 -37.16
N SER D 162 -13.77 -17.86 -37.35
CA SER D 162 -13.74 -19.31 -37.37
C SER D 162 -13.92 -19.85 -35.95
N VAL D 163 -13.29 -19.17 -34.98
CA VAL D 163 -13.44 -19.52 -33.57
C VAL D 163 -14.89 -19.31 -33.13
N GLU D 164 -15.51 -18.21 -33.54
CA GLU D 164 -16.87 -17.93 -33.08
C GLU D 164 -17.93 -18.59 -33.96
N ALA D 165 -17.52 -19.15 -35.10
CA ALA D 165 -18.46 -19.80 -36.04
C ALA D 165 -19.40 -20.76 -35.31
N PHE D 166 -18.86 -21.62 -34.45
CA PHE D 166 -19.71 -22.62 -33.77
C PHE D 166 -20.71 -21.91 -32.86
N GLY D 167 -20.28 -20.83 -32.19
CA GLY D 167 -21.14 -20.14 -31.21
C GLY D 167 -22.42 -19.62 -31.80
N ARG D 168 -22.52 -19.60 -33.13
CA ARG D 168 -23.79 -19.17 -33.77
C ARG D 168 -24.47 -20.39 -34.40
N ASP D 184 -24.67 -11.74 -28.88
CA ASP D 184 -23.23 -11.43 -29.08
C ASP D 184 -22.45 -11.94 -27.88
N HIS D 185 -23.06 -11.90 -26.69
CA HIS D 185 -22.36 -12.33 -25.46
C HIS D 185 -22.28 -13.85 -25.49
N ARG D 186 -23.43 -14.52 -25.58
CA ARG D 186 -23.37 -16.01 -25.70
C ARG D 186 -22.31 -16.35 -26.75
N ILE D 187 -22.13 -15.48 -27.74
CA ILE D 187 -21.22 -15.80 -28.84
C ILE D 187 -19.79 -15.61 -28.37
N ARG D 188 -19.60 -14.76 -27.35
CA ARG D 188 -18.28 -14.49 -26.78
C ARG D 188 -17.92 -15.54 -25.73
N LYS D 189 -18.91 -15.97 -24.94
CA LYS D 189 -18.66 -17.01 -23.95
C LYS D 189 -18.26 -18.31 -24.66
N SER D 190 -18.96 -18.63 -25.75
CA SER D 190 -18.71 -19.85 -26.50
C SER D 190 -17.31 -19.88 -27.11
N SER D 191 -16.87 -18.74 -27.67
CA SER D 191 -15.51 -18.58 -28.13
C SER D 191 -14.48 -18.85 -27.02
N GLU D 192 -14.79 -18.46 -25.77
CA GLU D 192 -13.83 -18.57 -24.69
C GLU D 192 -13.54 -20.05 -24.37
N TYR D 193 -14.60 -20.88 -24.41
CA TYR D 193 -14.46 -22.33 -24.33
C TYR D 193 -13.38 -22.84 -25.29
N PHE D 194 -13.48 -22.43 -26.55
CA PHE D 194 -12.50 -22.89 -27.54
C PHE D 194 -11.10 -22.35 -27.29
N LEU D 195 -10.98 -21.10 -26.80
CA LEU D 195 -9.64 -20.54 -26.65
C LEU D 195 -8.96 -21.22 -25.48
N GLU D 196 -9.70 -21.51 -24.41
CA GLU D 196 -9.19 -22.28 -23.29
C GLU D 196 -8.79 -23.68 -23.77
N GLU D 197 -9.70 -24.37 -24.47
CA GLU D 197 -9.45 -25.70 -25.00
C GLU D 197 -8.21 -25.72 -25.92
N PHE D 198 -8.14 -24.81 -26.92
CA PHE D 198 -7.01 -24.82 -27.85
C PHE D 198 -5.70 -24.61 -27.11
N ALA D 199 -5.73 -23.77 -26.09
CA ALA D 199 -4.48 -23.51 -25.39
C ALA D 199 -4.02 -24.77 -24.65
N ILE D 200 -4.97 -25.50 -24.07
CA ILE D 200 -4.67 -26.75 -23.39
C ILE D 200 -4.11 -27.82 -24.37
N PHE D 201 -4.78 -28.00 -25.52
CA PHE D 201 -4.25 -28.89 -26.55
C PHE D 201 -2.80 -28.54 -26.94
N ALA D 202 -2.47 -27.25 -27.03
CA ALA D 202 -1.10 -26.86 -27.36
C ALA D 202 -0.16 -27.18 -26.18
N CYS D 203 -0.62 -27.03 -24.95
CA CYS D 203 0.19 -27.48 -23.83
C CYS D 203 0.59 -28.96 -23.95
N LEU D 204 -0.32 -29.82 -24.44
CA LEU D 204 -0.07 -31.25 -24.44
C LEU D 204 0.82 -31.56 -25.64
N GLN D 205 0.58 -30.85 -26.75
CA GLN D 205 1.37 -30.98 -27.96
C GLN D 205 2.87 -30.80 -27.66
N ARG D 206 3.18 -29.79 -26.85
CA ARG D 206 4.57 -29.42 -26.58
C ARG D 206 5.19 -30.19 -25.39
N THR D 207 4.41 -30.99 -24.65
CA THR D 207 4.88 -31.63 -23.43
C THR D 207 4.83 -33.14 -23.59
N GLY D 208 4.98 -33.63 -24.82
CA GLY D 208 5.24 -35.03 -25.04
C GLY D 208 4.05 -35.80 -25.61
N SER D 209 3.03 -35.05 -26.08
CA SER D 209 1.78 -35.62 -26.60
C SER D 209 1.43 -34.96 -27.93
N PRO D 210 2.16 -35.27 -29.01
CA PRO D 210 2.01 -34.52 -30.26
C PRO D 210 0.79 -34.90 -31.10
N VAL D 211 0.16 -36.02 -30.81
CA VAL D 211 -0.96 -36.48 -31.63
C VAL D 211 -2.19 -36.47 -30.73
N MET D 212 -3.23 -35.74 -31.14
CA MET D 212 -4.52 -35.74 -30.47
C MET D 212 -5.45 -36.75 -31.14
N VAL D 213 -6.13 -37.55 -30.33
CA VAL D 213 -7.20 -38.41 -30.78
C VAL D 213 -8.49 -37.88 -30.18
N TYR D 214 -9.54 -37.85 -30.98
CA TYR D 214 -10.82 -37.36 -30.52
C TYR D 214 -11.92 -37.85 -31.47
N PRO D 215 -13.11 -38.18 -30.98
CA PRO D 215 -14.18 -38.62 -31.86
C PRO D 215 -14.90 -37.44 -32.48
N GLY D 216 -14.22 -36.73 -33.38
CA GLY D 216 -14.74 -35.51 -33.96
C GLY D 216 -13.62 -34.67 -34.54
N SER D 217 -13.96 -33.54 -35.16
CA SER D 217 -12.93 -32.64 -35.67
C SER D 217 -13.17 -31.24 -35.15
N PHE D 218 -12.19 -30.37 -35.45
CA PHE D 218 -12.19 -29.01 -34.95
C PHE D 218 -11.81 -28.13 -36.14
N SER D 219 -12.80 -27.44 -36.69
CA SER D 219 -12.64 -26.66 -37.89
C SER D 219 -11.40 -25.76 -37.81
N THR D 220 -11.28 -24.98 -36.74
CA THR D 220 -10.21 -24.02 -36.66
C THR D 220 -8.85 -24.74 -36.62
N LEU D 221 -8.79 -25.89 -35.95
CA LEU D 221 -7.50 -26.58 -35.85
C LEU D 221 -7.12 -27.12 -37.22
N SER D 222 -8.12 -27.51 -38.02
CA SER D 222 -7.85 -28.04 -39.34
C SER D 222 -7.33 -26.91 -40.25
N GLU D 223 -7.97 -25.75 -40.15
CA GLU D 223 -7.53 -24.56 -40.88
C GLU D 223 -6.10 -24.18 -40.51
N ILE D 224 -5.79 -24.17 -39.20
CA ILE D 224 -4.44 -23.83 -38.76
C ILE D 224 -3.47 -24.82 -39.37
N ALA D 225 -3.70 -26.13 -39.18
CA ALA D 225 -2.79 -27.12 -39.73
C ALA D 225 -2.62 -26.96 -41.25
N GLN D 226 -3.67 -26.46 -41.92
CA GLN D 226 -3.71 -26.31 -43.38
C GLN D 226 -3.06 -25.02 -43.87
N GLY D 227 -2.64 -24.14 -42.97
CA GLY D 227 -1.87 -22.96 -43.33
C GLY D 227 -2.74 -21.72 -43.54
N LYS D 228 -4.01 -21.80 -43.14
CA LYS D 228 -4.97 -20.75 -43.45
C LYS D 228 -5.05 -19.69 -42.34
N HIS D 229 -4.40 -19.91 -41.18
CA HIS D 229 -4.33 -18.90 -40.13
C HIS D 229 -2.88 -18.75 -39.71
N PRO D 230 -2.02 -18.12 -40.55
CA PRO D 230 -0.57 -18.23 -40.42
C PRO D 230 -0.06 -17.49 -39.19
N GLY D 231 -0.89 -16.59 -38.64
CA GLY D 231 -0.55 -15.87 -37.42
C GLY D 231 -0.86 -16.66 -36.14
N ALA D 232 -1.67 -17.73 -36.23
CA ALA D 232 -2.02 -18.55 -35.06
C ALA D 232 -0.76 -19.22 -34.49
N PRO D 233 -0.73 -19.60 -33.21
CA PRO D 233 0.45 -20.29 -32.66
C PRO D 233 0.90 -21.54 -33.42
N GLU D 234 2.21 -21.62 -33.63
CA GLU D 234 2.84 -22.72 -34.33
C GLU D 234 2.61 -24.03 -33.59
N GLU D 235 2.34 -23.95 -32.28
CA GLU D 235 2.13 -25.12 -31.45
C GLU D 235 0.87 -25.83 -31.91
N LEU D 236 -0.09 -25.07 -32.51
CA LEU D 236 -1.31 -25.65 -33.02
C LEU D 236 -1.14 -26.04 -34.48
N ARG D 237 -0.30 -25.30 -35.18
CA ARG D 237 0.02 -25.60 -36.56
C ARG D 237 0.70 -26.95 -36.65
N ASP D 238 1.44 -27.33 -35.60
CA ASP D 238 2.19 -28.57 -35.52
C ASP D 238 1.35 -29.75 -35.01
N LEU D 239 0.22 -29.44 -34.42
CA LEU D 239 -0.64 -30.45 -33.81
C LEU D 239 -1.21 -31.37 -34.88
N ILE D 240 -1.32 -32.65 -34.51
CA ILE D 240 -1.93 -33.67 -35.36
C ILE D 240 -3.20 -34.14 -34.64
N VAL D 241 -4.32 -34.09 -35.39
CA VAL D 241 -5.61 -34.43 -34.85
C VAL D 241 -6.15 -35.60 -35.65
N VAL D 242 -6.22 -36.77 -34.99
CA VAL D 242 -6.88 -37.95 -35.50
C VAL D 242 -8.33 -37.93 -35.04
N SER D 243 -9.23 -37.56 -35.96
CA SER D 243 -10.66 -37.62 -35.75
C SER D 243 -11.14 -39.06 -35.97
N LEU D 244 -11.54 -39.74 -34.91
CA LEU D 244 -12.15 -41.06 -35.02
C LEU D 244 -13.66 -40.91 -35.27
N HIS D 245 -14.19 -41.81 -36.13
CA HIS D 245 -15.61 -42.02 -36.33
C HIS D 245 -15.97 -43.37 -35.67
N LEU D 246 -16.99 -43.33 -34.81
CA LEU D 246 -17.49 -44.48 -34.08
C LEU D 246 -18.70 -45.05 -34.82
N LYS D 247 -18.82 -46.38 -34.83
CA LYS D 247 -20.01 -46.99 -35.45
C LYS D 247 -20.35 -48.31 -34.78
N GLY D 248 -21.64 -48.65 -34.72
CA GLY D 248 -22.04 -49.96 -34.25
C GLY D 248 -21.55 -51.06 -35.18
N ARG E 23 0.13 59.77 15.34
CA ARG E 23 0.47 59.43 16.75
C ARG E 23 -0.80 58.96 17.49
N TYR E 24 -0.60 57.91 18.30
CA TYR E 24 -1.71 57.19 18.93
C TYR E 24 -1.43 56.90 20.41
N LYS E 25 -2.49 56.49 21.08
CA LYS E 25 -2.48 56.14 22.48
C LYS E 25 -3.24 54.82 22.60
N ALA E 26 -2.78 53.91 23.46
CA ALA E 26 -3.53 52.72 23.78
C ALA E 26 -4.13 52.85 25.16
N GLU E 27 -5.30 52.25 25.35
CA GLU E 27 -5.94 52.15 26.64
C GLU E 27 -6.65 50.80 26.69
N ILE E 28 -7.15 50.42 27.88
CA ILE E 28 -7.91 49.20 28.00
C ILE E 28 -9.30 49.43 27.42
N GLY E 29 -9.67 48.62 26.44
CA GLY E 29 -11.05 48.56 26.01
C GLY E 29 -11.85 47.58 26.87
N SER E 30 -11.23 46.45 27.21
CA SER E 30 -11.92 45.36 27.88
C SER E 30 -10.93 44.26 28.29
N VAL E 31 -11.24 43.55 29.36
CA VAL E 31 -10.42 42.46 29.83
C VAL E 31 -11.33 41.25 29.94
N SER E 32 -10.88 40.10 29.42
CA SER E 32 -11.57 38.82 29.56
C SER E 32 -10.70 37.88 30.39
N PRO E 33 -11.22 37.27 31.49
CA PRO E 33 -12.58 37.53 31.97
C PRO E 33 -12.62 38.89 32.68
N THR E 34 -13.82 39.44 32.93
CA THR E 34 -14.00 40.72 33.61
C THR E 34 -13.41 40.74 35.04
N THR E 35 -13.43 39.57 35.70
CA THR E 35 -12.85 39.42 37.02
C THR E 35 -11.33 39.67 37.04
N SER E 36 -10.61 39.77 35.91
CA SER E 36 -9.19 40.06 36.01
C SER E 36 -8.87 41.47 35.52
N ARG E 37 -9.90 42.30 35.41
CA ARG E 37 -9.67 43.67 34.98
C ARG E 37 -8.71 44.40 35.92
N ASP E 38 -8.68 44.08 37.22
CA ASP E 38 -7.77 44.77 38.12
C ASP E 38 -6.71 43.84 38.71
N THR E 39 -6.57 42.63 38.15
CA THR E 39 -5.59 41.66 38.65
C THR E 39 -4.62 41.20 37.56
N PHE E 40 -4.83 41.58 36.30
CA PHE E 40 -4.01 41.02 35.24
C PHE E 40 -2.56 41.43 35.45
N GLU E 41 -2.36 42.57 36.11
CA GLU E 41 -1.04 43.13 36.29
C GLU E 41 -0.23 42.35 37.34
N ASP E 42 -0.88 41.45 38.08
CA ASP E 42 -0.17 40.51 38.94
C ASP E 42 0.84 39.69 38.15
N HIS E 43 0.62 39.46 36.87
CA HIS E 43 1.55 38.65 36.09
C HIS E 43 2.64 39.56 35.54
N ASP E 44 3.90 39.10 35.48
CA ASP E 44 4.95 39.97 34.95
C ASP E 44 5.31 39.61 33.50
N THR E 45 4.67 38.59 32.86
CA THR E 45 4.82 38.38 31.42
C THR E 45 3.51 38.37 30.62
N CYS E 46 3.55 38.97 29.43
CA CYS E 46 2.41 38.95 28.53
C CYS E 46 2.90 38.46 27.18
N PHE E 47 1.96 38.22 26.27
CA PHE E 47 2.30 38.15 24.86
C PHE E 47 1.39 39.10 24.09
N LEU E 48 1.96 39.76 23.10
CA LEU E 48 1.20 40.62 22.23
C LEU E 48 0.96 39.86 20.95
N GLY E 49 -0.31 39.61 20.58
CA GLY E 49 -0.65 39.03 19.30
C GLY E 49 -0.53 40.07 18.18
N VAL E 50 0.13 39.69 17.09
CA VAL E 50 0.37 40.53 15.94
C VAL E 50 -0.30 39.87 14.75
N SER E 51 -1.22 40.59 14.09
CA SER E 51 -1.80 40.18 12.81
C SER E 51 -1.05 40.82 11.65
N LEU E 52 -0.84 40.10 10.55
CA LEU E 52 -0.09 40.69 9.44
C LEU E 52 -1.08 41.36 8.50
N GLU E 53 -0.60 42.39 7.79
CA GLU E 53 -1.35 43.15 6.80
C GLU E 53 -2.63 43.66 7.45
N ASN E 54 -2.48 44.07 8.71
CA ASN E 54 -3.57 44.53 9.54
C ASN E 54 -3.24 45.95 10.00
N SER E 55 -4.19 46.86 9.81
CA SER E 55 -3.92 48.28 9.95
C SER E 55 -3.85 48.68 11.43
N ASN E 56 -4.23 47.77 12.33
CA ASN E 56 -4.01 48.03 13.73
C ASN E 56 -2.55 47.90 14.12
N PHE E 57 -1.67 47.44 13.21
CA PHE E 57 -0.28 47.22 13.57
C PHE E 57 0.68 48.09 12.79
N LYS E 58 0.21 49.27 12.36
CA LYS E 58 1.09 50.24 11.71
C LYS E 58 2.12 50.77 12.70
N PRO E 59 3.30 51.23 12.23
CA PRO E 59 4.42 51.53 13.12
C PRO E 59 4.04 52.34 14.36
N ALA E 60 3.09 53.27 14.24
CA ALA E 60 2.79 54.17 15.35
C ALA E 60 1.85 53.49 16.33
N LYS E 61 1.04 52.55 15.84
CA LYS E 61 0.10 51.84 16.70
C LYS E 61 0.82 50.80 17.58
N VAL E 62 1.91 50.22 17.07
CA VAL E 62 2.76 49.29 17.79
C VAL E 62 3.52 50.05 18.88
N ASP E 63 4.00 51.25 18.54
CA ASP E 63 4.60 52.15 19.50
C ASP E 63 3.63 52.43 20.67
N ALA E 64 2.38 52.76 20.38
CA ALA E 64 1.40 52.99 21.40
C ALA E 64 1.25 51.73 22.26
N MET E 65 1.17 50.58 21.59
CA MET E 65 0.88 49.33 22.27
C MET E 65 2.10 48.90 23.08
N ALA E 66 3.30 49.09 22.53
CA ALA E 66 4.51 48.70 23.25
C ALA E 66 4.75 49.62 24.45
N LYS E 67 4.34 50.89 24.35
CA LYS E 67 4.44 51.81 25.49
C LYS E 67 3.55 51.34 26.62
N TRP E 68 2.29 51.06 26.30
CA TRP E 68 1.31 50.56 27.27
C TRP E 68 1.84 49.28 27.91
N ILE E 69 2.34 48.35 27.12
CA ILE E 69 2.90 47.12 27.69
C ILE E 69 4.10 47.45 28.59
N SER E 70 4.90 48.41 28.14
CA SER E 70 6.11 48.75 28.85
C SER E 70 5.84 49.25 30.26
N ARG E 71 4.67 49.84 30.51
CA ARG E 71 4.42 50.35 31.84
C ARG E 71 4.04 49.23 32.79
N ARG E 72 3.57 48.09 32.28
CA ARG E 72 2.97 47.06 33.18
C ARG E 72 3.66 45.69 33.18
N PHE E 73 4.55 45.41 32.24
CA PHE E 73 5.21 44.11 32.17
C PHE E 73 6.69 44.28 31.85
N SER E 74 7.55 43.45 32.42
CA SER E 74 8.98 43.49 32.17
C SER E 74 9.41 42.48 31.10
N GLN E 75 8.50 41.58 30.70
CA GLN E 75 8.71 40.70 29.57
C GLN E 75 7.41 40.54 28.78
N CYS E 76 7.57 40.52 27.46
CA CYS E 76 6.46 40.36 26.53
C CYS E 76 6.98 39.53 25.36
N THR E 77 6.30 38.42 25.09
CA THR E 77 6.44 37.69 23.84
C THR E 77 5.56 38.35 22.78
N VAL E 78 6.19 38.69 21.66
CA VAL E 78 5.51 39.22 20.49
C VAL E 78 5.26 38.06 19.55
N LEU E 79 4.01 37.61 19.48
CA LEU E 79 3.64 36.49 18.64
C LEU E 79 3.28 36.98 17.23
N ILE E 80 4.05 36.54 16.24
CA ILE E 80 3.88 36.94 14.84
C ILE E 80 2.96 35.93 14.15
N GLY E 81 1.80 36.39 13.69
CA GLY E 81 0.80 35.51 13.08
C GLY E 81 1.13 35.15 11.64
N ASP E 82 2.35 34.57 11.42
CA ASP E 82 2.84 34.32 10.06
C ASP E 82 2.16 33.09 9.44
N SER E 83 2.36 31.88 9.98
CA SER E 83 1.83 30.70 9.33
C SER E 83 0.32 30.78 9.14
N ILE E 84 -0.40 31.36 10.10
CA ILE E 84 -1.87 31.36 10.05
C ILE E 84 -2.40 32.28 8.96
N HIS E 85 -1.60 33.30 8.56
CA HIS E 85 -1.94 34.26 7.53
C HIS E 85 -2.05 33.60 6.12
N ARG E 86 -1.39 32.44 5.93
CA ARG E 86 -1.46 31.70 4.68
C ARG E 86 -2.92 31.54 4.29
N ILE E 87 -3.79 31.30 5.28
CA ILE E 87 -5.17 30.97 5.05
C ILE E 87 -5.89 32.18 4.50
N THR E 88 -5.46 33.34 5.03
CA THR E 88 -5.99 34.62 4.64
C THR E 88 -5.57 34.85 3.22
N LEU E 89 -4.29 34.61 2.95
CA LEU E 89 -3.73 34.84 1.63
C LEU E 89 -4.42 33.96 0.60
N GLU E 90 -4.64 32.67 0.92
CA GLU E 90 -5.38 31.77 0.03
C GLU E 90 -6.71 32.39 -0.43
N SER E 91 -7.59 32.74 0.53
CA SER E 91 -8.97 33.05 0.21
C SER E 91 -9.10 34.42 -0.47
N THR E 92 -8.41 35.43 0.08
CA THR E 92 -8.60 36.80 -0.35
C THR E 92 -7.90 37.06 -1.68
N ARG E 93 -6.83 36.32 -1.99
CA ARG E 93 -6.04 36.53 -3.20
C ARG E 93 -6.00 35.28 -4.09
N SER E 94 -6.90 34.32 -3.83
CA SER E 94 -7.03 33.11 -4.61
C SER E 94 -5.65 32.58 -5.06
N MET E 95 -4.73 32.42 -4.10
CA MET E 95 -3.36 31.99 -4.36
C MET E 95 -3.22 30.50 -4.07
N PRO E 96 -2.30 29.80 -4.78
CA PRO E 96 -1.95 28.43 -4.44
C PRO E 96 -1.43 28.41 -3.00
N PRO E 97 -1.82 27.39 -2.18
CA PRO E 97 -1.45 27.30 -0.77
C PRO E 97 0.03 27.41 -0.51
N ARG E 98 0.84 26.71 -1.33
CA ARG E 98 2.27 26.69 -1.15
C ARG E 98 2.85 28.10 -1.28
N ALA E 99 2.26 28.97 -2.10
CA ALA E 99 2.86 30.29 -2.29
C ALA E 99 2.29 31.28 -1.26
N ALA E 100 1.02 31.05 -0.86
CA ALA E 100 0.40 31.72 0.27
C ALA E 100 1.27 31.58 1.53
N LEU E 101 1.84 30.37 1.77
CA LEU E 101 2.70 30.15 2.92
C LEU E 101 4.01 30.89 2.78
N ASP E 102 4.74 30.67 1.68
CA ASP E 102 5.95 31.45 1.46
C ASP E 102 5.68 32.94 1.64
N ASP E 103 4.58 33.48 1.13
CA ASP E 103 4.35 34.91 1.27
C ASP E 103 4.03 35.27 2.72
N ALA E 104 3.36 34.36 3.43
CA ALA E 104 2.99 34.59 4.81
C ALA E 104 4.22 34.66 5.71
N LEU E 105 5.22 33.79 5.50
CA LEU E 105 6.43 33.77 6.29
C LEU E 105 7.24 35.04 6.00
N ARG E 106 7.35 35.37 4.72
CA ARG E 106 8.15 36.52 4.32
C ARG E 106 7.59 37.76 5.02
N LEU E 107 6.25 37.90 5.02
CA LEU E 107 5.58 39.06 5.58
C LEU E 107 5.88 39.13 7.08
N GLY E 108 6.00 37.96 7.69
CA GLY E 108 6.36 37.87 9.09
C GLY E 108 7.76 38.43 9.29
N ARG E 109 8.69 38.00 8.46
CA ARG E 109 10.09 38.45 8.60
C ARG E 109 10.16 39.97 8.39
N GLU E 110 9.35 40.48 7.47
CA GLU E 110 9.43 41.90 7.15
C GLU E 110 8.86 42.74 8.28
N PHE E 111 7.89 42.20 9.02
CA PHE E 111 7.30 42.91 10.14
C PHE E 111 8.32 43.02 11.26
N VAL E 112 8.94 41.89 11.60
CA VAL E 112 10.00 41.83 12.57
C VAL E 112 11.12 42.84 12.24
N GLU E 113 11.61 42.90 11.00
CA GLU E 113 12.75 43.75 10.68
C GLU E 113 12.33 45.21 10.81
N SER E 114 11.12 45.53 10.34
CA SER E 114 10.57 46.88 10.40
C SER E 114 10.33 47.34 11.83
N ARG E 115 9.64 46.50 12.64
CA ARG E 115 9.03 46.99 13.87
C ARG E 115 9.93 46.74 15.08
N GLN E 116 11.01 45.97 14.90
CA GLN E 116 11.89 45.62 16.00
C GLN E 116 12.48 46.87 16.68
N PRO E 117 12.99 47.89 15.94
CA PRO E 117 13.52 49.08 16.59
C PRO E 117 12.49 49.72 17.52
N VAL E 118 11.24 49.82 17.07
CA VAL E 118 10.15 50.35 17.88
C VAL E 118 10.06 49.65 19.23
N PHE E 119 10.23 48.32 19.25
CA PHE E 119 10.14 47.55 20.49
C PHE E 119 11.34 47.91 21.36
N GLU E 120 12.50 48.07 20.71
CA GLU E 120 13.80 48.24 21.36
C GLU E 120 13.95 49.62 21.99
N SER E 121 13.15 50.60 21.55
CA SER E 121 12.96 51.86 22.24
C SER E 121 12.67 51.68 23.73
N PHE E 122 12.10 50.52 24.08
CA PHE E 122 11.56 50.34 25.41
C PHE E 122 12.39 49.33 26.19
N ARG E 123 13.58 48.96 25.70
CA ARG E 123 14.31 47.83 26.25
C ARG E 123 14.79 48.09 27.68
N ASP E 124 14.70 49.33 28.15
CA ASP E 124 15.06 49.65 29.51
C ASP E 124 14.02 49.08 30.48
N ARG E 125 12.79 48.88 29.99
CA ARG E 125 11.68 48.53 30.87
C ARG E 125 11.15 47.12 30.60
N THR E 126 11.27 46.65 29.35
CA THR E 126 10.55 45.46 28.89
C THR E 126 11.41 44.71 27.90
N LYS E 127 11.68 43.45 28.18
CA LYS E 127 12.33 42.65 27.16
C LYS E 127 11.28 42.03 26.26
N PHE E 128 11.33 42.41 24.98
CA PHE E 128 10.42 41.90 23.99
C PHE E 128 11.11 40.76 23.26
N THR E 129 10.41 39.62 23.16
CA THR E 129 10.93 38.47 22.44
C THR E 129 9.93 38.12 21.33
N PHE E 130 10.41 37.92 20.08
CA PHE E 130 9.57 37.49 18.98
C PHE E 130 9.48 35.96 18.87
N VAL E 131 8.25 35.43 18.80
CA VAL E 131 8.08 34.03 18.45
C VAL E 131 7.06 34.02 17.33
N THR E 132 7.30 33.19 16.32
CA THR E 132 6.39 33.06 15.21
C THR E 132 5.38 31.93 15.50
N CYS E 133 4.19 32.10 14.95
CA CYS E 133 3.17 31.06 14.89
C CYS E 133 3.71 29.82 14.18
N SER E 134 4.48 29.99 13.09
CA SER E 134 5.08 28.85 12.42
C SER E 134 5.90 28.03 13.44
N GLU E 135 6.72 28.68 14.26
CA GLU E 135 7.56 27.97 15.20
C GLU E 135 6.68 27.24 16.24
N VAL E 136 5.64 27.89 16.73
CA VAL E 136 4.82 27.29 17.77
C VAL E 136 4.05 26.10 17.18
N GLN E 137 3.57 26.17 15.93
CA GLN E 137 2.99 25.02 15.24
C GLN E 137 3.94 23.83 15.08
N SER E 138 5.25 24.00 15.26
CA SER E 138 6.13 22.85 15.29
C SER E 138 6.15 22.12 16.64
N TRP E 139 5.70 22.73 17.74
CA TRP E 139 5.72 22.08 19.06
C TRP E 139 4.72 20.92 19.08
N GLY E 140 5.02 19.80 19.77
CA GLY E 140 3.98 18.82 20.03
C GLY E 140 2.73 19.36 20.77
N LEU E 141 2.90 20.37 21.65
CA LEU E 141 1.82 20.92 22.45
C LEU E 141 0.73 21.50 21.56
N TYR E 142 1.14 22.15 20.46
CA TYR E 142 0.20 22.67 19.47
C TYR E 142 -0.66 21.55 18.89
N GLY E 143 0.04 20.48 18.46
CA GLY E 143 -0.60 19.24 18.05
C GLY E 143 -1.63 18.83 19.09
N ASP E 144 -1.23 18.70 20.36
CA ASP E 144 -2.15 18.30 21.42
C ASP E 144 -3.36 19.21 21.54
N TYR E 145 -3.15 20.54 21.52
CA TYR E 145 -4.23 21.51 21.70
C TYR E 145 -5.14 21.61 20.46
N HIS E 146 -4.56 21.65 19.25
CA HIS E 146 -5.31 21.82 18.00
C HIS E 146 -6.22 20.61 17.78
N GLU E 147 -5.73 19.41 18.12
CA GLU E 147 -6.56 18.22 17.99
C GLU E 147 -7.78 18.30 18.90
N ARG E 148 -7.61 18.73 20.18
CA ARG E 148 -8.75 18.77 21.10
C ARG E 148 -9.73 19.86 20.65
N LEU E 149 -9.22 20.95 20.05
CA LEU E 149 -10.08 22.03 19.59
C LEU E 149 -10.87 21.60 18.35
N ARG E 150 -10.20 20.93 17.41
CA ARG E 150 -10.84 20.44 16.20
C ARG E 150 -11.94 19.45 16.57
N GLN E 151 -11.61 18.61 17.53
CA GLN E 151 -12.57 17.60 18.04
C GLN E 151 -13.74 18.31 18.68
N HIS E 152 -13.48 19.35 19.46
CA HIS E 152 -14.60 19.98 20.15
C HIS E 152 -15.46 20.80 19.17
N TYR E 153 -14.81 21.35 18.15
CA TYR E 153 -15.49 21.97 17.04
C TYR E 153 -16.31 20.94 16.26
N ASP E 154 -15.73 19.77 15.97
CA ASP E 154 -16.53 18.78 15.27
C ASP E 154 -17.78 18.46 16.09
N GLN E 155 -17.50 18.14 17.45
CA GLN E 155 -18.61 17.55 18.28
C GLN E 155 -19.57 18.53 18.94
N ASP E 156 -19.21 19.72 19.26
CA ASP E 156 -20.08 20.61 20.02
C ASP E 156 -20.65 21.67 19.08
N ALA E 157 -21.98 21.71 19.00
CA ALA E 157 -22.67 22.59 18.05
C ALA E 157 -22.56 24.03 18.49
N ALA E 158 -22.80 24.30 19.79
CA ALA E 158 -22.70 25.63 20.38
C ALA E 158 -21.28 26.21 20.25
N PHE E 159 -20.25 25.36 20.39
CA PHE E 159 -18.87 25.82 20.22
C PHE E 159 -18.62 26.10 18.74
N ARG E 160 -19.01 25.11 17.92
CA ARG E 160 -18.82 25.21 16.49
C ARG E 160 -19.46 26.49 15.94
N GLY E 161 -20.62 26.88 16.50
CA GLY E 161 -21.37 28.02 16.00
C GLY E 161 -20.68 29.33 16.38
N SER E 162 -20.23 29.39 17.64
CA SER E 162 -19.42 30.49 18.13
C SER E 162 -18.23 30.72 17.21
N VAL E 163 -17.57 29.64 16.80
CA VAL E 163 -16.31 29.72 16.07
C VAL E 163 -16.57 30.15 14.61
N GLU E 164 -17.66 29.70 13.99
CA GLU E 164 -17.88 30.00 12.58
C GLU E 164 -18.62 31.34 12.41
N ALA E 165 -19.09 31.95 13.53
CA ALA E 165 -19.78 33.23 13.55
C ALA E 165 -19.10 34.35 12.75
N PHE E 166 -17.78 34.27 12.48
CA PHE E 166 -17.13 35.28 11.65
C PHE E 166 -17.27 34.89 10.19
N GLY E 167 -17.11 33.59 9.90
CA GLY E 167 -17.17 33.06 8.54
C GLY E 167 -18.51 33.30 7.85
N ARG E 168 -19.57 33.53 8.64
CA ARG E 168 -20.90 33.78 8.12
C ARG E 168 -20.85 34.99 7.19
N ASP E 169 -20.18 36.06 7.65
CA ASP E 169 -20.07 37.30 6.91
C ASP E 169 -19.36 37.03 5.58
N LEU E 183 -20.52 29.29 0.15
CA LEU E 183 -20.30 27.83 0.24
C LEU E 183 -19.97 27.46 1.68
N ASP E 184 -20.18 26.20 2.04
CA ASP E 184 -19.83 25.75 3.41
C ASP E 184 -18.31 25.57 3.47
N HIS E 185 -17.64 25.79 2.35
CA HIS E 185 -16.17 25.59 2.29
C HIS E 185 -15.47 26.91 2.64
N ARG E 186 -15.97 28.08 2.20
CA ARG E 186 -15.27 29.27 2.67
C ARG E 186 -15.33 29.27 4.20
N ILE E 187 -16.51 28.91 4.74
CA ILE E 187 -16.85 29.13 6.14
C ILE E 187 -16.01 28.20 7.03
N ARG E 188 -15.66 27.00 6.54
CA ARG E 188 -14.84 26.06 7.29
C ARG E 188 -13.36 26.45 7.25
N LYS E 189 -12.84 26.89 6.11
CA LYS E 189 -11.48 27.42 6.04
C LYS E 189 -11.31 28.62 6.97
N SER E 190 -12.34 29.47 7.03
CA SER E 190 -12.40 30.63 7.92
C SER E 190 -12.24 30.23 9.39
N SER E 191 -12.97 29.17 9.79
CA SER E 191 -12.96 28.73 11.17
C SER E 191 -11.59 28.16 11.57
N GLU E 192 -10.91 27.50 10.62
CA GLU E 192 -9.60 26.84 10.88
C GLU E 192 -8.57 27.89 11.31
N TYR E 193 -8.59 29.06 10.67
CA TYR E 193 -7.77 30.15 11.12
C TYR E 193 -7.91 30.30 12.65
N PHE E 194 -9.16 30.28 13.16
CA PHE E 194 -9.39 30.52 14.57
C PHE E 194 -8.92 29.35 15.43
N LEU E 195 -9.11 28.11 14.95
CA LEU E 195 -8.67 26.95 15.70
C LEU E 195 -7.15 26.90 15.72
N GLU E 196 -6.49 27.31 14.62
CA GLU E 196 -5.03 27.31 14.63
C GLU E 196 -4.56 28.34 15.64
N GLU E 197 -5.24 29.48 15.64
CA GLU E 197 -4.91 30.61 16.48
C GLU E 197 -5.17 30.31 17.95
N PHE E 198 -6.33 29.72 18.28
CA PHE E 198 -6.67 29.48 19.68
C PHE E 198 -5.71 28.45 20.26
N ALA E 199 -5.23 27.51 19.43
CA ALA E 199 -4.29 26.50 19.89
C ALA E 199 -2.95 27.15 20.25
N ILE E 200 -2.45 28.01 19.36
CA ILE E 200 -1.25 28.81 19.62
C ILE E 200 -1.35 29.66 20.89
N PHE E 201 -2.44 30.44 21.03
CA PHE E 201 -2.68 31.22 22.23
C PHE E 201 -2.59 30.33 23.48
N ALA E 202 -3.26 29.17 23.44
CA ALA E 202 -3.21 28.22 24.53
C ALA E 202 -1.78 27.77 24.80
N CYS E 203 -0.96 27.50 23.74
CA CYS E 203 0.44 27.14 23.92
C CYS E 203 1.19 28.21 24.72
N LEU E 204 1.03 29.47 24.32
CA LEU E 204 1.76 30.53 25.01
C LEU E 204 1.23 30.71 26.45
N GLN E 205 -0.07 30.56 26.64
CA GLN E 205 -0.68 30.70 27.93
C GLN E 205 -0.02 29.77 28.94
N ARG E 206 0.27 28.54 28.48
CA ARG E 206 0.77 27.48 29.34
C ARG E 206 2.29 27.47 29.41
N THR E 207 2.98 28.30 28.64
CA THR E 207 4.44 28.26 28.66
C THR E 207 5.00 29.63 29.07
N GLY E 208 4.35 30.32 30.01
CA GLY E 208 4.93 31.46 30.72
C GLY E 208 4.35 32.82 30.35
N SER E 209 3.32 32.84 29.49
CA SER E 209 2.72 34.07 29.02
C SER E 209 1.23 34.02 29.27
N PRO E 210 0.74 34.05 30.52
CA PRO E 210 -0.68 33.87 30.78
C PRO E 210 -1.61 35.01 30.35
N VAL E 211 -1.03 36.20 30.07
CA VAL E 211 -1.81 37.37 29.69
C VAL E 211 -1.56 37.71 28.22
N MET E 212 -2.62 37.70 27.43
CA MET E 212 -2.59 38.14 26.04
C MET E 212 -3.07 39.59 25.96
N VAL E 213 -2.37 40.36 25.14
CA VAL E 213 -2.68 41.73 24.81
C VAL E 213 -2.90 41.79 23.31
N TYR E 214 -4.04 42.36 22.92
CA TYR E 214 -4.40 42.37 21.52
C TYR E 214 -5.32 43.55 21.27
N PRO E 215 -5.11 44.34 20.23
CA PRO E 215 -6.02 45.46 19.94
C PRO E 215 -7.34 45.01 19.32
N GLY E 216 -8.22 44.40 20.11
CA GLY E 216 -9.36 43.65 19.57
C GLY E 216 -9.82 42.61 20.59
N SER E 217 -10.98 41.99 20.36
CA SER E 217 -11.50 40.95 21.24
C SER E 217 -11.81 39.70 20.42
N PHE E 218 -11.96 38.57 21.10
CA PHE E 218 -12.23 37.30 20.46
C PHE E 218 -13.48 36.77 21.12
N SER E 219 -14.59 36.73 20.36
CA SER E 219 -15.89 36.35 20.91
C SER E 219 -15.78 35.02 21.64
N THR E 220 -15.21 34.02 20.97
CA THR E 220 -15.23 32.67 21.51
C THR E 220 -14.36 32.58 22.76
N LEU E 221 -13.30 33.40 22.83
CA LEU E 221 -12.39 33.30 23.96
C LEU E 221 -13.09 33.89 25.17
N SER E 222 -13.77 35.02 24.94
CA SER E 222 -14.56 35.65 26.00
C SER E 222 -15.64 34.71 26.55
N GLU E 223 -16.31 33.98 25.64
CA GLU E 223 -17.31 33.01 26.04
C GLU E 223 -16.69 31.89 26.88
N ILE E 224 -15.55 31.33 26.43
CA ILE E 224 -14.90 30.28 27.20
C ILE E 224 -14.55 30.79 28.60
N ALA E 225 -14.08 32.05 28.71
CA ALA E 225 -13.70 32.59 30.01
C ALA E 225 -14.91 32.68 30.94
N GLN E 226 -16.09 32.94 30.36
CA GLN E 226 -17.32 33.13 31.11
C GLN E 226 -18.09 31.82 31.31
N GLY E 227 -17.46 30.67 31.03
CA GLY E 227 -18.05 29.39 31.36
C GLY E 227 -19.12 28.90 30.35
N LYS E 228 -19.29 29.57 29.20
CA LYS E 228 -20.36 29.19 28.27
C LYS E 228 -20.00 27.95 27.44
N HIS E 229 -18.75 27.49 27.50
CA HIS E 229 -18.31 26.37 26.69
C HIS E 229 -17.54 25.37 27.54
N PRO E 230 -18.16 24.78 28.59
CA PRO E 230 -17.43 24.05 29.62
C PRO E 230 -16.60 22.88 29.07
N GLY E 231 -16.80 22.53 27.80
CA GLY E 231 -16.06 21.43 27.20
C GLY E 231 -14.87 21.91 26.37
N ALA E 232 -14.68 23.21 26.26
CA ALA E 232 -13.53 23.69 25.51
C ALA E 232 -12.31 23.53 26.41
N PRO E 233 -11.10 23.48 25.87
CA PRO E 233 -9.90 23.38 26.73
C PRO E 233 -9.82 24.35 27.92
N GLU E 234 -9.48 23.81 29.10
CA GLU E 234 -9.26 24.60 30.29
C GLU E 234 -8.22 25.68 30.04
N GLU E 235 -7.20 25.32 29.25
CA GLU E 235 -6.09 26.20 28.93
C GLU E 235 -6.60 27.55 28.41
N LEU E 236 -7.78 27.56 27.77
CA LEU E 236 -8.32 28.78 27.19
C LEU E 236 -9.26 29.45 28.18
N ARG E 237 -9.85 28.62 29.05
CA ARG E 237 -10.68 29.14 30.13
C ARG E 237 -9.83 29.99 31.06
N ASP E 238 -8.52 29.69 31.13
CA ASP E 238 -7.58 30.32 32.04
C ASP E 238 -6.92 31.55 31.41
N LEU E 239 -7.00 31.69 30.08
CA LEU E 239 -6.29 32.74 29.39
C LEU E 239 -6.88 34.10 29.75
N ILE E 240 -6.05 35.11 30.01
CA ILE E 240 -6.54 36.47 30.14
C ILE E 240 -6.22 37.23 28.85
N VAL E 241 -7.24 37.97 28.33
CA VAL E 241 -7.15 38.77 27.11
C VAL E 241 -7.46 40.23 27.46
N VAL E 242 -6.41 41.05 27.39
CA VAL E 242 -6.54 42.48 27.47
C VAL E 242 -6.71 43.03 26.05
N SER E 243 -7.93 43.45 25.72
CA SER E 243 -8.23 44.08 24.43
C SER E 243 -7.95 45.58 24.55
N LEU E 244 -6.96 46.07 23.80
CA LEU E 244 -6.62 47.49 23.74
C LEU E 244 -7.42 48.22 22.65
N HIS E 245 -7.91 49.42 23.00
CA HIS E 245 -8.43 50.39 22.05
C HIS E 245 -7.34 51.44 21.76
N LEU E 246 -7.07 51.68 20.47
CA LEU E 246 -6.15 52.69 19.98
C LEU E 246 -6.92 53.92 19.53
N LYS E 247 -6.40 55.10 19.87
CA LYS E 247 -7.05 56.37 19.43
C LYS E 247 -6.01 57.45 19.18
N GLY E 248 -6.31 58.40 18.29
CA GLY E 248 -5.49 59.60 18.15
C GLY E 248 -5.46 60.41 19.44
N ARG F 23 -19.91 -41.11 30.61
CA ARG F 23 -20.90 -40.05 30.97
C ARG F 23 -20.26 -38.95 31.84
N TYR F 24 -20.41 -37.71 31.39
CA TYR F 24 -19.84 -36.56 32.08
C TYR F 24 -20.92 -35.53 32.44
N LYS F 25 -20.50 -34.59 33.26
CA LYS F 25 -21.28 -33.46 33.69
C LYS F 25 -20.50 -32.19 33.35
N ALA F 26 -21.20 -31.11 32.92
CA ALA F 26 -20.55 -29.81 32.81
C ALA F 26 -20.97 -28.92 33.97
N GLU F 27 -20.03 -28.09 34.41
CA GLU F 27 -20.30 -27.04 35.37
C GLU F 27 -19.41 -25.84 35.04
N ILE F 28 -19.77 -24.69 35.59
CA ILE F 28 -18.98 -23.47 35.42
C ILE F 28 -17.70 -23.63 36.24
N GLY F 29 -16.56 -23.65 35.55
CA GLY F 29 -15.28 -23.38 36.18
C GLY F 29 -15.09 -21.88 36.48
N SER F 30 -15.48 -21.01 35.54
CA SER F 30 -15.08 -19.62 35.66
C SER F 30 -15.75 -18.75 34.59
N VAL F 31 -15.88 -17.47 34.88
CA VAL F 31 -16.53 -16.60 33.95
C VAL F 31 -15.63 -15.40 33.84
N SER F 32 -15.29 -15.03 32.61
CA SER F 32 -14.54 -13.83 32.32
C SER F 32 -15.47 -12.81 31.64
N PRO F 33 -15.59 -11.56 32.12
CA PRO F 33 -15.11 -11.16 33.45
C PRO F 33 -16.03 -11.76 34.52
N THR F 34 -15.53 -11.84 35.76
CA THR F 34 -16.27 -12.42 36.88
C THR F 34 -17.53 -11.61 37.25
N THR F 35 -17.58 -10.34 36.79
CA THR F 35 -18.74 -9.50 37.00
C THR F 35 -19.99 -10.09 36.31
N SER F 36 -19.80 -10.85 35.22
CA SER F 36 -20.95 -11.37 34.52
C SER F 36 -21.19 -12.82 34.93
N ARG F 37 -20.56 -13.26 36.02
CA ARG F 37 -20.86 -14.59 36.53
C ARG F 37 -22.35 -14.81 36.71
N ASP F 38 -23.10 -13.79 37.16
CA ASP F 38 -24.52 -13.98 37.43
C ASP F 38 -25.42 -13.28 36.40
N THR F 39 -24.85 -12.78 35.30
CA THR F 39 -25.64 -12.01 34.34
C THR F 39 -25.51 -12.54 32.91
N PHE F 40 -24.57 -13.46 32.63
CA PHE F 40 -24.37 -13.98 31.28
C PHE F 40 -25.67 -14.56 30.73
N GLU F 41 -26.51 -15.17 31.59
CA GLU F 41 -27.74 -15.81 31.14
C GLU F 41 -28.78 -14.77 30.74
N ASP F 42 -28.49 -13.48 30.87
CA ASP F 42 -29.38 -12.45 30.34
C ASP F 42 -29.44 -12.59 28.81
N HIS F 43 -28.39 -13.17 28.23
CA HIS F 43 -28.31 -13.31 26.78
C HIS F 43 -29.07 -14.56 26.32
N ASP F 44 -29.59 -14.51 25.11
CA ASP F 44 -30.34 -15.62 24.54
C ASP F 44 -29.49 -16.44 23.56
N THR F 45 -28.35 -15.88 23.07
CA THR F 45 -27.52 -16.66 22.17
C THR F 45 -26.07 -16.77 22.66
N CYS F 46 -25.50 -17.98 22.54
CA CYS F 46 -24.09 -18.16 22.86
C CYS F 46 -23.37 -18.71 21.63
N PHE F 47 -22.06 -18.87 21.73
CA PHE F 47 -21.34 -19.70 20.78
C PHE F 47 -20.45 -20.68 21.55
N LEU F 48 -20.48 -21.93 21.12
CA LEU F 48 -19.60 -22.97 21.62
C LEU F 48 -18.42 -23.10 20.66
N GLY F 49 -17.20 -22.80 21.13
CA GLY F 49 -15.98 -22.99 20.36
C GLY F 49 -15.55 -24.45 20.44
N VAL F 50 -15.38 -25.09 19.28
CA VAL F 50 -14.94 -26.46 19.17
C VAL F 50 -13.53 -26.50 18.59
N SER F 51 -12.61 -27.11 19.34
CA SER F 51 -11.27 -27.43 18.87
C SER F 51 -11.23 -28.85 18.37
N LEU F 52 -10.53 -29.06 17.23
CA LEU F 52 -10.51 -30.34 16.53
C LEU F 52 -9.43 -31.22 17.14
N GLU F 53 -9.62 -32.55 17.07
CA GLU F 53 -8.70 -33.56 17.58
C GLU F 53 -8.34 -33.27 19.03
N ASN F 54 -9.33 -32.79 19.79
CA ASN F 54 -9.18 -32.37 21.16
C ASN F 54 -10.09 -33.26 22.02
N SER F 55 -9.53 -33.76 23.13
CA SER F 55 -10.19 -34.80 23.89
C SER F 55 -11.30 -34.21 24.75
N ASN F 56 -11.36 -32.88 24.84
CA ASN F 56 -12.47 -32.25 25.53
C ASN F 56 -13.75 -32.27 24.67
N PHE F 57 -13.65 -32.71 23.41
CA PHE F 57 -14.80 -32.69 22.51
C PHE F 57 -15.13 -34.10 22.05
N LYS F 58 -14.97 -35.07 22.96
CA LYS F 58 -15.40 -36.44 22.70
C LYS F 58 -16.92 -36.48 22.78
N PRO F 59 -17.57 -37.48 22.15
CA PRO F 59 -19.02 -37.47 21.95
C PRO F 59 -19.82 -37.32 23.24
N ALA F 60 -19.29 -37.88 24.32
CA ALA F 60 -19.92 -37.80 25.62
C ALA F 60 -19.73 -36.43 26.29
N LYS F 61 -18.57 -35.83 26.06
CA LYS F 61 -18.26 -34.51 26.58
C LYS F 61 -19.13 -33.44 25.93
N VAL F 62 -19.51 -33.66 24.66
CA VAL F 62 -20.31 -32.71 23.90
C VAL F 62 -21.75 -32.74 24.40
N ASP F 63 -22.23 -33.95 24.66
CA ASP F 63 -23.54 -34.18 25.24
C ASP F 63 -23.62 -33.35 26.52
N ALA F 64 -22.61 -33.49 27.40
CA ALA F 64 -22.61 -32.78 28.67
C ALA F 64 -22.67 -31.28 28.43
N MET F 65 -21.91 -30.82 27.44
CA MET F 65 -21.77 -29.39 27.21
C MET F 65 -23.05 -28.83 26.58
N ALA F 66 -23.65 -29.60 25.67
CA ALA F 66 -24.89 -29.22 24.99
C ALA F 66 -26.08 -29.25 25.94
N LYS F 67 -26.04 -30.14 26.92
CA LYS F 67 -27.12 -30.19 27.89
C LYS F 67 -27.03 -28.97 28.78
N TRP F 68 -25.81 -28.64 29.19
CA TRP F 68 -25.64 -27.44 29.99
C TRP F 68 -26.08 -26.20 29.21
N ILE F 69 -25.73 -26.14 27.92
CA ILE F 69 -26.10 -24.99 27.10
C ILE F 69 -27.62 -24.95 26.90
N SER F 70 -28.23 -26.12 26.77
CA SER F 70 -29.64 -26.21 26.43
C SER F 70 -30.54 -25.66 27.55
N ARG F 71 -30.08 -25.67 28.79
CA ARG F 71 -30.86 -25.11 29.91
C ARG F 71 -30.72 -23.60 30.03
N ARG F 72 -29.75 -22.96 29.34
CA ARG F 72 -29.51 -21.54 29.54
C ARG F 72 -29.74 -20.69 28.28
N PHE F 73 -29.67 -21.29 27.09
CA PHE F 73 -29.67 -20.52 25.86
C PHE F 73 -30.59 -21.21 24.86
N SER F 74 -31.28 -20.42 24.05
CA SER F 74 -32.22 -20.97 23.10
C SER F 74 -31.59 -20.99 21.71
N GLN F 75 -30.50 -20.23 21.53
CA GLN F 75 -29.70 -20.31 20.31
C GLN F 75 -28.22 -20.46 20.66
N CYS F 76 -27.48 -21.22 19.83
CA CYS F 76 -26.06 -21.50 20.02
C CYS F 76 -25.44 -21.74 18.66
N THR F 77 -24.52 -20.85 18.30
CA THR F 77 -23.62 -21.04 17.18
C THR F 77 -22.47 -21.94 17.63
N VAL F 78 -22.33 -23.09 16.97
CA VAL F 78 -21.22 -23.98 17.18
C VAL F 78 -20.12 -23.67 16.18
N LEU F 79 -19.06 -23.07 16.69
CA LEU F 79 -17.92 -22.64 15.86
C LEU F 79 -16.89 -23.78 15.72
N ILE F 80 -16.74 -24.29 14.51
CA ILE F 80 -15.73 -25.34 14.23
C ILE F 80 -14.38 -24.65 13.99
N GLY F 81 -13.34 -25.13 14.67
CA GLY F 81 -11.98 -24.58 14.55
C GLY F 81 -11.22 -25.25 13.43
N ASP F 82 -11.85 -25.33 12.26
CA ASP F 82 -11.26 -26.05 11.10
C ASP F 82 -10.03 -25.34 10.55
N SER F 83 -10.21 -24.18 9.93
CA SER F 83 -9.07 -23.55 9.26
C SER F 83 -7.89 -23.35 10.20
N ILE F 84 -8.14 -22.98 11.47
CA ILE F 84 -7.07 -22.60 12.39
C ILE F 84 -6.29 -23.85 12.79
N HIS F 85 -6.93 -25.02 12.68
CA HIS F 85 -6.30 -26.28 12.97
C HIS F 85 -5.20 -26.61 11.94
N ARG F 86 -5.16 -25.84 10.84
CA ARG F 86 -4.11 -26.11 9.86
C ARG F 86 -2.77 -25.86 10.55
N ILE F 87 -2.76 -24.92 11.51
CA ILE F 87 -1.51 -24.49 12.13
C ILE F 87 -1.00 -25.62 13.00
N THR F 88 -1.94 -26.29 13.65
CA THR F 88 -1.62 -27.42 14.49
C THR F 88 -0.95 -28.50 13.66
N LEU F 89 -1.60 -28.86 12.54
CA LEU F 89 -1.17 -29.99 11.76
C LEU F 89 0.20 -29.72 11.19
N GLU F 90 0.40 -28.48 10.75
CA GLU F 90 1.68 -28.06 10.24
C GLU F 90 2.79 -28.34 11.26
N SER F 91 2.64 -27.82 12.49
CA SER F 91 3.68 -27.82 13.51
C SER F 91 4.00 -29.22 13.98
N THR F 92 2.95 -29.96 14.33
CA THR F 92 3.07 -31.16 15.15
C THR F 92 3.14 -32.39 14.28
N ARG F 93 2.87 -32.26 12.97
CA ARG F 93 2.98 -33.39 12.04
C ARG F 93 3.89 -33.05 10.85
N SER F 94 4.67 -31.97 10.97
CA SER F 94 5.61 -31.59 9.92
C SER F 94 5.02 -31.82 8.53
N MET F 95 3.87 -31.17 8.26
CA MET F 95 3.03 -31.40 7.09
C MET F 95 3.10 -30.20 6.16
N PRO F 96 3.08 -30.41 4.81
CA PRO F 96 2.92 -29.29 3.87
C PRO F 96 1.65 -28.51 4.21
N PRO F 97 1.71 -27.17 4.25
CA PRO F 97 0.54 -26.35 4.58
C PRO F 97 -0.69 -26.73 3.76
N ARG F 98 -0.50 -26.89 2.45
CA ARG F 98 -1.64 -27.12 1.59
C ARG F 98 -2.33 -28.41 2.04
N ALA F 99 -1.59 -29.45 2.48
CA ALA F 99 -2.27 -30.67 2.93
C ALA F 99 -2.80 -30.54 4.37
N ALA F 100 -2.13 -29.72 5.18
CA ALA F 100 -2.57 -29.42 6.54
C ALA F 100 -3.99 -28.81 6.51
N LEU F 101 -4.20 -27.82 5.60
CA LEU F 101 -5.46 -27.12 5.44
C LEU F 101 -6.53 -28.06 4.90
N ASP F 102 -6.28 -28.72 3.76
CA ASP F 102 -7.20 -29.74 3.31
C ASP F 102 -7.57 -30.72 4.43
N ASP F 103 -6.62 -31.21 5.24
CA ASP F 103 -6.95 -32.16 6.31
C ASP F 103 -7.76 -31.50 7.43
N ALA F 104 -7.36 -30.29 7.82
CA ALA F 104 -8.08 -29.47 8.77
C ALA F 104 -9.57 -29.37 8.41
N LEU F 105 -9.89 -28.98 7.17
CA LEU F 105 -11.30 -28.75 6.80
C LEU F 105 -12.08 -30.06 6.85
N ARG F 106 -11.47 -31.16 6.41
CA ARG F 106 -12.15 -32.45 6.41
C ARG F 106 -12.45 -32.89 7.85
N LEU F 107 -11.50 -32.65 8.77
CA LEU F 107 -11.68 -32.96 10.19
C LEU F 107 -12.84 -32.15 10.75
N GLY F 108 -12.96 -30.87 10.34
CA GLY F 108 -14.09 -30.02 10.66
C GLY F 108 -15.40 -30.63 10.17
N ARG F 109 -15.41 -31.10 8.93
CA ARG F 109 -16.62 -31.77 8.38
C ARG F 109 -16.93 -33.04 9.17
N GLU F 110 -15.91 -33.80 9.57
CA GLU F 110 -16.17 -35.08 10.21
C GLU F 110 -16.71 -34.86 11.62
N PHE F 111 -16.23 -33.80 12.30
CA PHE F 111 -16.79 -33.46 13.58
C PHE F 111 -18.27 -33.14 13.43
N VAL F 112 -18.61 -32.32 12.43
CA VAL F 112 -19.99 -31.93 12.25
C VAL F 112 -20.86 -33.15 11.92
N GLU F 113 -20.35 -34.15 11.18
CA GLU F 113 -21.18 -35.25 10.71
C GLU F 113 -21.44 -36.20 11.87
N SER F 114 -20.42 -36.40 12.73
CA SER F 114 -20.53 -37.29 13.88
C SER F 114 -21.32 -36.65 15.01
N ARG F 115 -21.13 -35.35 15.29
CA ARG F 115 -21.66 -34.78 16.53
C ARG F 115 -23.06 -34.20 16.33
N GLN F 116 -23.43 -33.84 15.10
CA GLN F 116 -24.67 -33.12 14.84
C GLN F 116 -25.86 -33.80 15.52
N PRO F 117 -26.01 -35.14 15.45
CA PRO F 117 -27.04 -35.86 16.21
C PRO F 117 -27.18 -35.42 17.67
N VAL F 118 -26.06 -35.45 18.41
CA VAL F 118 -26.02 -35.13 19.82
C VAL F 118 -26.66 -33.76 20.09
N PHE F 119 -26.39 -32.78 19.20
CA PHE F 119 -26.89 -31.44 19.38
C PHE F 119 -28.39 -31.48 19.09
N GLU F 120 -28.78 -32.34 18.14
CA GLU F 120 -30.17 -32.46 17.74
C GLU F 120 -30.98 -33.26 18.76
N SER F 121 -30.31 -33.93 19.71
CA SER F 121 -30.97 -34.40 20.92
C SER F 121 -31.85 -33.30 21.51
N PHE F 122 -31.33 -32.06 21.48
CA PHE F 122 -31.80 -31.01 22.36
C PHE F 122 -32.63 -29.99 21.60
N ARG F 123 -33.10 -30.33 20.39
CA ARG F 123 -33.66 -29.29 19.52
C ARG F 123 -34.99 -28.78 20.07
N ASP F 124 -35.52 -29.42 21.12
CA ASP F 124 -36.66 -28.86 21.82
C ASP F 124 -36.29 -27.51 22.41
N ARG F 125 -35.09 -27.41 22.95
CA ARG F 125 -34.77 -26.30 23.83
C ARG F 125 -33.91 -25.29 23.09
N THR F 126 -33.09 -25.77 22.16
CA THR F 126 -31.98 -24.99 21.63
C THR F 126 -31.79 -25.33 20.17
N LYS F 127 -31.72 -24.30 19.34
CA LYS F 127 -31.31 -24.43 17.95
C LYS F 127 -29.80 -24.28 17.89
N PHE F 128 -29.12 -25.38 17.55
CA PHE F 128 -27.69 -25.38 17.35
C PHE F 128 -27.42 -25.13 15.86
N THR F 129 -26.65 -24.07 15.55
CA THR F 129 -26.24 -23.70 14.21
C THR F 129 -24.72 -23.87 14.11
N PHE F 130 -24.24 -24.58 13.07
CA PHE F 130 -22.79 -24.73 12.86
C PHE F 130 -22.22 -23.62 11.98
N VAL F 131 -21.15 -22.97 12.45
CA VAL F 131 -20.41 -22.05 11.60
C VAL F 131 -18.93 -22.43 11.68
N THR F 132 -18.24 -22.43 10.53
CA THR F 132 -16.85 -22.81 10.48
C THR F 132 -15.97 -21.56 10.55
N CYS F 133 -14.82 -21.72 11.22
CA CYS F 133 -13.73 -20.75 11.23
C CYS F 133 -13.35 -20.38 9.79
N SER F 134 -13.35 -21.33 8.85
CA SER F 134 -12.97 -20.98 7.50
C SER F 134 -14.00 -20.02 6.87
N GLU F 135 -15.30 -20.24 7.10
CA GLU F 135 -16.30 -19.28 6.61
C GLU F 135 -16.11 -17.91 7.28
N VAL F 136 -15.84 -17.87 8.58
CA VAL F 136 -15.69 -16.59 9.24
C VAL F 136 -14.48 -15.86 8.66
N GLN F 137 -13.38 -16.58 8.34
CA GLN F 137 -12.18 -15.94 7.81
C GLN F 137 -12.40 -15.38 6.41
N SER F 138 -13.51 -15.71 5.75
CA SER F 138 -13.85 -15.09 4.47
C SER F 138 -14.54 -13.72 4.61
N TRP F 139 -14.94 -13.35 5.83
CA TRP F 139 -15.69 -12.12 6.06
C TRP F 139 -14.73 -10.95 6.04
N GLY F 140 -15.13 -9.80 5.52
CA GLY F 140 -14.26 -8.64 5.63
C GLY F 140 -13.98 -8.28 7.09
N LEU F 141 -14.94 -8.58 8.01
CA LEU F 141 -14.84 -8.18 9.41
C LEU F 141 -13.62 -8.85 10.05
N TYR F 142 -13.46 -10.14 9.78
CA TYR F 142 -12.29 -10.91 10.18
C TYR F 142 -11.02 -10.14 9.79
N GLY F 143 -11.01 -9.66 8.54
CA GLY F 143 -9.89 -8.89 7.99
C GLY F 143 -9.61 -7.66 8.86
N ASP F 144 -10.65 -6.88 9.19
CA ASP F 144 -10.54 -5.71 10.05
C ASP F 144 -10.02 -6.07 11.43
N TYR F 145 -10.58 -7.11 12.07
CA TYR F 145 -10.20 -7.39 13.45
C TYR F 145 -8.77 -7.95 13.50
N HIS F 146 -8.43 -8.85 12.56
CA HIS F 146 -7.15 -9.57 12.54
C HIS F 146 -5.99 -8.60 12.31
N GLU F 147 -6.21 -7.62 11.43
CA GLU F 147 -5.17 -6.64 11.19
C GLU F 147 -4.95 -5.82 12.46
N ARG F 148 -6.02 -5.44 13.15
CA ARG F 148 -5.92 -4.61 14.37
C ARG F 148 -5.19 -5.40 15.46
N LEU F 149 -5.45 -6.70 15.54
CA LEU F 149 -4.84 -7.51 16.58
C LEU F 149 -3.35 -7.71 16.30
N ARG F 150 -3.02 -7.95 15.03
CA ARG F 150 -1.64 -8.15 14.60
C ARG F 150 -0.86 -6.87 14.83
N GLN F 151 -1.49 -5.74 14.49
CA GLN F 151 -0.89 -4.44 14.74
C GLN F 151 -0.60 -4.32 16.23
N HIS F 152 -1.58 -4.66 17.08
CA HIS F 152 -1.35 -4.53 18.52
C HIS F 152 -0.27 -5.53 18.99
N TYR F 153 -0.21 -6.71 18.38
CA TYR F 153 0.84 -7.68 18.66
C TYR F 153 2.24 -7.13 18.36
N ASP F 154 2.38 -6.37 17.28
CA ASP F 154 3.69 -5.87 16.90
C ASP F 154 4.08 -4.73 17.84
N GLN F 155 3.04 -3.91 18.23
CA GLN F 155 3.37 -2.65 18.95
C GLN F 155 3.35 -2.75 20.48
N ASP F 156 2.66 -3.71 21.04
CA ASP F 156 2.47 -3.80 22.48
C ASP F 156 3.21 -5.03 23.03
N ALA F 157 4.35 -4.79 23.70
CA ALA F 157 5.15 -5.86 24.25
C ALA F 157 4.33 -6.66 25.25
N ALA F 158 3.58 -5.95 26.11
CA ALA F 158 2.76 -6.53 27.18
C ALA F 158 1.68 -7.48 26.62
N PHE F 159 0.98 -7.03 25.57
CA PHE F 159 -0.03 -7.83 24.91
C PHE F 159 0.62 -9.02 24.22
N ARG F 160 1.79 -8.77 23.61
CA ARG F 160 2.50 -9.76 22.82
C ARG F 160 3.12 -10.86 23.68
N GLY F 161 3.53 -10.56 24.92
CA GLY F 161 4.08 -11.59 25.78
C GLY F 161 3.01 -12.59 26.22
N SER F 162 1.86 -12.02 26.63
CA SER F 162 0.66 -12.75 26.97
C SER F 162 0.33 -13.75 25.87
N VAL F 163 0.31 -13.25 24.63
CA VAL F 163 -0.11 -14.05 23.48
C VAL F 163 0.91 -15.17 23.20
N GLU F 164 2.21 -14.89 23.39
CA GLU F 164 3.23 -15.87 23.03
C GLU F 164 3.58 -16.75 24.24
N ALA F 165 2.92 -16.52 25.39
CA ALA F 165 3.15 -17.23 26.64
C ALA F 165 2.85 -18.73 26.52
N PHE F 166 1.71 -19.11 25.93
CA PHE F 166 1.44 -20.53 25.79
C PHE F 166 2.60 -21.14 25.00
N GLY F 167 3.07 -20.42 23.99
CA GLY F 167 4.06 -20.95 23.06
C GLY F 167 5.48 -21.08 23.62
N ARG F 168 5.66 -20.89 24.94
CA ARG F 168 6.98 -21.00 25.55
C ARG F 168 6.96 -22.08 26.63
N LEU F 183 14.69 -20.81 16.20
CA LEU F 183 14.04 -21.30 17.45
C LEU F 183 12.91 -20.36 17.89
N ASP F 184 12.97 -19.09 17.44
CA ASP F 184 11.94 -18.10 17.70
C ASP F 184 10.78 -18.26 16.72
N HIS F 185 11.11 -18.65 15.47
CA HIS F 185 10.18 -18.63 14.35
C HIS F 185 9.02 -19.62 14.55
N ARG F 186 9.14 -20.58 15.48
CA ARG F 186 8.05 -21.52 15.77
C ARG F 186 7.08 -20.91 16.77
N ILE F 187 7.60 -20.14 17.73
CA ILE F 187 6.75 -19.40 18.67
C ILE F 187 5.74 -18.57 17.88
N ARG F 188 6.24 -17.75 16.94
CA ARG F 188 5.42 -16.75 16.25
C ARG F 188 4.31 -17.47 15.47
N LYS F 189 4.60 -18.59 14.80
CA LYS F 189 3.56 -19.39 14.16
C LYS F 189 2.47 -19.70 15.18
N SER F 190 2.86 -19.99 16.42
CA SER F 190 1.92 -20.38 17.44
C SER F 190 1.09 -19.19 17.92
N SER F 191 1.71 -18.02 18.05
CA SER F 191 0.98 -16.81 18.40
C SER F 191 -0.06 -16.46 17.31
N GLU F 192 0.27 -16.73 16.05
CA GLU F 192 -0.61 -16.52 14.91
C GLU F 192 -1.91 -17.34 15.04
N TYR F 193 -1.86 -18.54 15.66
CA TYR F 193 -3.07 -19.30 15.94
C TYR F 193 -4.01 -18.53 16.87
N PHE F 194 -3.44 -17.91 17.91
CA PHE F 194 -4.23 -17.17 18.87
C PHE F 194 -4.83 -15.91 18.22
N LEU F 195 -4.08 -15.24 17.35
CA LEU F 195 -4.57 -14.03 16.72
C LEU F 195 -5.68 -14.35 15.73
N GLU F 196 -5.55 -15.47 14.99
CA GLU F 196 -6.63 -15.89 14.12
C GLU F 196 -7.89 -16.17 14.95
N GLU F 197 -7.70 -16.91 16.04
CA GLU F 197 -8.79 -17.42 16.87
C GLU F 197 -9.58 -16.27 17.52
N PHE F 198 -8.86 -15.32 18.09
CA PHE F 198 -9.42 -14.19 18.77
C PHE F 198 -10.15 -13.29 17.80
N ALA F 199 -9.64 -13.17 16.57
CA ALA F 199 -10.29 -12.33 15.58
C ALA F 199 -11.68 -12.91 15.25
N ILE F 200 -11.73 -14.24 15.09
CA ILE F 200 -12.97 -14.97 14.88
C ILE F 200 -13.91 -14.81 16.07
N PHE F 201 -13.41 -14.98 17.30
CA PHE F 201 -14.24 -14.84 18.47
C PHE F 201 -14.88 -13.46 18.49
N ALA F 202 -14.09 -12.43 18.12
CA ALA F 202 -14.62 -11.08 18.10
C ALA F 202 -15.69 -10.94 17.01
N CYS F 203 -15.48 -11.58 15.84
CA CYS F 203 -16.52 -11.56 14.82
C CYS F 203 -17.86 -12.08 15.34
N LEU F 204 -17.83 -13.16 16.11
CA LEU F 204 -19.07 -13.80 16.59
C LEU F 204 -19.72 -12.97 17.68
N GLN F 205 -18.87 -12.36 18.50
CA GLN F 205 -19.32 -11.53 19.60
C GLN F 205 -20.15 -10.38 19.05
N ARG F 206 -19.70 -9.83 17.91
CA ARG F 206 -20.35 -8.67 17.32
C ARG F 206 -21.49 -9.01 16.35
N THR F 207 -21.76 -10.29 16.07
CA THR F 207 -22.75 -10.65 15.06
C THR F 207 -23.80 -11.57 15.71
N GLY F 208 -24.10 -11.37 17.00
CA GLY F 208 -25.28 -11.95 17.62
C GLY F 208 -24.99 -12.97 18.72
N SER F 209 -23.71 -13.21 19.03
CA SER F 209 -23.30 -14.28 19.95
C SER F 209 -22.38 -13.71 21.03
N PRO F 210 -22.86 -12.86 21.96
CA PRO F 210 -21.98 -12.19 22.89
C PRO F 210 -21.31 -13.07 23.94
N VAL F 211 -21.81 -14.31 24.16
CA VAL F 211 -21.30 -15.21 25.19
C VAL F 211 -20.63 -16.39 24.48
N MET F 212 -19.33 -16.57 24.73
CA MET F 212 -18.62 -17.77 24.33
C MET F 212 -18.69 -18.83 25.45
N VAL F 213 -19.05 -20.05 25.10
CA VAL F 213 -18.90 -21.20 25.98
C VAL F 213 -17.73 -22.07 25.49
N TYR F 214 -16.89 -22.56 26.42
CA TYR F 214 -15.76 -23.38 26.02
C TYR F 214 -15.27 -24.16 27.22
N PRO F 215 -14.85 -25.43 27.07
CA PRO F 215 -14.29 -26.20 28.17
C PRO F 215 -12.84 -25.80 28.44
N GLY F 216 -12.63 -24.58 28.93
CA GLY F 216 -11.27 -24.11 29.15
C GLY F 216 -11.26 -22.59 29.22
N SER F 217 -10.09 -22.01 29.50
CA SER F 217 -9.98 -20.57 29.65
C SER F 217 -8.93 -20.04 28.67
N PHE F 218 -8.96 -18.73 28.46
CA PHE F 218 -8.04 -18.03 27.58
C PHE F 218 -7.44 -16.88 28.38
N SER F 219 -6.20 -17.08 28.83
CA SER F 219 -5.46 -16.10 29.62
C SER F 219 -5.66 -14.68 29.08
N THR F 220 -5.33 -14.47 27.81
CA THR F 220 -5.24 -13.14 27.24
C THR F 220 -6.62 -12.49 27.18
N LEU F 221 -7.65 -13.29 26.94
CA LEU F 221 -9.00 -12.75 26.81
C LEU F 221 -9.44 -12.29 28.19
N SER F 222 -9.15 -13.13 29.18
CA SER F 222 -9.49 -12.84 30.56
C SER F 222 -8.81 -11.54 30.99
N GLU F 223 -7.53 -11.41 30.63
CA GLU F 223 -6.77 -10.21 30.96
C GLU F 223 -7.43 -9.02 30.28
N ILE F 224 -7.72 -9.12 28.95
CA ILE F 224 -8.36 -8.04 28.23
C ILE F 224 -9.64 -7.59 28.95
N ALA F 225 -10.45 -8.53 29.44
CA ALA F 225 -11.73 -8.17 30.05
C ALA F 225 -11.53 -7.58 31.45
N GLN F 226 -10.39 -7.91 32.10
CA GLN F 226 -9.99 -7.36 33.40
C GLN F 226 -9.30 -6.00 33.26
N GLY F 227 -9.08 -5.55 32.03
CA GLY F 227 -8.57 -4.21 31.77
C GLY F 227 -7.05 -4.17 31.57
N LYS F 228 -6.38 -5.33 31.54
CA LYS F 228 -4.92 -5.34 31.56
C LYS F 228 -4.29 -5.23 30.17
N HIS F 229 -5.03 -4.80 29.15
CA HIS F 229 -4.45 -4.55 27.83
C HIS F 229 -5.33 -3.55 27.09
N PRO F 230 -5.46 -2.33 27.64
CA PRO F 230 -6.49 -1.39 27.18
C PRO F 230 -6.35 -0.98 25.73
N GLY F 231 -5.22 -1.35 25.08
CA GLY F 231 -5.04 -1.08 23.67
C GLY F 231 -5.66 -2.14 22.76
N ALA F 232 -6.05 -3.30 23.33
CA ALA F 232 -6.54 -4.38 22.49
C ALA F 232 -7.97 -4.09 22.07
N PRO F 233 -8.48 -4.70 20.98
CA PRO F 233 -9.86 -4.44 20.55
C PRO F 233 -10.92 -4.48 21.64
N GLU F 234 -11.78 -3.45 21.68
CA GLU F 234 -13.00 -3.39 22.48
C GLU F 234 -13.89 -4.63 22.36
N GLU F 235 -13.89 -5.22 21.16
CA GLU F 235 -14.82 -6.29 20.88
C GLU F 235 -14.49 -7.48 21.80
N LEU F 236 -13.21 -7.58 22.18
CA LEU F 236 -12.75 -8.65 23.04
C LEU F 236 -12.90 -8.29 24.52
N ARG F 237 -12.83 -6.98 24.83
CA ARG F 237 -13.13 -6.48 26.16
C ARG F 237 -14.57 -6.81 26.55
N ASP F 238 -15.51 -6.76 25.59
CA ASP F 238 -16.93 -6.98 25.89
C ASP F 238 -17.30 -8.46 25.83
N LEU F 239 -16.45 -9.29 25.24
CA LEU F 239 -16.72 -10.73 25.14
C LEU F 239 -16.85 -11.32 26.55
N ILE F 240 -17.80 -12.25 26.70
CA ILE F 240 -17.99 -13.05 27.91
C ILE F 240 -17.62 -14.49 27.59
N VAL F 241 -16.70 -15.08 28.39
CA VAL F 241 -16.23 -16.44 28.22
C VAL F 241 -16.67 -17.21 29.46
N VAL F 242 -17.61 -18.13 29.26
CA VAL F 242 -17.95 -19.09 30.29
C VAL F 242 -17.09 -20.33 30.09
N SER F 243 -16.11 -20.54 30.98
CA SER F 243 -15.28 -21.73 30.94
C SER F 243 -15.95 -22.87 31.70
N LEU F 244 -16.31 -23.94 31.00
CA LEU F 244 -16.89 -25.10 31.65
C LEU F 244 -15.80 -26.06 32.16
N HIS F 245 -15.99 -26.64 33.35
CA HIS F 245 -15.19 -27.79 33.76
C HIS F 245 -16.02 -29.05 33.58
N LEU F 246 -15.47 -30.11 32.98
CA LEU F 246 -16.22 -31.37 32.80
C LEU F 246 -15.78 -32.40 33.86
N LYS F 247 -16.66 -33.36 34.22
CA LYS F 247 -16.27 -34.43 35.12
C LYS F 247 -17.14 -35.68 34.91
N GLY F 248 -16.69 -36.82 35.45
CA GLY F 248 -17.54 -38.00 35.55
C GLY F 248 -18.54 -37.88 36.70
N ARG G 23 42.85 33.03 -17.56
CA ARG G 23 42.11 32.33 -18.65
C ARG G 23 42.62 30.91 -18.90
N TYR G 24 41.74 30.11 -19.52
CA TYR G 24 41.85 28.67 -19.61
C TYR G 24 41.24 28.18 -20.93
N LYS G 25 41.74 27.04 -21.38
CA LYS G 25 41.20 26.35 -22.53
C LYS G 25 40.77 24.97 -22.05
N ALA G 26 39.69 24.44 -22.64
CA ALA G 26 39.20 23.10 -22.33
C ALA G 26 39.37 22.21 -23.57
N GLU G 27 39.61 20.94 -23.33
CA GLU G 27 39.78 20.00 -24.39
C GLU G 27 39.32 18.65 -23.85
N ILE G 28 39.05 17.70 -24.74
CA ILE G 28 38.69 16.35 -24.31
C ILE G 28 39.88 15.61 -23.70
N GLY G 29 39.72 15.27 -22.42
CA GLY G 29 40.61 14.35 -21.73
C GLY G 29 40.26 12.90 -22.03
N SER G 30 38.97 12.58 -22.06
CA SER G 30 38.54 11.22 -22.28
C SER G 30 37.01 11.18 -22.46
N VAL G 31 36.54 10.15 -23.17
CA VAL G 31 35.13 9.96 -23.40
C VAL G 31 34.81 8.53 -22.98
N SER G 32 33.82 8.38 -22.07
CA SER G 32 33.21 7.11 -21.71
C SER G 32 31.82 6.97 -22.35
N PRO G 33 31.51 5.88 -23.09
CA PRO G 33 32.51 4.91 -23.54
C PRO G 33 33.40 5.48 -24.63
N THR G 34 34.60 4.88 -24.80
CA THR G 34 35.54 5.25 -25.84
C THR G 34 34.93 5.15 -27.25
N THR G 35 34.02 4.19 -27.43
CA THR G 35 33.35 4.01 -28.69
C THR G 35 32.65 5.32 -29.12
N SER G 36 32.28 6.22 -28.19
CA SER G 36 31.49 7.36 -28.66
C SER G 36 32.32 8.63 -28.72
N ARG G 37 33.64 8.50 -28.87
CA ARG G 37 34.53 9.64 -28.90
C ARG G 37 34.35 10.46 -30.17
N ASP G 38 33.98 9.80 -31.29
CA ASP G 38 33.68 10.52 -32.53
C ASP G 38 32.18 10.54 -32.83
N THR G 39 31.31 10.27 -31.85
CA THR G 39 29.88 10.25 -32.14
C THR G 39 29.06 11.13 -31.19
N PHE G 40 29.61 11.48 -30.03
CA PHE G 40 28.87 12.14 -28.97
C PHE G 40 28.21 13.44 -29.47
N GLU G 41 28.85 14.14 -30.43
CA GLU G 41 28.30 15.36 -31.02
C GLU G 41 27.05 15.12 -31.89
N ASP G 42 26.76 13.87 -32.30
CA ASP G 42 25.48 13.54 -32.90
C ASP G 42 24.32 14.10 -32.06
N HIS G 43 24.47 14.19 -30.74
CA HIS G 43 23.39 14.66 -29.88
C HIS G 43 23.31 16.18 -29.90
N ASP G 44 22.09 16.70 -29.81
CA ASP G 44 21.92 18.15 -29.79
C ASP G 44 21.88 18.71 -28.35
N THR G 45 21.69 17.84 -27.34
CA THR G 45 21.62 18.31 -25.95
C THR G 45 22.64 17.60 -25.06
N CYS G 46 23.30 18.37 -24.17
CA CYS G 46 24.14 17.78 -23.13
C CYS G 46 23.71 18.32 -21.77
N PHE G 47 24.34 17.82 -20.70
CA PHE G 47 24.27 18.46 -19.40
C PHE G 47 25.68 18.62 -18.84
N LEU G 48 25.91 19.77 -18.21
CA LEU G 48 27.15 20.08 -17.54
C LEU G 48 26.87 19.93 -16.03
N GLY G 49 27.59 19.00 -15.41
CA GLY G 49 27.48 18.79 -13.98
C GLY G 49 28.37 19.79 -13.26
N VAL G 50 27.81 20.52 -12.31
CA VAL G 50 28.53 21.53 -11.57
C VAL G 50 28.66 21.10 -10.10
N SER G 51 29.91 21.06 -9.61
CA SER G 51 30.17 20.78 -8.20
C SER G 51 30.43 22.10 -7.49
N LEU G 52 30.00 22.21 -6.24
CA LEU G 52 30.03 23.47 -5.54
C LEU G 52 31.33 23.55 -4.74
N GLU G 53 31.79 24.78 -4.48
CA GLU G 53 33.02 25.01 -3.73
C GLU G 53 34.11 24.13 -4.30
N ASN G 54 34.20 24.10 -5.63
CA ASN G 54 35.13 23.25 -6.35
C ASN G 54 35.86 24.15 -7.36
N SER G 55 37.19 24.04 -7.37
CA SER G 55 38.08 24.98 -8.03
C SER G 55 38.09 24.72 -9.53
N ASN G 56 37.63 23.54 -9.93
CA ASN G 56 37.40 23.28 -11.34
C ASN G 56 36.29 24.16 -11.90
N PHE G 57 35.52 24.87 -11.04
CA PHE G 57 34.36 25.62 -11.49
C PHE G 57 34.48 27.13 -11.23
N LYS G 58 35.71 27.65 -11.22
CA LYS G 58 35.94 29.08 -11.13
C LYS G 58 35.46 29.76 -12.40
N PRO G 59 35.16 31.09 -12.37
CA PRO G 59 34.51 31.74 -13.50
C PRO G 59 35.24 31.54 -14.84
N ALA G 60 36.57 31.57 -14.85
CA ALA G 60 37.28 31.43 -16.12
C ALA G 60 37.26 29.97 -16.58
N LYS G 61 37.24 29.03 -15.65
CA LYS G 61 37.14 27.63 -16.03
C LYS G 61 35.75 27.35 -16.55
N VAL G 62 34.75 28.03 -15.97
CA VAL G 62 33.39 27.95 -16.46
C VAL G 62 33.26 28.51 -17.87
N ASP G 63 33.90 29.64 -18.14
CA ASP G 63 33.93 30.27 -19.45
C ASP G 63 34.60 29.35 -20.46
N ALA G 64 35.72 28.70 -20.09
CA ALA G 64 36.33 27.75 -20.99
C ALA G 64 35.36 26.61 -21.30
N MET G 65 34.64 26.16 -20.27
CA MET G 65 33.79 25.00 -20.44
C MET G 65 32.55 25.37 -21.28
N ALA G 66 31.98 26.55 -21.04
CA ALA G 66 30.80 26.98 -21.76
C ALA G 66 31.13 27.24 -23.23
N LYS G 67 32.36 27.72 -23.52
CA LYS G 67 32.84 27.96 -24.87
C LYS G 67 32.92 26.63 -25.60
N TRP G 68 33.46 25.64 -24.92
CA TRP G 68 33.65 24.35 -25.55
C TRP G 68 32.29 23.74 -25.85
N ILE G 69 31.35 23.90 -24.93
CA ILE G 69 29.99 23.37 -25.12
C ILE G 69 29.28 24.11 -26.26
N SER G 70 29.45 25.43 -26.28
CA SER G 70 28.86 26.32 -27.27
C SER G 70 29.17 25.89 -28.69
N ARG G 71 30.34 25.33 -28.96
CA ARG G 71 30.65 24.94 -30.32
C ARG G 71 29.94 23.64 -30.68
N ARG G 72 29.48 22.83 -29.71
CA ARG G 72 29.08 21.46 -30.05
C ARG G 72 27.59 21.23 -29.81
N PHE G 73 26.97 21.98 -28.89
CA PHE G 73 25.59 21.73 -28.51
C PHE G 73 24.83 23.04 -28.53
N SER G 74 23.57 22.99 -28.99
CA SER G 74 22.70 24.16 -29.03
C SER G 74 21.90 24.27 -27.74
N GLN G 75 21.86 23.18 -26.95
CA GLN G 75 21.21 23.19 -25.65
C GLN G 75 22.08 22.48 -24.62
N CYS G 76 22.11 23.03 -23.40
CA CYS G 76 22.85 22.45 -22.30
C CYS G 76 22.07 22.70 -21.02
N THR G 77 21.75 21.64 -20.28
CA THR G 77 21.25 21.76 -18.91
C THR G 77 22.45 21.82 -17.96
N VAL G 78 22.52 22.88 -17.15
CA VAL G 78 23.54 23.06 -16.14
C VAL G 78 22.93 22.54 -14.84
N LEU G 79 23.46 21.40 -14.40
CA LEU G 79 23.05 20.69 -13.21
C LEU G 79 23.88 21.17 -12.03
N ILE G 80 23.23 21.86 -11.11
CA ILE G 80 23.88 22.45 -9.96
C ILE G 80 23.83 21.42 -8.84
N GLY G 81 25.00 20.94 -8.42
CA GLY G 81 25.10 19.91 -7.39
C GLY G 81 24.86 20.48 -5.98
N ASP G 82 23.62 20.94 -5.71
CA ASP G 82 23.32 21.69 -4.50
C ASP G 82 23.01 20.73 -3.34
N SER G 83 21.93 19.95 -3.43
CA SER G 83 21.49 19.12 -2.31
C SER G 83 22.55 18.10 -1.91
N ILE G 84 23.29 17.55 -2.89
CA ILE G 84 24.30 16.52 -2.62
C ILE G 84 25.49 17.11 -1.87
N HIS G 85 25.69 18.42 -2.02
CA HIS G 85 26.77 19.12 -1.33
C HIS G 85 26.58 19.06 0.20
N ARG G 86 25.34 18.87 0.65
CA ARG G 86 25.06 18.84 2.09
C ARG G 86 25.96 17.81 2.77
N ILE G 87 26.14 16.66 2.11
CA ILE G 87 26.95 15.56 2.61
C ILE G 87 28.40 16.03 2.78
N THR G 88 28.91 16.73 1.79
CA THR G 88 30.28 17.21 1.87
C THR G 88 30.44 18.17 3.04
N LEU G 89 29.48 19.09 3.20
CA LEU G 89 29.50 20.11 4.22
C LEU G 89 29.41 19.47 5.60
N GLU G 90 28.47 18.55 5.73
CA GLU G 90 28.35 17.74 6.93
C GLU G 90 29.71 17.21 7.36
N SER G 91 30.43 16.56 6.41
CA SER G 91 31.57 15.70 6.68
C SER G 91 32.84 16.49 6.99
N THR G 92 33.08 17.55 6.22
CA THR G 92 34.35 18.26 6.27
C THR G 92 34.29 19.47 7.20
N ARG G 93 33.08 19.91 7.55
CA ARG G 93 32.94 21.07 8.41
C ARG G 93 32.08 20.75 9.64
N SER G 94 31.90 19.46 9.94
CA SER G 94 31.23 19.03 11.15
C SER G 94 30.04 19.96 11.43
N MET G 95 29.15 20.03 10.44
CA MET G 95 27.96 20.88 10.48
C MET G 95 26.74 20.01 10.76
N PRO G 96 25.77 20.48 11.57
CA PRO G 96 24.50 19.77 11.70
C PRO G 96 23.88 19.67 10.32
N PRO G 97 23.30 18.49 9.98
CA PRO G 97 22.70 18.27 8.67
C PRO G 97 21.76 19.38 8.18
N ARG G 98 20.94 19.91 9.10
CA ARG G 98 19.93 20.86 8.68
C ARG G 98 20.61 22.18 8.29
N ALA G 99 21.72 22.53 8.95
CA ALA G 99 22.43 23.74 8.53
C ALA G 99 23.25 23.42 7.27
N ALA G 100 23.74 22.17 7.15
CA ALA G 100 24.50 21.76 5.97
C ALA G 100 23.63 21.94 4.72
N LEU G 101 22.37 21.47 4.82
CA LEU G 101 21.41 21.56 3.72
C LEU G 101 21.15 23.02 3.37
N ASP G 102 20.73 23.84 4.34
CA ASP G 102 20.48 25.25 4.07
C ASP G 102 21.66 25.88 3.34
N ASP G 103 22.89 25.67 3.83
CA ASP G 103 24.07 26.28 3.22
C ASP G 103 24.29 25.76 1.78
N ALA G 104 24.18 24.43 1.59
CA ALA G 104 24.32 23.82 0.27
C ALA G 104 23.43 24.53 -0.75
N LEU G 105 22.13 24.74 -0.45
CA LEU G 105 21.21 25.34 -1.41
C LEU G 105 21.54 26.81 -1.65
N ARG G 106 21.84 27.54 -0.57
CA ARG G 106 22.25 28.93 -0.78
C ARG G 106 23.48 28.94 -1.69
N LEU G 107 24.46 28.06 -1.43
CA LEU G 107 25.70 27.99 -2.22
C LEU G 107 25.35 27.75 -3.69
N GLY G 108 24.34 26.90 -3.95
CA GLY G 108 23.86 26.62 -5.30
C GLY G 108 23.19 27.83 -5.95
N ARG G 109 22.44 28.60 -5.16
CA ARG G 109 21.81 29.81 -5.66
C ARG G 109 22.88 30.83 -6.03
N GLU G 110 23.93 30.91 -5.19
CA GLU G 110 24.99 31.90 -5.36
C GLU G 110 25.81 31.60 -6.63
N PHE G 111 26.00 30.31 -6.91
CA PHE G 111 26.71 29.91 -8.12
C PHE G 111 25.92 30.33 -9.35
N VAL G 112 24.62 30.07 -9.34
CA VAL G 112 23.77 30.46 -10.45
C VAL G 112 23.84 31.99 -10.63
N GLU G 113 23.78 32.75 -9.53
CA GLU G 113 23.76 34.21 -9.64
C GLU G 113 25.11 34.70 -10.17
N SER G 114 26.22 34.05 -9.78
CA SER G 114 27.56 34.48 -10.17
C SER G 114 27.83 34.15 -11.63
N ARG G 115 27.56 32.89 -11.99
CA ARG G 115 28.12 32.38 -13.22
C ARG G 115 27.19 32.57 -14.41
N GLN G 116 25.93 32.97 -14.18
CA GLN G 116 24.91 32.96 -15.22
C GLN G 116 25.29 33.90 -16.36
N PRO G 117 25.73 35.15 -16.09
CA PRO G 117 26.26 36.01 -17.16
C PRO G 117 27.32 35.32 -18.04
N VAL G 118 28.22 34.53 -17.45
CA VAL G 118 29.21 33.81 -18.25
C VAL G 118 28.53 32.91 -19.28
N PHE G 119 27.43 32.23 -18.89
CA PHE G 119 26.69 31.35 -19.80
C PHE G 119 25.95 32.18 -20.84
N GLU G 120 25.39 33.31 -20.42
CA GLU G 120 24.60 34.20 -21.28
C GLU G 120 25.45 34.87 -22.35
N SER G 121 26.79 34.89 -22.17
CA SER G 121 27.72 35.30 -23.21
C SER G 121 27.63 34.45 -24.48
N PHE G 122 26.97 33.29 -24.39
CA PHE G 122 26.97 32.31 -25.47
C PHE G 122 25.56 32.05 -25.96
N ARG G 123 24.61 32.86 -25.50
CA ARG G 123 23.22 32.63 -25.81
C ARG G 123 23.02 32.56 -27.32
N ASP G 124 23.94 33.16 -28.09
CA ASP G 124 23.92 33.12 -29.55
C ASP G 124 23.95 31.69 -30.08
N ARG G 125 24.74 30.83 -29.44
CA ARG G 125 24.98 29.49 -29.96
C ARG G 125 24.20 28.46 -29.13
N THR G 126 24.08 28.71 -27.82
CA THR G 126 23.65 27.69 -26.89
C THR G 126 22.68 28.27 -25.86
N LYS G 127 21.55 27.59 -25.68
CA LYS G 127 20.69 27.85 -24.53
C LYS G 127 21.12 26.99 -23.35
N PHE G 128 21.57 27.68 -22.30
CA PHE G 128 21.89 27.10 -21.01
C PHE G 128 20.67 27.24 -20.08
N THR G 129 20.18 26.10 -19.59
CA THR G 129 19.12 26.07 -18.61
C THR G 129 19.69 25.50 -17.31
N PHE G 130 19.35 26.12 -16.18
CA PHE G 130 19.80 25.62 -14.87
C PHE G 130 18.74 24.71 -14.26
N VAL G 131 19.18 23.52 -13.85
CA VAL G 131 18.42 22.60 -13.02
C VAL G 131 19.24 22.24 -11.78
N THR G 132 18.60 22.20 -10.61
CA THR G 132 19.27 21.81 -9.38
C THR G 132 19.04 20.32 -9.08
N CYS G 133 20.06 19.73 -8.45
CA CYS G 133 19.95 18.41 -7.85
C CYS G 133 18.77 18.36 -6.88
N SER G 134 18.47 19.44 -6.14
CA SER G 134 17.33 19.37 -5.23
C SER G 134 16.02 19.24 -6.02
N GLU G 135 15.87 19.94 -7.16
CA GLU G 135 14.74 19.76 -8.06
C GLU G 135 14.63 18.28 -8.46
N VAL G 136 15.76 17.73 -8.93
CA VAL G 136 15.71 16.41 -9.53
C VAL G 136 15.35 15.40 -8.45
N GLN G 137 15.75 15.62 -7.20
CA GLN G 137 15.50 14.65 -6.16
C GLN G 137 14.02 14.69 -5.73
N SER G 138 13.26 15.70 -6.20
CA SER G 138 11.82 15.71 -5.97
C SER G 138 11.07 14.86 -7.00
N TRP G 139 11.73 14.43 -8.08
CA TRP G 139 11.09 13.62 -9.11
C TRP G 139 10.90 12.20 -8.60
N GLY G 140 9.77 11.59 -8.96
CA GLY G 140 9.58 10.18 -8.67
C GLY G 140 10.64 9.32 -9.36
N LEU G 141 11.14 9.78 -10.53
CA LEU G 141 12.10 9.00 -11.29
C LEU G 141 13.37 8.83 -10.45
N TYR G 142 13.76 9.89 -9.73
CA TYR G 142 14.92 9.81 -8.82
C TYR G 142 14.76 8.69 -7.79
N GLY G 143 13.58 8.55 -7.17
CA GLY G 143 13.30 7.47 -6.21
C GLY G 143 13.41 6.09 -6.85
N ASP G 144 12.91 5.94 -8.10
CA ASP G 144 13.05 4.72 -8.87
C ASP G 144 14.53 4.37 -9.00
N TYR G 145 15.35 5.32 -9.48
CA TYR G 145 16.72 5.02 -9.84
C TYR G 145 17.59 4.84 -8.59
N HIS G 146 17.37 5.66 -7.57
CA HIS G 146 18.20 5.68 -6.38
C HIS G 146 18.02 4.36 -5.66
N GLU G 147 16.78 3.86 -5.67
CA GLU G 147 16.48 2.59 -5.03
C GLU G 147 17.16 1.43 -5.74
N ARG G 148 17.11 1.42 -7.08
CA ARG G 148 17.74 0.34 -7.84
C ARG G 148 19.25 0.33 -7.57
N LEU G 149 19.89 1.50 -7.53
CA LEU G 149 21.31 1.64 -7.25
C LEU G 149 21.68 1.15 -5.85
N ARG G 150 20.99 1.68 -4.84
CA ARG G 150 21.12 1.28 -3.44
C ARG G 150 20.99 -0.24 -3.28
N GLN G 151 20.07 -0.84 -3.93
CA GLN G 151 19.88 -2.32 -3.87
C GLN G 151 21.06 -3.01 -4.53
N HIS G 152 21.50 -2.48 -5.71
CA HIS G 152 22.64 -3.09 -6.33
C HIS G 152 23.89 -2.89 -5.47
N TYR G 153 23.94 -1.79 -4.71
CA TYR G 153 25.01 -1.48 -3.77
C TYR G 153 25.01 -2.53 -2.65
N ASP G 154 23.84 -2.71 -2.01
CA ASP G 154 23.67 -3.71 -0.96
C ASP G 154 24.19 -5.09 -1.40
N GLN G 155 23.84 -5.48 -2.69
CA GLN G 155 24.02 -6.89 -3.11
C GLN G 155 25.24 -7.24 -3.96
N ASP G 156 25.96 -6.30 -4.50
CA ASP G 156 27.02 -6.61 -5.44
C ASP G 156 28.34 -6.08 -4.88
N ALA G 157 29.17 -7.02 -4.40
CA ALA G 157 30.44 -6.69 -3.78
C ALA G 157 31.28 -5.85 -4.73
N ALA G 158 31.39 -6.26 -5.99
CA ALA G 158 32.25 -5.57 -6.94
C ALA G 158 31.80 -4.11 -7.18
N PHE G 159 30.48 -3.89 -7.33
CA PHE G 159 29.92 -2.54 -7.56
C PHE G 159 30.05 -1.68 -6.30
N ARG G 160 29.80 -2.25 -5.13
CA ARG G 160 29.92 -1.52 -3.87
C ARG G 160 31.38 -1.10 -3.63
N GLY G 161 32.32 -1.98 -3.96
CA GLY G 161 33.72 -1.66 -3.74
C GLY G 161 34.18 -0.49 -4.60
N SER G 162 33.72 -0.46 -5.86
CA SER G 162 34.06 0.60 -6.79
C SER G 162 33.51 1.94 -6.27
N VAL G 163 32.28 1.91 -5.75
CA VAL G 163 31.60 3.11 -5.28
C VAL G 163 32.21 3.62 -3.97
N GLU G 164 32.79 2.75 -3.14
CA GLU G 164 33.35 3.30 -1.88
C GLU G 164 34.87 3.50 -2.00
N ALA G 165 35.41 3.32 -3.19
CA ALA G 165 36.85 3.52 -3.43
C ALA G 165 37.30 4.93 -3.07
N PHE G 166 36.47 5.94 -3.37
CA PHE G 166 36.88 7.31 -3.07
C PHE G 166 36.91 7.52 -1.56
N GLY G 167 36.08 6.78 -0.82
CA GLY G 167 36.14 6.79 0.62
C GLY G 167 37.30 5.97 1.21
N ARG G 168 38.47 5.98 0.53
CA ARG G 168 39.61 5.19 0.96
C ARG G 168 40.87 5.63 0.17
N ASP G 184 34.58 3.80 9.68
CA ASP G 184 33.67 2.73 9.19
C ASP G 184 32.41 3.34 8.58
N HIS G 185 31.76 4.20 9.44
CA HIS G 185 30.47 4.81 9.01
C HIS G 185 30.78 5.93 8.01
N ARG G 186 31.88 6.61 8.10
CA ARG G 186 32.15 7.69 7.15
C ARG G 186 32.05 7.15 5.72
N ILE G 187 32.59 5.94 5.52
CA ILE G 187 32.68 5.27 4.23
C ILE G 187 31.29 5.24 3.56
N ARG G 188 30.26 4.78 4.29
CA ARG G 188 28.92 4.66 3.73
C ARG G 188 28.32 6.04 3.46
N LYS G 189 28.62 7.05 4.28
CA LYS G 189 28.16 8.40 3.96
C LYS G 189 28.80 8.89 2.66
N SER G 190 30.10 8.62 2.46
CA SER G 190 30.75 8.92 1.20
C SER G 190 30.05 8.27 0.02
N SER G 191 29.94 6.93 0.06
CA SER G 191 29.13 6.16 -0.87
C SER G 191 27.80 6.84 -1.21
N GLU G 192 27.00 7.29 -0.22
CA GLU G 192 25.66 7.80 -0.46
C GLU G 192 25.68 9.00 -1.40
N TYR G 193 26.75 9.81 -1.36
CA TYR G 193 26.88 10.98 -2.21
C TYR G 193 26.83 10.54 -3.67
N PHE G 194 27.58 9.47 -3.99
CA PHE G 194 27.67 8.95 -5.35
C PHE G 194 26.37 8.28 -5.78
N LEU G 195 25.67 7.59 -4.86
CA LEU G 195 24.42 6.94 -5.22
C LEU G 195 23.38 8.01 -5.52
N GLU G 196 23.42 9.14 -4.79
CA GLU G 196 22.51 10.24 -5.09
C GLU G 196 22.87 10.84 -6.44
N GLU G 197 24.15 11.17 -6.63
CA GLU G 197 24.66 11.77 -7.87
C GLU G 197 24.33 10.96 -9.13
N PHE G 198 24.63 9.66 -9.08
CA PHE G 198 24.47 8.78 -10.21
C PHE G 198 22.99 8.64 -10.57
N ALA G 199 22.11 8.70 -9.56
CA ALA G 199 20.68 8.57 -9.78
C ALA G 199 20.18 9.82 -10.53
N ILE G 200 20.75 10.98 -10.20
CA ILE G 200 20.41 12.24 -10.84
C ILE G 200 20.95 12.29 -12.28
N PHE G 201 22.17 11.79 -12.48
CA PHE G 201 22.73 11.68 -13.83
C PHE G 201 21.82 10.79 -14.69
N ALA G 202 21.34 9.68 -14.14
CA ALA G 202 20.47 8.82 -14.90
C ALA G 202 19.18 9.59 -15.24
N CYS G 203 18.65 10.37 -14.27
CA CYS G 203 17.41 11.11 -14.53
C CYS G 203 17.55 12.04 -15.73
N LEU G 204 18.70 12.71 -15.82
CA LEU G 204 18.96 13.64 -16.90
C LEU G 204 19.21 12.86 -18.20
N GLN G 205 19.95 11.75 -18.12
CA GLN G 205 20.26 10.94 -19.28
C GLN G 205 18.97 10.58 -20.02
N ARG G 206 17.93 10.23 -19.25
CA ARG G 206 16.66 9.71 -19.82
C ARG G 206 15.60 10.78 -20.06
N THR G 207 15.88 12.04 -19.74
CA THR G 207 14.89 13.11 -19.97
C THR G 207 15.44 14.19 -20.90
N GLY G 208 16.27 13.82 -21.88
CA GLY G 208 16.60 14.73 -22.96
C GLY G 208 18.06 15.16 -23.04
N SER G 209 18.91 14.66 -22.13
CA SER G 209 20.31 15.04 -21.97
C SER G 209 21.19 13.80 -21.91
N PRO G 210 21.38 13.12 -23.06
CA PRO G 210 22.11 11.86 -23.05
C PRO G 210 23.62 11.97 -22.82
N VAL G 211 24.18 13.17 -22.90
CA VAL G 211 25.62 13.33 -22.84
C VAL G 211 25.95 14.20 -21.66
N MET G 212 26.83 13.73 -20.77
CA MET G 212 27.27 14.57 -19.67
C MET G 212 28.66 15.12 -19.99
N VAL G 213 28.86 16.40 -19.62
CA VAL G 213 30.14 17.07 -19.75
C VAL G 213 30.57 17.42 -18.34
N TYR G 214 31.85 17.21 -18.02
CA TYR G 214 32.32 17.42 -16.67
C TYR G 214 33.85 17.50 -16.67
N PRO G 215 34.48 18.41 -15.89
CA PRO G 215 35.94 18.48 -15.83
C PRO G 215 36.52 17.41 -14.90
N GLY G 216 36.49 16.14 -15.33
CA GLY G 216 36.82 15.01 -14.47
C GLY G 216 36.10 13.75 -14.93
N SER G 217 36.44 12.64 -14.30
CA SER G 217 35.92 11.34 -14.70
C SER G 217 35.35 10.67 -13.47
N PHE G 218 34.63 9.57 -13.70
CA PHE G 218 33.91 8.89 -12.64
C PHE G 218 34.10 7.40 -12.87
N SER G 219 35.05 6.82 -12.14
CA SER G 219 35.45 5.41 -12.32
C SER G 219 34.26 4.48 -12.50
N THR G 220 33.36 4.50 -11.55
CA THR G 220 32.22 3.58 -11.57
C THR G 220 31.47 3.74 -12.90
N LEU G 221 31.34 4.98 -13.40
CA LEU G 221 30.48 5.24 -14.55
C LEU G 221 31.21 4.67 -15.75
N SER G 222 32.52 4.97 -15.85
CA SER G 222 33.31 4.43 -16.94
C SER G 222 33.25 2.91 -16.93
N GLU G 223 33.37 2.31 -15.74
CA GLU G 223 33.25 0.87 -15.57
C GLU G 223 31.88 0.40 -16.07
N ILE G 224 30.78 1.07 -15.65
CA ILE G 224 29.45 0.63 -16.06
C ILE G 224 29.34 0.65 -17.59
N ALA G 225 29.90 1.67 -18.24
CA ALA G 225 29.90 1.82 -19.70
C ALA G 225 30.78 0.80 -20.43
N GLN G 226 31.88 0.37 -19.79
CA GLN G 226 32.81 -0.62 -20.34
C GLN G 226 32.30 -2.06 -20.17
N GLY G 227 31.24 -2.28 -19.38
CA GLY G 227 30.59 -3.57 -19.29
C GLY G 227 30.87 -4.29 -17.96
N LYS G 228 31.57 -3.64 -17.03
CA LYS G 228 32.17 -4.37 -15.92
C LYS G 228 31.25 -4.40 -14.70
N HIS G 229 30.01 -3.88 -14.84
CA HIS G 229 29.01 -4.03 -13.79
C HIS G 229 27.67 -4.27 -14.46
N PRO G 230 27.46 -5.49 -15.04
CA PRO G 230 26.34 -5.70 -15.97
C PRO G 230 24.99 -5.67 -15.27
N GLY G 231 25.04 -5.70 -13.93
CA GLY G 231 23.85 -5.63 -13.10
C GLY G 231 23.41 -4.20 -12.77
N ALA G 232 24.30 -3.21 -13.01
CA ALA G 232 23.99 -1.83 -12.65
C ALA G 232 22.99 -1.27 -13.66
N PRO G 233 22.16 -0.28 -13.27
CA PRO G 233 21.17 0.31 -14.17
C PRO G 233 21.63 0.58 -15.63
N GLU G 234 20.81 0.16 -16.60
CA GLU G 234 21.13 0.37 -18.03
C GLU G 234 21.15 1.86 -18.36
N GLU G 235 20.39 2.65 -17.63
CA GLU G 235 20.39 4.10 -17.81
C GLU G 235 21.82 4.64 -17.69
N LEU G 236 22.60 4.06 -16.77
CA LEU G 236 23.96 4.51 -16.55
C LEU G 236 24.90 3.93 -17.62
N ARG G 237 24.57 2.74 -18.14
CA ARG G 237 25.34 2.07 -19.16
C ARG G 237 25.17 2.76 -20.51
N ASP G 238 24.11 3.55 -20.66
CA ASP G 238 23.77 4.28 -21.87
C ASP G 238 24.38 5.68 -21.85
N LEU G 239 24.76 6.15 -20.66
CA LEU G 239 25.20 7.53 -20.45
C LEU G 239 26.56 7.73 -21.11
N ILE G 240 26.74 8.90 -21.76
CA ILE G 240 28.03 9.25 -22.34
C ILE G 240 28.58 10.36 -21.46
N VAL G 241 29.86 10.21 -21.05
CA VAL G 241 30.52 11.20 -20.24
C VAL G 241 31.76 11.70 -20.96
N VAL G 242 31.71 12.98 -21.30
CA VAL G 242 32.86 13.71 -21.83
C VAL G 242 33.57 14.36 -20.65
N SER G 243 34.72 13.78 -20.29
CA SER G 243 35.57 14.38 -19.28
C SER G 243 36.40 15.50 -19.92
N LEU G 244 36.18 16.75 -19.51
CA LEU G 244 37.03 17.85 -19.97
C LEU G 244 38.26 17.99 -19.06
N HIS G 245 39.39 18.35 -19.79
CA HIS G 245 40.67 18.70 -19.12
C HIS G 245 40.87 20.19 -19.36
N LEU G 246 41.05 20.95 -18.23
CA LEU G 246 41.25 22.39 -18.37
C LEU G 246 42.72 22.74 -18.20
N LYS G 247 43.23 23.65 -19.06
CA LYS G 247 44.61 24.11 -19.04
C LYS G 247 44.67 25.63 -19.12
N GLY G 248 45.75 26.20 -18.55
CA GLY G 248 46.07 27.61 -18.75
C GLY G 248 46.51 27.90 -20.17
N ARG H 23 40.72 15.65 29.33
CA ARG H 23 39.97 15.83 28.06
C ARG H 23 39.22 14.55 27.67
N TYR H 24 38.04 14.73 27.06
CA TYR H 24 37.10 13.63 26.88
C TYR H 24 36.53 13.60 25.46
N LYS H 25 35.99 12.43 25.14
CA LYS H 25 35.23 12.17 23.93
C LYS H 25 33.86 11.67 24.37
N ALA H 26 32.80 12.22 23.77
CA ALA H 26 31.46 11.73 23.97
C ALA H 26 31.10 10.83 22.79
N GLU H 27 30.39 9.74 23.07
CA GLU H 27 29.78 8.92 22.03
C GLU H 27 28.42 8.43 22.51
N ILE H 28 27.56 8.03 21.57
CA ILE H 28 26.31 7.40 21.96
C ILE H 28 26.68 6.23 22.87
N GLY H 29 25.93 6.08 23.98
CA GLY H 29 25.95 4.90 24.84
C GLY H 29 24.65 4.10 24.77
N SER H 30 23.54 4.79 24.54
CA SER H 30 22.25 4.13 24.46
C SER H 30 21.22 5.19 24.04
N VAL H 31 20.08 4.70 23.50
CA VAL H 31 19.00 5.50 22.95
C VAL H 31 17.67 4.86 23.33
N SER H 32 16.83 5.64 24.01
CA SER H 32 15.46 5.27 24.33
C SER H 32 14.48 6.10 23.50
N PRO H 33 13.54 5.46 22.73
CA PRO H 33 13.53 4.00 22.53
C PRO H 33 14.62 3.56 21.55
N THR H 34 14.91 2.25 21.55
CA THR H 34 15.94 1.68 20.70
C THR H 34 15.67 2.01 19.24
N THR H 35 14.40 1.92 18.83
CA THR H 35 13.98 2.19 17.46
C THR H 35 14.31 3.61 17.02
N SER H 36 14.67 4.53 17.93
CA SER H 36 15.01 5.88 17.51
C SER H 36 16.52 6.03 17.36
N ARG H 37 17.24 4.91 17.52
CA ARG H 37 18.70 4.93 17.44
C ARG H 37 19.15 5.67 16.17
N ASP H 38 18.51 5.42 15.04
CA ASP H 38 19.01 5.91 13.76
C ASP H 38 18.09 6.98 13.16
N THR H 39 17.01 7.37 13.84
CA THR H 39 16.19 8.48 13.34
C THR H 39 16.37 9.76 14.16
N PHE H 40 16.94 9.72 15.38
CA PHE H 40 16.88 10.88 16.26
C PHE H 40 17.63 12.04 15.61
N GLU H 41 18.63 11.74 14.75
CA GLU H 41 19.42 12.74 14.02
C GLU H 41 18.62 13.51 12.96
N ASP H 42 17.36 13.10 12.72
CA ASP H 42 16.44 13.82 11.84
C ASP H 42 15.90 15.13 12.45
N HIS H 43 15.87 15.25 13.79
CA HIS H 43 15.51 16.48 14.47
C HIS H 43 16.73 17.39 14.48
N ASP H 44 16.52 18.71 14.56
CA ASP H 44 17.61 19.67 14.56
C ASP H 44 17.70 20.44 15.89
N THR H 45 16.95 20.01 16.91
CA THR H 45 16.88 20.70 18.19
C THR H 45 16.94 19.65 19.30
N CYS H 46 17.77 19.89 20.32
CA CYS H 46 17.72 18.99 21.47
C CYS H 46 17.65 19.78 22.78
N PHE H 47 17.46 19.09 23.89
CA PHE H 47 17.80 19.71 25.16
C PHE H 47 18.81 18.84 25.87
N LEU H 48 19.68 19.52 26.62
CA LEU H 48 20.69 18.86 27.43
C LEU H 48 20.30 19.05 28.90
N GLY H 49 19.92 17.95 29.55
CA GLY H 49 19.68 17.97 30.98
C GLY H 49 20.99 18.14 31.74
N VAL H 50 21.04 19.08 32.69
CA VAL H 50 22.26 19.33 33.44
C VAL H 50 21.98 19.20 34.93
N SER H 51 22.65 18.25 35.60
CA SER H 51 22.49 18.02 37.04
C SER H 51 23.58 18.78 37.78
N LEU H 52 23.22 19.42 38.91
CA LEU H 52 24.19 20.21 39.67
C LEU H 52 24.99 19.34 40.65
N GLU H 53 26.17 19.88 41.02
CA GLU H 53 27.17 19.18 41.80
C GLU H 53 27.25 17.74 41.31
N ASN H 54 27.66 17.59 40.04
CA ASN H 54 27.73 16.25 39.40
C ASN H 54 29.06 16.15 38.64
N SER H 55 29.75 15.02 38.75
CA SER H 55 31.06 14.79 38.10
C SER H 55 30.95 14.77 36.57
N ASN H 56 29.81 14.27 36.09
CA ASN H 56 29.59 14.23 34.62
C ASN H 56 29.58 15.65 34.05
N PHE H 57 29.44 16.67 34.88
CA PHE H 57 29.29 18.02 34.30
C PHE H 57 30.54 18.85 34.53
N LYS H 58 31.68 18.20 34.73
CA LYS H 58 32.95 18.91 34.79
C LYS H 58 33.23 19.60 33.46
N PRO H 59 33.97 20.73 33.46
CA PRO H 59 34.15 21.55 32.25
C PRO H 59 34.62 20.84 30.99
N ALA H 60 35.50 19.86 31.14
CA ALA H 60 36.00 19.10 30.00
C ALA H 60 34.91 18.16 29.49
N LYS H 61 34.06 17.65 30.39
CA LYS H 61 33.03 16.69 30.00
C LYS H 61 31.86 17.41 29.30
N VAL H 62 31.65 18.67 29.68
CA VAL H 62 30.70 19.55 29.04
C VAL H 62 31.22 19.90 27.64
N ASP H 63 32.53 20.13 27.53
CA ASP H 63 33.16 20.43 26.26
C ASP H 63 32.94 19.26 25.30
N ALA H 64 33.17 18.04 25.77
CA ALA H 64 32.96 16.87 24.95
C ALA H 64 31.51 16.86 24.46
N MET H 65 30.56 16.94 25.41
CA MET H 65 29.13 16.87 25.14
C MET H 65 28.73 17.99 24.17
N ALA H 66 29.17 19.22 24.45
CA ALA H 66 28.89 20.33 23.57
C ALA H 66 29.30 19.98 22.14
N LYS H 67 30.48 19.37 21.99
CA LYS H 67 31.03 19.11 20.68
C LYS H 67 30.15 18.10 19.96
N TRP H 68 29.70 17.08 20.68
CA TRP H 68 28.91 16.00 20.10
C TRP H 68 27.54 16.48 19.62
N ILE H 69 26.99 17.45 20.35
CA ILE H 69 25.76 18.14 19.99
C ILE H 69 25.99 18.99 18.74
N SER H 70 27.17 19.61 18.66
CA SER H 70 27.48 20.61 17.66
C SER H 70 27.39 20.03 16.24
N ARG H 71 27.64 18.73 16.15
CA ARG H 71 27.71 18.02 14.88
C ARG H 71 26.32 17.61 14.39
N ARG H 72 25.29 17.71 15.27
CA ARG H 72 24.02 17.02 15.02
C ARG H 72 22.84 17.97 15.13
N PHE H 73 22.97 19.00 15.98
CA PHE H 73 21.89 19.92 16.28
C PHE H 73 22.41 21.35 16.24
N SER H 74 21.65 22.24 15.60
CA SER H 74 21.98 23.66 15.53
C SER H 74 21.31 24.43 16.67
N GLN H 75 20.36 23.78 17.36
CA GLN H 75 19.72 24.41 18.50
C GLN H 75 19.67 23.43 19.66
N CYS H 76 20.03 23.94 20.84
CA CYS H 76 20.04 23.13 22.03
C CYS H 76 19.66 23.93 23.26
N THR H 77 18.65 23.47 23.98
CA THR H 77 18.30 24.10 25.23
C THR H 77 19.13 23.45 26.35
N VAL H 78 19.90 24.24 27.11
CA VAL H 78 20.62 23.68 28.26
C VAL H 78 19.77 23.88 29.53
N LEU H 79 19.16 22.77 29.98
CA LEU H 79 18.27 22.74 31.15
C LEU H 79 19.05 22.55 32.46
N ILE H 80 19.15 23.63 33.26
CA ILE H 80 19.87 23.61 34.53
C ILE H 80 18.93 23.12 35.63
N GLY H 81 19.32 22.06 36.36
CA GLY H 81 18.49 21.45 37.40
C GLY H 81 18.54 22.19 38.75
N ASP H 82 18.30 23.51 38.74
CA ASP H 82 18.54 24.35 39.90
C ASP H 82 17.49 24.13 40.98
N SER H 83 16.24 24.45 40.69
CA SER H 83 15.19 24.43 41.69
C SER H 83 14.96 23.03 42.24
N ILE H 84 15.14 22.02 41.39
CA ILE H 84 14.91 20.64 41.84
C ILE H 84 16.08 20.17 42.75
N HIS H 85 17.21 20.85 42.67
CA HIS H 85 18.37 20.45 43.45
C HIS H 85 18.14 20.75 44.94
N ARG H 86 17.26 21.69 45.25
CA ARG H 86 16.86 21.98 46.63
C ARG H 86 16.52 20.70 47.39
N ILE H 87 15.86 19.77 46.70
CA ILE H 87 15.44 18.54 47.31
C ILE H 87 16.66 17.71 47.62
N THR H 88 17.70 17.80 46.77
CA THR H 88 18.93 17.07 47.03
C THR H 88 19.58 17.58 48.29
N LEU H 89 19.59 18.90 48.49
CA LEU H 89 20.36 19.54 49.53
C LEU H 89 19.66 19.37 50.86
N GLU H 90 18.34 19.31 50.77
CA GLU H 90 17.47 19.01 51.88
C GLU H 90 17.81 17.60 52.36
N SER H 91 17.68 16.60 51.47
CA SER H 91 17.90 15.19 51.78
C SER H 91 19.30 14.92 52.36
N THR H 92 20.33 15.31 51.61
CA THR H 92 21.68 14.80 51.78
C THR H 92 22.56 15.74 52.62
N ARG H 93 22.10 16.96 52.92
CA ARG H 93 22.86 17.84 53.79
C ARG H 93 21.98 18.48 54.85
N SER H 94 20.80 17.89 55.09
CA SER H 94 19.92 18.29 56.19
C SER H 94 19.50 19.77 56.12
N MET H 95 19.74 20.46 54.98
CA MET H 95 19.53 21.90 54.88
C MET H 95 18.05 22.20 55.14
N PRO H 96 17.69 23.31 55.85
CA PRO H 96 16.30 23.80 55.93
C PRO H 96 15.81 24.41 54.61
N PRO H 97 14.48 24.47 54.42
CA PRO H 97 13.91 24.80 53.12
C PRO H 97 14.50 26.05 52.49
N ARG H 98 14.64 27.11 53.26
CA ARG H 98 15.07 28.37 52.66
C ARG H 98 16.51 28.29 52.13
N ALA H 99 17.40 27.78 52.98
CA ALA H 99 18.82 27.63 52.65
C ALA H 99 18.99 26.78 51.37
N ALA H 100 18.30 25.63 51.35
CA ALA H 100 18.29 24.67 50.26
C ALA H 100 17.98 25.35 48.93
N LEU H 101 16.90 26.15 48.89
CA LEU H 101 16.47 26.71 47.62
C LEU H 101 17.40 27.80 47.19
N ASP H 102 17.76 28.72 48.09
CA ASP H 102 18.78 29.71 47.80
C ASP H 102 20.04 29.06 47.24
N ASP H 103 20.46 27.92 47.80
CA ASP H 103 21.76 27.35 47.44
C ASP H 103 21.67 26.65 46.08
N ALA H 104 20.52 26.05 45.80
CA ALA H 104 20.30 25.35 44.56
C ALA H 104 20.36 26.36 43.42
N LEU H 105 19.62 27.46 43.58
CA LEU H 105 19.63 28.54 42.61
C LEU H 105 21.04 29.06 42.39
N ARG H 106 21.80 29.34 43.45
CA ARG H 106 23.16 29.93 43.30
C ARG H 106 24.05 28.97 42.53
N LEU H 107 23.94 27.68 42.80
CA LEU H 107 24.73 26.69 42.10
C LEU H 107 24.36 26.64 40.62
N GLY H 108 23.06 26.73 40.29
CA GLY H 108 22.65 26.89 38.92
C GLY H 108 23.31 28.11 38.26
N ARG H 109 23.34 29.23 38.98
CA ARG H 109 23.98 30.44 38.49
C ARG H 109 25.48 30.25 38.29
N GLU H 110 26.16 29.64 39.26
CA GLU H 110 27.60 29.41 39.16
C GLU H 110 27.94 28.47 38.01
N PHE H 111 27.02 27.54 37.66
CA PHE H 111 27.23 26.63 36.54
C PHE H 111 27.10 27.37 35.21
N VAL H 112 26.12 28.29 35.08
CA VAL H 112 25.91 29.05 33.85
C VAL H 112 27.13 29.93 33.60
N GLU H 113 27.58 30.65 34.63
CA GLU H 113 28.67 31.61 34.50
C GLU H 113 29.98 30.88 34.16
N SER H 114 30.22 29.72 34.77
CA SER H 114 31.45 28.95 34.59
C SER H 114 31.53 28.28 33.22
N ARG H 115 30.37 27.82 32.73
CA ARG H 115 30.35 26.92 31.59
C ARG H 115 29.92 27.66 30.33
N GLN H 116 29.38 28.87 30.46
CA GLN H 116 28.81 29.54 29.30
C GLN H 116 29.85 29.60 28.20
N PRO H 117 31.04 30.23 28.43
CA PRO H 117 32.10 30.27 27.42
C PRO H 117 32.42 28.92 26.78
N VAL H 118 32.22 27.82 27.51
CA VAL H 118 32.43 26.49 26.96
C VAL H 118 31.43 26.22 25.84
N PHE H 119 30.19 26.73 25.97
CA PHE H 119 29.13 26.46 25.01
C PHE H 119 29.27 27.39 23.80
N GLU H 120 29.82 28.59 24.04
CA GLU H 120 29.93 29.59 22.99
C GLU H 120 31.22 29.38 22.19
N SER H 121 32.08 28.43 22.60
CA SER H 121 33.15 27.93 21.74
C SER H 121 32.57 27.32 20.46
N PHE H 122 31.32 26.82 20.55
CA PHE H 122 30.70 26.06 19.49
C PHE H 122 29.59 26.86 18.82
N ARG H 123 29.61 28.19 18.96
CA ARG H 123 28.48 29.02 18.54
C ARG H 123 28.43 29.20 17.03
N ASP H 124 29.47 28.78 16.29
CA ASP H 124 29.42 28.82 14.84
C ASP H 124 28.41 27.78 14.35
N ARG H 125 28.34 26.65 15.06
CA ARG H 125 27.54 25.51 14.65
C ARG H 125 26.21 25.43 15.41
N THR H 126 26.16 25.87 16.67
CA THR H 126 25.01 25.64 17.53
C THR H 126 24.69 26.84 18.43
N LYS H 127 23.40 27.21 18.50
CA LYS H 127 22.89 28.16 19.47
C LYS H 127 22.50 27.41 20.75
N PHE H 128 23.27 27.59 21.82
CA PHE H 128 22.96 27.01 23.11
C PHE H 128 22.22 28.05 23.93
N THR H 129 21.01 27.70 24.40
CA THR H 129 20.12 28.55 25.19
C THR H 129 19.97 27.97 26.60
N PHE H 130 20.25 28.78 27.62
CA PHE H 130 20.11 28.37 29.02
C PHE H 130 18.68 28.53 29.47
N VAL H 131 18.08 27.44 30.01
CA VAL H 131 16.77 27.50 30.60
C VAL H 131 16.76 26.78 31.96
N THR H 132 16.35 27.49 33.02
CA THR H 132 16.32 26.94 34.38
C THR H 132 15.04 26.13 34.63
N CYS H 133 15.15 25.11 35.50
CA CYS H 133 13.99 24.39 35.98
C CYS H 133 13.03 25.30 36.72
N SER H 134 13.55 26.31 37.42
CA SER H 134 12.69 27.27 38.08
C SER H 134 11.79 28.05 37.10
N GLU H 135 12.34 28.59 36.00
CA GLU H 135 11.55 29.11 34.88
C GLU H 135 10.49 28.11 34.42
N VAL H 136 10.89 26.87 34.09
CA VAL H 136 9.93 25.90 33.57
C VAL H 136 8.82 25.65 34.59
N GLN H 137 9.20 25.58 35.87
CA GLN H 137 8.28 25.38 36.98
C GLN H 137 7.23 26.48 37.09
N SER H 138 7.54 27.67 36.59
CA SER H 138 6.57 28.74 36.60
C SER H 138 5.56 28.58 35.46
N TRP H 139 5.75 27.68 34.49
CA TRP H 139 4.77 27.46 33.43
C TRP H 139 3.53 26.72 33.96
N GLY H 140 2.33 27.08 33.49
CA GLY H 140 1.14 26.31 33.74
C GLY H 140 1.27 24.85 33.31
N LEU H 141 2.02 24.61 32.23
CA LEU H 141 2.20 23.27 31.68
C LEU H 141 2.85 22.39 32.73
N TYR H 142 3.83 22.96 33.45
CA TYR H 142 4.58 22.20 34.43
C TYR H 142 3.61 21.63 35.45
N GLY H 143 2.77 22.52 36.02
CA GLY H 143 1.70 22.12 36.93
C GLY H 143 0.74 21.05 36.37
N ASP H 144 0.32 21.18 35.09
CA ASP H 144 -0.51 20.17 34.44
C ASP H 144 0.18 18.81 34.49
N TYR H 145 1.43 18.75 34.04
CA TYR H 145 2.17 17.51 33.94
C TYR H 145 2.58 16.97 35.31
N HIS H 146 3.01 17.85 36.25
CA HIS H 146 3.51 17.43 37.57
C HIS H 146 2.41 16.73 38.35
N GLU H 147 1.20 17.27 38.24
CA GLU H 147 0.04 16.75 38.91
C GLU H 147 -0.26 15.35 38.38
N ARG H 148 -0.23 15.17 37.04
CA ARG H 148 -0.54 13.89 36.45
C ARG H 148 0.53 12.88 36.83
N LEU H 149 1.80 13.30 36.88
CA LEU H 149 2.85 12.39 37.31
C LEU H 149 2.68 12.02 38.79
N ARG H 150 2.53 13.00 39.69
CA ARG H 150 2.28 12.76 41.11
C ARG H 150 1.09 11.79 41.33
N GLN H 151 0.02 12.01 40.65
CA GLN H 151 -1.18 11.18 40.85
C GLN H 151 -0.88 9.73 40.45
N HIS H 152 -0.12 9.57 39.33
CA HIS H 152 0.23 8.20 38.86
C HIS H 152 1.17 7.57 39.89
N TYR H 153 2.17 8.28 40.36
CA TYR H 153 3.05 7.82 41.42
C TYR H 153 2.28 7.34 42.64
N ASP H 154 1.21 8.08 42.97
CA ASP H 154 0.39 7.74 44.11
C ASP H 154 -0.41 6.47 43.84
N GLN H 155 -0.89 6.33 42.56
CA GLN H 155 -1.89 5.25 42.29
C GLN H 155 -1.32 4.01 41.60
N ASP H 156 -0.08 3.98 41.19
CA ASP H 156 0.40 2.83 40.45
C ASP H 156 1.72 2.30 41.01
N ALA H 157 1.67 1.05 41.49
CA ALA H 157 2.74 0.45 42.27
C ALA H 157 4.04 0.39 41.48
N ALA H 158 3.96 -0.09 40.24
CA ALA H 158 5.13 -0.36 39.42
C ALA H 158 5.84 0.94 39.00
N PHE H 159 5.02 1.89 38.54
CA PHE H 159 5.50 3.22 38.23
C PHE H 159 6.20 3.77 39.48
N ARG H 160 5.54 3.63 40.64
CA ARG H 160 6.13 4.14 41.88
C ARG H 160 7.45 3.44 42.16
N GLY H 161 7.49 2.12 41.94
CA GLY H 161 8.72 1.34 42.10
C GLY H 161 9.83 1.77 41.14
N SER H 162 9.48 2.04 39.89
CA SER H 162 10.48 2.49 38.96
C SER H 162 11.04 3.84 39.42
N VAL H 163 10.13 4.72 39.82
CA VAL H 163 10.50 6.07 40.18
C VAL H 163 11.49 6.07 41.34
N GLU H 164 11.22 5.26 42.38
CA GLU H 164 12.04 5.30 43.59
C GLU H 164 13.30 4.43 43.49
N ALA H 165 13.49 3.67 42.39
CA ALA H 165 14.65 2.80 42.24
C ALA H 165 15.95 3.53 42.58
N PHE H 166 16.18 4.68 41.94
CA PHE H 166 17.40 5.45 42.15
C PHE H 166 17.59 5.79 43.62
N GLY H 167 16.49 6.17 44.30
CA GLY H 167 16.50 6.50 45.72
C GLY H 167 16.84 5.31 46.62
N ARG H 168 16.23 4.14 46.33
CA ARG H 168 16.60 2.88 46.95
C ARG H 168 18.11 2.70 47.02
N ASP H 169 18.77 2.82 45.86
CA ASP H 169 20.19 2.50 45.77
C ASP H 169 20.98 3.45 46.65
N TYR H 170 20.71 4.74 46.45
CA TYR H 170 20.93 5.74 47.47
C TYR H 170 19.93 5.46 48.60
N LEU H 183 13.42 4.44 56.33
CA LEU H 183 14.17 4.52 55.05
C LEU H 183 13.23 4.87 53.89
N ASP H 184 11.95 4.53 54.02
CA ASP H 184 10.95 4.88 53.01
C ASP H 184 10.64 6.38 53.04
N HIS H 185 10.92 7.05 54.16
CA HIS H 185 10.81 8.49 54.23
C HIS H 185 11.84 9.12 53.29
N ARG H 186 13.09 8.64 53.35
CA ARG H 186 14.23 9.19 52.60
C ARG H 186 14.13 8.85 51.12
N ILE H 187 13.52 7.69 50.83
CA ILE H 187 13.25 7.25 49.47
C ILE H 187 12.20 8.17 48.83
N ARG H 188 11.04 8.31 49.47
CA ARG H 188 9.96 9.14 48.97
C ARG H 188 10.39 10.61 48.77
N LYS H 189 11.12 11.18 49.73
CA LYS H 189 11.57 12.57 49.63
C LYS H 189 12.51 12.76 48.44
N SER H 190 13.40 11.78 48.20
CA SER H 190 14.33 11.80 47.08
C SER H 190 13.62 11.51 45.76
N SER H 191 12.53 10.72 45.79
CA SER H 191 11.76 10.46 44.60
C SER H 191 11.18 11.77 44.06
N GLU H 192 10.82 12.71 44.93
CA GLU H 192 10.12 13.92 44.44
C GLU H 192 10.96 14.57 43.36
N TYR H 193 12.26 14.43 43.49
CA TYR H 193 13.22 15.02 42.57
C TYR H 193 12.87 14.60 41.15
N PHE H 194 12.50 13.32 40.98
CA PHE H 194 12.30 12.75 39.66
C PHE H 194 10.91 13.12 39.12
N LEU H 195 9.89 13.25 39.99
CA LEU H 195 8.57 13.65 39.54
C LEU H 195 8.59 15.11 39.07
N GLU H 196 9.40 15.94 39.71
CA GLU H 196 9.56 17.32 39.30
C GLU H 196 10.30 17.35 37.97
N GLU H 197 11.42 16.62 37.91
CA GLU H 197 12.34 16.65 36.79
C GLU H 197 11.68 16.14 35.49
N PHE H 198 10.86 15.09 35.64
CA PHE H 198 10.21 14.42 34.51
C PHE H 198 9.13 15.32 33.91
N ALA H 199 8.31 15.91 34.74
CA ALA H 199 7.39 16.94 34.32
C ALA H 199 8.09 18.00 33.48
N ILE H 200 9.30 18.41 33.87
CA ILE H 200 10.03 19.46 33.16
C ILE H 200 10.50 18.95 31.78
N PHE H 201 11.00 17.71 31.74
CA PHE H 201 11.47 17.04 30.53
C PHE H 201 10.32 16.98 29.54
N ALA H 202 9.15 16.64 30.09
CA ALA H 202 7.93 16.61 29.31
C ALA H 202 7.63 18.00 28.76
N CYS H 203 7.77 19.05 29.57
CA CYS H 203 7.56 20.42 29.10
C CYS H 203 8.44 20.76 27.90
N LEU H 204 9.71 20.35 27.94
CA LEU H 204 10.65 20.70 26.88
C LEU H 204 10.39 19.87 25.62
N GLN H 205 10.01 18.61 25.83
CA GLN H 205 9.58 17.68 24.79
C GLN H 205 8.42 18.23 23.95
N ARG H 206 7.39 18.85 24.56
CA ARG H 206 6.23 19.34 23.82
C ARG H 206 6.44 20.78 23.32
N THR H 207 7.54 21.43 23.70
CA THR H 207 7.71 22.84 23.35
C THR H 207 8.92 23.03 22.46
N GLY H 208 9.22 22.04 21.61
CA GLY H 208 10.13 22.23 20.49
C GLY H 208 11.48 21.53 20.63
N SER H 209 11.61 20.64 21.64
CA SER H 209 12.86 19.94 21.95
C SER H 209 12.61 18.45 22.17
N PRO H 210 12.24 17.68 21.13
CA PRO H 210 11.85 16.27 21.32
C PRO H 210 12.99 15.31 21.66
N VAL H 211 14.22 15.76 21.54
CA VAL H 211 15.35 14.92 21.84
C VAL H 211 16.01 15.44 23.10
N MET H 212 16.14 14.55 24.08
CA MET H 212 16.92 14.87 25.26
C MET H 212 18.29 14.18 25.24
N VAL H 213 19.35 14.95 25.50
CA VAL H 213 20.71 14.43 25.59
C VAL H 213 21.15 14.49 27.06
N TYR H 214 21.64 13.36 27.60
CA TYR H 214 22.13 13.29 28.97
C TYR H 214 23.34 12.34 29.08
N PRO H 215 24.39 12.62 29.90
CA PRO H 215 25.43 11.62 30.20
C PRO H 215 24.99 10.58 31.23
N GLY H 216 23.98 9.78 30.87
CA GLY H 216 23.45 8.71 31.69
C GLY H 216 22.10 8.26 31.14
N SER H 217 21.48 7.30 31.82
CA SER H 217 20.14 6.89 31.48
C SER H 217 19.24 7.16 32.68
N PHE H 218 17.94 7.05 32.43
CA PHE H 218 16.91 7.16 33.45
C PHE H 218 15.96 5.98 33.30
N SER H 219 16.00 5.06 34.27
CA SER H 219 15.21 3.83 34.20
C SER H 219 13.79 4.11 33.74
N THR H 220 13.09 5.02 34.45
CA THR H 220 11.65 5.12 34.34
C THR H 220 11.26 5.62 32.96
N LEU H 221 12.04 6.56 32.40
CA LEU H 221 11.79 7.10 31.07
C LEU H 221 12.01 6.00 30.03
N SER H 222 13.06 5.21 30.23
CA SER H 222 13.35 4.09 29.34
C SER H 222 12.20 3.08 29.36
N GLU H 223 11.66 2.83 30.54
CA GLU H 223 10.61 1.82 30.69
C GLU H 223 9.32 2.31 30.05
N ILE H 224 9.00 3.61 30.24
CA ILE H 224 7.80 4.20 29.67
C ILE H 224 7.87 4.09 28.15
N ALA H 225 9.01 4.46 27.58
CA ALA H 225 9.18 4.45 26.13
C ALA H 225 9.18 3.03 25.57
N GLN H 226 9.27 2.02 26.44
CA GLN H 226 9.25 0.62 26.07
C GLN H 226 7.84 0.07 26.15
N GLY H 227 6.90 0.85 26.74
CA GLY H 227 5.50 0.42 26.86
C GLY H 227 5.18 -0.20 28.23
N LYS H 228 6.18 -0.21 29.12
CA LYS H 228 6.06 -0.88 30.40
C LYS H 228 5.31 -0.02 31.42
N HIS H 229 4.97 1.24 31.10
CA HIS H 229 4.14 2.01 32.02
C HIS H 229 3.03 2.73 31.27
N PRO H 230 2.02 2.00 30.75
CA PRO H 230 1.00 2.57 29.87
C PRO H 230 0.07 3.63 30.45
N GLY H 231 0.01 3.77 31.79
CA GLY H 231 -0.77 4.83 32.43
C GLY H 231 0.04 6.12 32.64
N ALA H 232 1.37 6.05 32.47
CA ALA H 232 2.23 7.20 32.57
C ALA H 232 2.01 8.13 31.39
N PRO H 233 2.32 9.43 31.54
CA PRO H 233 1.99 10.44 30.53
C PRO H 233 2.57 10.18 29.15
N GLU H 234 1.69 10.27 28.14
CA GLU H 234 2.03 9.98 26.76
C GLU H 234 3.20 10.85 26.34
N GLU H 235 3.21 12.07 26.87
CA GLU H 235 4.27 13.02 26.59
C GLU H 235 5.64 12.40 26.88
N LEU H 236 5.76 11.55 27.90
CA LEU H 236 7.07 10.97 28.18
C LEU H 236 7.30 9.74 27.30
N ARG H 237 6.20 9.10 26.92
CA ARG H 237 6.23 8.00 25.97
C ARG H 237 6.88 8.47 24.67
N ASP H 238 6.70 9.75 24.31
CA ASP H 238 7.21 10.24 23.03
C ASP H 238 8.63 10.78 23.17
N LEU H 239 9.14 10.88 24.40
CA LEU H 239 10.44 11.50 24.61
C LEU H 239 11.55 10.60 24.07
N ILE H 240 12.58 11.22 23.46
CA ILE H 240 13.74 10.53 22.97
C ILE H 240 14.91 10.90 23.87
N VAL H 241 15.52 9.91 24.48
CA VAL H 241 16.65 10.12 25.36
C VAL H 241 17.90 9.49 24.74
N VAL H 242 18.88 10.33 24.49
CA VAL H 242 20.17 9.87 24.03
C VAL H 242 21.15 9.97 25.19
N SER H 243 21.52 8.78 25.72
CA SER H 243 22.49 8.65 26.78
C SER H 243 23.90 8.60 26.21
N LEU H 244 24.73 9.57 26.58
CA LEU H 244 26.09 9.66 26.09
C LEU H 244 27.10 8.99 27.03
N HIS H 245 27.98 8.13 26.46
CA HIS H 245 29.16 7.60 27.14
C HIS H 245 30.30 8.60 26.99
N LEU H 246 30.90 8.99 28.12
CA LEU H 246 32.09 9.82 28.10
C LEU H 246 33.33 8.97 28.36
N LYS H 247 34.43 9.29 27.67
CA LYS H 247 35.64 8.51 27.69
C LYS H 247 36.86 9.40 27.54
N GLY H 248 37.98 8.95 28.11
CA GLY H 248 39.22 9.70 28.07
C GLY H 248 40.05 9.30 26.86
C1 EDO I . 4.90 19.08 -6.34
O1 EDO I . 3.87 18.29 -6.91
C2 EDO I . 5.02 18.87 -4.87
O2 EDO I . 6.28 18.31 -4.52
C1 EDO J . -36.93 6.74 2.82
O1 EDO J . -37.61 7.60 3.72
C2 EDO J . -37.74 6.23 1.66
O2 EDO J . -37.83 4.81 1.53
C1 EDO K . -40.10 7.04 4.49
O1 EDO K . -40.32 7.77 3.27
C2 EDO K . -39.30 5.78 4.38
O2 EDO K . -39.37 5.10 3.13
C1 EDO L . -11.69 -15.58 -9.30
O1 EDO L . -11.56 -14.25 -8.84
C2 EDO L . -10.48 -16.15 -9.88
O2 EDO L . -10.64 -16.40 -11.28
C1 GOL M . -16.86 -15.14 -2.31
O1 GOL M . -16.09 -14.36 -3.22
C2 GOL M . -17.74 -14.30 -1.43
O2 GOL M . -18.68 -13.55 -2.20
C3 GOL M . -16.97 -13.36 -0.53
O3 GOL M . -17.31 -13.57 0.84
C1 EDO N . 27.55 -29.99 -12.45
O1 EDO N . 27.15 -29.02 -11.53
C2 EDO N . 28.31 -31.08 -11.79
O2 EDO N . 27.53 -32.21 -11.54
C1 EDO O . -6.54 -48.81 -40.94
O1 EDO O . -6.27 -47.85 -39.97
C2 EDO O . -5.31 -49.56 -41.28
O2 EDO O . -4.48 -49.79 -40.15
C1 GOL P . -20.99 -39.04 -19.85
O1 GOL P . -21.00 -40.23 -20.63
C2 GOL P . -19.59 -38.66 -19.42
O2 GOL P . -19.56 -37.41 -18.75
C3 GOL P . -18.60 -38.64 -20.57
O3 GOL P . -18.81 -37.55 -21.47
C1 PEG Q . -15.78 -13.12 -17.93
O1 PEG Q . -14.57 -12.52 -17.48
C2 PEG Q . -16.16 -14.32 -17.10
O2 PEG Q . -15.32 -15.43 -17.42
C3 PEG Q . -14.89 -16.18 -16.29
C4 PEG Q . -13.40 -16.02 -16.08
O4 PEG Q . -13.11 -15.27 -14.91
C1 EDO R . -8.89 35.37 9.67
O1 EDO R . -8.91 36.78 9.79
C2 EDO R . -9.97 34.83 8.80
O2 EDO R . -9.57 33.79 7.91
C1 EDO S . -4.17 -17.02 25.35
O1 EDO S . -5.06 -18.08 25.72
C2 EDO S . -2.86 -17.46 24.86
O2 EDO S . -1.79 -17.12 25.76
C1 EDO T . -24.78 -14.75 9.64
O1 EDO T . -23.63 -13.94 9.88
C2 EDO T . -24.74 -16.06 10.33
O2 EDO T . -23.78 -16.97 9.80
C1 EDO U . 43.57 31.90 -24.23
O1 EDO U . 42.39 32.40 -24.89
C2 EDO U . 43.37 30.65 -23.48
O2 EDO U . 44.58 29.90 -23.22
C1 EDO V . 19.97 9.61 1.25
O1 EDO V . 20.25 9.49 2.66
C2 EDO V . 21.07 9.21 0.31
O2 EDO V . 21.24 7.82 0.05
C1 EDO W . 23.02 1.24 0.90
O1 EDO W . 22.09 0.48 0.17
C2 EDO W . 23.57 2.36 0.08
O2 EDO W . 23.67 3.61 0.79
C1 EDO X . 32.95 7.38 -8.15
O1 EDO X . 33.16 7.60 -9.54
C2 EDO X . 34.16 6.85 -7.49
O2 EDO X . 33.99 6.55 -6.12
#